data_8ASB
#
_entry.id   8ASB
#
_cell.length_a   1.00
_cell.length_b   1.00
_cell.length_c   1.00
_cell.angle_alpha   90.00
_cell.angle_beta   90.00
_cell.angle_gamma   90.00
#
_symmetry.space_group_name_H-M   'P 1'
#
loop_
_entity.id
_entity.type
_entity.pdbx_description
1 polymer 'RNA-dependent RNA-polymerase L protein'
2 polymer "RNA (5'-R(*AP*CP*AP*CP*AP*GP*AP*GP*AP*CP*GP*CP*CP*CP*AP*GP*A)-3')"
3 polymer "RNA (5'-R(P*UP*CP*UP*GP*GP*GP*CP*GP*GP*UP*CP*UP*UP*UP*GP*UP*GP*U)-3')"
4 polymer "RNA (5'-R(P*AP*CP*A)-3')"
5 non-polymer 'MAGNESIUM ION'
6 non-polymer "5'-O-[(S)-hydroxy{[(S)-hydroxy(phosphonooxy)phosphoryl]amino}phosphoryl]uridine"
#
loop_
_entity_poly.entity_id
_entity_poly.type
_entity_poly.pdbx_seq_one_letter_code
_entity_poly.pdbx_strand_id
1 'polypeptide(L)'
;MNLEVLCGRINVENGLSLGEPGLYDQIYDRPGLPDLDVTVDATGVTVDIGAVPDSASQLGSSINAGLITIQLSEAYKINH
DFTFSGLSKTTDRRLSEVFPITHDGSDGMTPAVIHTRLDGTIVVVEFSTTRSHNIGGLEAAYRTKIEKYRDPISRRVDIM
ENPRVFFGVIVVSSGGVLSNMPLTQDEAEELMYRFCIANEIYTKARSMDADIELQKSEEELEAISRALSFFSLFEPNIER
VEGTFPNSEIKMLEQFLSTPADVDFITKTLKAKEVEAYADLCDSHYLKPEKTIQERLEINRCEAIDKTQDLLAGLHARSN
KQTSLNRGTVKLPPWLPKPSSESIDIKTDSGFGSLMDHGAYGELWAKCLLDVSLGNVEGVVSDPAKELDIAISDDPEKDT
PKEAKITYRRFKPALSSSARQEFSLQGVEGKKWKRMAANQKKEKESHETLSPFLDVEDIGDFLTFNNLLTDSRYGDESIQ
RAVSILLEKASAMQDTELTHALNDSFKRNLSSNVVQWSLWVSCLAQELASALKQHCRAGEFIIKKLKFWPIYVIIKPTKS
SSHIFYSLGIRKADVTRRLTGRVFSDTIDAGEWELTEFKSLKTCKLTNLVNLPCTMLNSIAFWREKLGVAPWLVRKPCSE
LREQVGLTFLISLEDKSKTEEIITLTRYTQMEGFVSPPMLPKPQKMLGKLDGPLRTKLQVYLLRKHLDCMVRIASQPFSL
IPREGRVEWGGTFHAISGRSTNLENMVNSWYIGYYKNKEESTELNALGEMYKKIVEMEEDKPSSPEFLGWGDTDSPKKHE
FSRSFLRAACSSLEREIAQRHGRQWKQNLEERVLREIGTKNILDLASMKATSNFSKDWELYSEVQTKEYHRSKLLEKMAT
LIEKGVMWYIDAVGQAWKAVLDDGCMRICLFKKNQHGGLREIYVMDANARLVQFGVETMARCVCELSPHETVANPRLKNS
IIENHGLKSARSLGPGSININSSNDAKKWNQGHYTTKLALVLCWFMPAKFHRFIWAAISMFRRKKMMVDLRFLAHLSSKS
ESRSSDPFREAMTDAFHGNRDVSWMDKGRTYIKTETGMMQGILHFTSSLLHSCVQSFYKSYFVSKLKEGYMGESISGVVD
VIEGSDDSAIMISIRPKSDMDEVRSRFFVANLLHSVKFLNPLFGIYSSEKSTVNTVYCVEYNSEFHFHRHLVRPTLRWIA
ASHQISETEALASRQEDYSNLLTQCLEGGASFSLTYLIQCAQLLHHYMLLGLCLHPLFGTFMGMLISDPDPALGFFLMDN
PAFAGGAGFRFNLWRACKTTDLGRKYAYYFNEIQGKTKGDEDYRALDATSGGTLSHSVMVYWGDRKKYQALLNRMGLPED
WVEQIDENPGVLYRRAANKKELLLKLAEKVHSPGVTSSLSKGHVVPRVVAAGVYLLSRHCFRFSSSIHGRGSTQKASLIK
LLMMSSISAMKHGGSLNPNQERMLFPQAQEYDRVCTLLEEVEHLTGKFVVRERNIVRSRIDLFQEPVDLRCKAEDLVSEV
WFGLKRTKLGPRLLKEEWDKLRASFAWLSTDPSETLRDGPFLSHVQFRNFIAHVDAKSRSVRLLGAPVKKSGGVTTISQV
VRMNFFPGFSLEAEKSLDNQERLESISILKHVLFMVLNGPYTEEYKLEMIIEAFSTLVIPQPSEVIRKSRTMTLCLLSNY
LSSRGGSILDQIERAQSGTLGGFSKPQKTFVRPGGGVGYKGKGVWTGVMEDTHVQILIDGDGTSNWLEEIRLSSDARLYD
VIESIRRLCDDLGINNRVASAYRGHCMVRLSGFKIKPASRTDGCPVRIMERGFRIRELQNPDEVKMRVRGDILNLSVTIQ
EGRVMNILSYRPRDTDISESAAAYLWSNRDLFSFGKKEPSCSWICLKTLDNWAWSHASVLLANDRKTQGIDNRAMGNIFR
DCLEGSLRKQGLMRSKLTEMVEKNVVPLTTQELVDILEEDIDFSDVIAVELSEGSLDIESIFDGAPILWSAEVEEFGEGV
VAVSYSSKYYHLTLMDQAAITMCAIMGKEGCRGLLTEKRCMAAIREQVRPFLIFLQIPEDSISWVSDQFCDSRGLDEEST
IMWG
;
A
2 'polyribonucleotide' ACACAGAGACGCCCAGAUGA P
3 'polyribonucleotide' AAAAAAGAUCUGGGCGGUCUUUGUGU T
4 'polyribonucleotide' ACACAAAGACCGCCCAGAUCUUUUUU G
#
# COMPACT_ATOMS: atom_id res chain seq x y z
N MET A 1 14.25 -16.42 -50.94
CA MET A 1 14.47 -16.51 -52.38
C MET A 1 15.36 -15.37 -52.87
N ASN A 2 15.34 -15.12 -54.18
CA ASN A 2 16.34 -14.27 -54.83
C ASN A 2 16.22 -12.83 -54.37
N LEU A 3 17.36 -12.18 -54.17
CA LEU A 3 17.41 -10.80 -53.68
C LEU A 3 17.90 -9.82 -54.74
N GLU A 4 18.80 -10.24 -55.62
CA GLU A 4 19.35 -9.33 -56.63
C GLU A 4 18.28 -8.83 -57.57
N VAL A 5 17.35 -9.71 -57.96
CA VAL A 5 16.24 -9.27 -58.80
C VAL A 5 15.33 -8.32 -58.04
N LEU A 6 15.18 -8.52 -56.72
CA LEU A 6 14.37 -7.60 -55.93
C LEU A 6 15.08 -6.27 -55.70
N CYS A 7 16.41 -6.26 -55.77
CA CYS A 7 17.16 -5.02 -55.56
C CYS A 7 17.24 -4.20 -56.83
N GLY A 8 17.57 -4.85 -57.95
CA GLY A 8 17.85 -4.12 -59.19
C GLY A 8 16.63 -3.54 -59.86
N ARG A 9 15.43 -3.95 -59.46
CA ARG A 9 14.22 -3.46 -60.11
C ARG A 9 13.89 -2.02 -59.73
N ILE A 10 14.46 -1.49 -58.66
CA ILE A 10 14.25 -0.11 -58.26
C ILE A 10 15.33 0.75 -58.89
N ASN A 11 15.00 2.02 -59.11
CA ASN A 11 15.93 2.96 -59.73
C ASN A 11 15.84 4.29 -59.01
N VAL A 12 16.92 4.71 -58.38
CA VAL A 12 16.99 6.01 -57.71
C VAL A 12 17.48 7.05 -58.72
N GLU A 13 16.83 8.21 -58.72
CA GLU A 13 17.10 9.25 -59.72
C GLU A 13 17.82 10.45 -59.15
N ASN A 14 17.31 11.06 -58.09
CA ASN A 14 17.89 12.28 -57.54
C ASN A 14 18.52 12.07 -56.17
N GLY A 15 17.77 11.56 -55.21
CA GLY A 15 18.28 11.41 -53.87
C GLY A 15 17.49 10.41 -53.06
N LEU A 16 17.55 10.59 -51.74
CA LEU A 16 16.86 9.69 -50.82
C LEU A 16 15.36 9.81 -50.95
N SER A 17 14.69 8.66 -51.00
CA SER A 17 13.23 8.60 -51.11
C SER A 17 12.70 7.53 -50.16
N LEU A 18 11.45 7.73 -49.73
CA LEU A 18 10.79 6.79 -48.83
C LEU A 18 10.05 5.69 -49.58
N GLY A 19 9.63 5.95 -50.82
CA GLY A 19 8.85 4.99 -51.57
C GLY A 19 7.38 5.04 -51.23
N GLU A 20 6.61 4.18 -51.89
CA GLU A 20 5.19 4.11 -51.70
C GLU A 20 4.81 2.79 -51.03
N PRO A 21 4.13 2.83 -49.89
CA PRO A 21 3.74 1.58 -49.22
C PRO A 21 2.64 0.84 -49.96
N GLY A 22 2.99 -0.31 -50.54
CA GLY A 22 2.03 -1.15 -51.22
C GLY A 22 1.57 -2.27 -50.31
N LEU A 23 0.24 -2.46 -50.26
CA LEU A 23 -0.39 -3.46 -49.41
C LEU A 23 -0.95 -4.57 -50.29
N TYR A 24 -0.59 -5.81 -50.00
CA TYR A 24 -1.02 -6.98 -50.75
C TYR A 24 -1.71 -7.92 -49.78
N ASP A 25 -3.01 -8.12 -49.97
CA ASP A 25 -3.79 -9.00 -49.12
C ASP A 25 -3.69 -10.44 -49.62
N GLN A 26 -4.47 -11.34 -49.04
CA GLN A 26 -4.51 -12.71 -49.49
C GLN A 26 -5.30 -12.80 -50.80
N ILE A 27 -4.63 -13.21 -51.87
CA ILE A 27 -5.23 -13.28 -53.20
C ILE A 27 -5.40 -14.72 -53.66
N TYR A 28 -4.30 -15.46 -53.78
CA TYR A 28 -4.37 -16.83 -54.26
C TYR A 28 -4.79 -17.77 -53.13
N ASP A 29 -5.30 -18.94 -53.51
CA ASP A 29 -5.69 -19.95 -52.55
C ASP A 29 -4.46 -20.53 -51.86
N ARG A 30 -4.66 -20.98 -50.62
CA ARG A 30 -3.54 -21.44 -49.82
C ARG A 30 -3.71 -22.91 -49.44
N PRO A 31 -2.63 -23.69 -49.47
CA PRO A 31 -2.72 -25.09 -49.04
C PRO A 31 -2.75 -25.23 -47.52
N GLY A 32 -2.69 -26.45 -47.03
CA GLY A 32 -2.67 -26.70 -45.60
C GLY A 32 -1.33 -26.45 -44.97
N LEU A 33 -0.92 -27.31 -44.05
CA LEU A 33 0.35 -27.17 -43.37
C LEU A 33 1.19 -28.43 -43.53
N PRO A 34 2.48 -28.32 -43.83
CA PRO A 34 3.33 -29.51 -43.91
C PRO A 34 3.48 -30.17 -42.56
N ASP A 35 3.77 -31.48 -42.59
CA ASP A 35 3.96 -32.22 -41.35
C ASP A 35 5.24 -31.79 -40.66
N LEU A 36 5.10 -31.24 -39.46
CA LEU A 36 6.21 -30.68 -38.71
C LEU A 36 6.45 -31.51 -37.45
N ASP A 37 7.67 -32.02 -37.30
CA ASP A 37 8.09 -32.73 -36.10
C ASP A 37 9.19 -31.91 -35.43
N VAL A 38 8.87 -31.31 -34.29
CA VAL A 38 9.77 -30.42 -33.59
C VAL A 38 10.28 -31.11 -32.33
N THR A 39 11.57 -31.01 -32.08
CA THR A 39 12.17 -31.54 -30.86
C THR A 39 13.11 -30.50 -30.27
N VAL A 40 12.98 -30.28 -28.97
CA VAL A 40 13.78 -29.30 -28.23
C VAL A 40 14.87 -30.06 -27.49
N ASP A 41 16.11 -29.68 -27.71
CA ASP A 41 17.25 -30.29 -27.06
C ASP A 41 17.76 -29.36 -25.95
N ALA A 42 18.86 -29.77 -25.32
CA ALA A 42 19.51 -28.92 -24.34
C ALA A 42 20.34 -27.81 -24.98
N THR A 43 20.49 -27.83 -26.31
CA THR A 43 21.27 -26.82 -27.01
C THR A 43 20.58 -26.23 -28.22
N GLY A 44 19.43 -26.76 -28.63
CA GLY A 44 18.75 -26.22 -29.80
C GLY A 44 17.39 -26.86 -29.98
N VAL A 45 16.60 -26.23 -30.86
CA VAL A 45 15.29 -26.73 -31.26
C VAL A 45 15.36 -27.03 -32.74
N THR A 46 15.06 -28.27 -33.12
CA THR A 46 15.18 -28.70 -34.50
C THR A 46 13.85 -29.23 -35.03
N VAL A 47 13.63 -29.00 -36.32
CA VAL A 47 12.37 -29.25 -37.00
C VAL A 47 12.63 -30.15 -38.19
N ASP A 48 11.82 -31.20 -38.32
CA ASP A 48 11.74 -32.02 -39.53
C ASP A 48 10.44 -31.66 -40.25
N ILE A 49 10.55 -31.31 -41.52
CA ILE A 49 9.43 -30.81 -42.30
C ILE A 49 9.02 -31.88 -43.30
N GLY A 50 7.73 -32.23 -43.31
CA GLY A 50 7.20 -33.25 -44.18
C GLY A 50 6.85 -32.73 -45.55
N ALA A 51 6.11 -33.54 -46.29
CA ALA A 51 5.73 -33.20 -47.65
C ALA A 51 4.74 -32.05 -47.67
N VAL A 52 4.86 -31.20 -48.68
CA VAL A 52 3.99 -30.03 -48.80
C VAL A 52 2.63 -30.49 -49.34
N PRO A 53 1.52 -30.16 -48.68
CA PRO A 53 0.19 -30.70 -49.05
C PRO A 53 -0.44 -30.09 -50.30
N ASP A 54 -0.03 -30.64 -51.46
CA ASP A 54 -0.71 -30.44 -52.74
C ASP A 54 -0.74 -28.96 -53.15
N SER A 55 0.46 -28.44 -53.42
CA SER A 55 0.61 -27.05 -53.88
C SER A 55 0.14 -26.95 -55.32
N ALA A 56 -1.17 -26.78 -55.48
CA ALA A 56 -1.76 -26.59 -56.80
C ALA A 56 -1.66 -25.15 -57.28
N SER A 57 -1.31 -24.20 -56.41
CA SER A 57 -1.20 -22.80 -56.75
C SER A 57 0.25 -22.31 -56.65
N GLN A 58 1.19 -23.18 -57.04
CA GLN A 58 2.64 -22.99 -57.04
C GLN A 58 3.16 -22.25 -55.81
N LEU A 59 2.63 -22.59 -54.64
CA LEU A 59 3.02 -21.95 -53.38
C LEU A 59 3.75 -22.98 -52.53
N GLY A 60 5.01 -22.69 -52.18
CA GLY A 60 5.81 -23.62 -51.42
C GLY A 60 7.13 -23.94 -52.07
N SER A 61 7.57 -23.09 -52.99
CA SER A 61 8.85 -23.31 -53.66
C SER A 61 10.03 -23.02 -52.74
N SER A 62 9.86 -22.08 -51.80
CA SER A 62 10.97 -21.68 -50.93
C SER A 62 11.30 -22.76 -49.90
N ILE A 63 10.30 -23.52 -49.45
CA ILE A 63 10.54 -24.52 -48.42
C ILE A 63 11.30 -25.71 -49.00
N ASN A 64 12.08 -26.37 -48.16
CA ASN A 64 12.91 -27.50 -48.58
C ASN A 64 12.42 -28.84 -48.07
N ALA A 65 11.52 -28.85 -47.08
CA ALA A 65 10.96 -30.07 -46.49
C ALA A 65 12.06 -31.00 -45.95
N GLY A 66 13.07 -30.40 -45.31
CA GLY A 66 14.17 -31.16 -44.77
C GLY A 66 14.36 -31.01 -43.28
N LEU A 67 15.59 -30.77 -42.85
CA LEU A 67 15.95 -30.62 -41.45
C LEU A 67 16.45 -29.21 -41.20
N ILE A 68 15.92 -28.56 -40.17
CA ILE A 68 16.38 -27.23 -39.77
C ILE A 68 16.57 -27.22 -38.26
N THR A 69 17.37 -26.28 -37.78
CA THR A 69 17.61 -26.17 -36.35
C THR A 69 17.93 -24.72 -36.00
N ILE A 70 17.57 -24.33 -34.77
CA ILE A 70 17.86 -23.01 -34.24
C ILE A 70 18.39 -23.16 -32.82
N GLN A 71 19.06 -22.12 -32.34
CA GLN A 71 19.58 -22.07 -30.98
C GLN A 71 18.52 -21.53 -30.02
N LEU A 72 18.75 -21.76 -28.73
CA LEU A 72 17.87 -21.19 -27.72
C LEU A 72 18.01 -19.66 -27.68
N SER A 73 19.22 -19.15 -27.81
CA SER A 73 19.44 -17.70 -27.82
C SER A 73 18.86 -17.05 -29.07
N GLU A 74 18.73 -17.80 -30.15
CA GLU A 74 18.15 -17.31 -31.39
C GLU A 74 16.68 -17.68 -31.52
N ALA A 75 16.08 -18.29 -30.50
CA ALA A 75 14.74 -18.85 -30.62
C ALA A 75 13.66 -17.77 -30.63
N TYR A 76 13.89 -16.64 -29.95
CA TYR A 76 12.86 -15.62 -29.83
C TYR A 76 12.59 -14.92 -31.16
N LYS A 77 13.48 -15.03 -32.14
CA LYS A 77 13.25 -14.56 -33.49
C LYS A 77 12.87 -15.69 -34.44
N ILE A 78 12.25 -16.75 -33.89
CA ILE A 78 11.93 -17.96 -34.66
C ILE A 78 11.06 -17.64 -35.88
N ASN A 79 10.20 -16.64 -35.78
CA ASN A 79 9.53 -16.13 -36.98
C ASN A 79 10.51 -15.33 -37.81
N HIS A 80 11.05 -14.25 -37.23
CA HIS A 80 11.86 -13.27 -37.94
C HIS A 80 13.10 -13.89 -38.57
N ASP A 81 13.54 -15.04 -38.09
CA ASP A 81 14.62 -15.75 -38.74
C ASP A 81 14.11 -16.72 -39.81
N PHE A 82 13.14 -17.57 -39.46
CA PHE A 82 12.79 -18.67 -40.37
C PHE A 82 11.93 -18.20 -41.54
N THR A 83 11.07 -17.20 -41.31
CA THR A 83 10.25 -16.67 -42.39
C THR A 83 11.11 -16.04 -43.47
N PHE A 84 12.22 -15.42 -43.06
CA PHE A 84 12.94 -14.45 -43.86
C PHE A 84 14.36 -14.92 -44.16
N SER A 85 14.66 -16.20 -43.87
CA SER A 85 16.00 -16.74 -44.08
C SER A 85 16.37 -16.88 -45.54
N GLY A 86 15.37 -17.01 -46.43
CA GLY A 86 15.68 -17.07 -47.85
C GLY A 86 16.27 -15.77 -48.37
N LEU A 87 15.83 -14.65 -47.82
CA LEU A 87 16.36 -13.34 -48.19
C LEU A 87 17.49 -12.88 -47.29
N SER A 88 17.87 -13.69 -46.30
CA SER A 88 18.89 -13.29 -45.33
C SER A 88 20.28 -13.60 -45.88
N LYS A 89 21.14 -12.58 -45.90
CA LYS A 89 22.52 -12.72 -46.35
C LYS A 89 23.44 -12.28 -45.22
N THR A 90 24.48 -13.08 -44.96
CA THR A 90 25.41 -12.82 -43.87
C THR A 90 26.30 -11.64 -44.25
N THR A 91 26.02 -10.47 -43.67
CA THR A 91 26.80 -9.26 -43.91
C THR A 91 27.52 -8.77 -42.65
N ASP A 92 26.78 -8.61 -41.55
CA ASP A 92 27.32 -8.11 -40.28
C ASP A 92 28.01 -6.76 -40.45
N ARG A 93 27.37 -5.88 -41.22
CA ARG A 93 27.93 -4.57 -41.55
C ARG A 93 26.92 -3.49 -41.18
N ARG A 94 27.43 -2.29 -40.92
CA ARG A 94 26.63 -1.12 -40.67
C ARG A 94 26.94 -0.05 -41.72
N LEU A 95 26.04 0.93 -41.83
CA LEU A 95 26.26 2.09 -42.69
C LEU A 95 27.53 2.84 -42.34
N SER A 96 27.96 2.75 -41.06
CA SER A 96 29.19 3.40 -40.64
C SER A 96 30.41 2.85 -41.36
N GLU A 97 30.34 1.60 -41.84
CA GLU A 97 31.42 1.06 -42.64
C GLU A 97 31.41 1.62 -44.06
N VAL A 98 30.24 1.92 -44.60
CA VAL A 98 30.15 2.43 -45.96
C VAL A 98 29.95 3.94 -46.03
N PHE A 99 29.62 4.60 -44.91
CA PHE A 99 29.50 6.04 -44.85
C PHE A 99 30.48 6.59 -43.82
N PRO A 100 31.07 7.76 -44.07
CA PRO A 100 32.00 8.35 -43.09
C PRO A 100 31.29 8.68 -41.79
N ILE A 101 32.04 8.55 -40.69
CA ILE A 101 31.47 8.69 -39.36
C ILE A 101 31.17 10.17 -39.09
N THR A 102 29.92 10.46 -38.76
CA THR A 102 29.48 11.81 -38.43
C THR A 102 29.43 12.06 -36.93
N HIS A 103 29.89 11.09 -36.12
CA HIS A 103 29.90 11.18 -34.66
C HIS A 103 28.51 11.42 -34.09
N ASP A 104 27.54 10.64 -34.55
CA ASP A 104 26.16 10.75 -34.10
C ASP A 104 25.77 9.62 -33.15
N GLY A 105 26.73 8.84 -32.68
CA GLY A 105 26.44 7.71 -31.80
C GLY A 105 25.64 6.61 -32.46
N SER A 106 25.95 6.30 -33.71
CA SER A 106 25.20 5.33 -34.51
C SER A 106 26.17 4.40 -35.24
N ASP A 107 27.12 3.83 -34.51
CA ASP A 107 28.23 3.10 -35.11
C ASP A 107 28.32 1.63 -34.69
N GLY A 108 27.25 1.04 -34.15
CA GLY A 108 27.41 -0.30 -33.61
C GLY A 108 26.38 -1.37 -33.93
N MET A 109 25.23 -1.00 -34.49
CA MET A 109 24.12 -1.94 -34.67
C MET A 109 23.95 -2.30 -36.13
N THR A 110 23.87 -3.59 -36.43
CA THR A 110 23.69 -4.04 -37.80
C THR A 110 22.22 -3.95 -38.19
N PRO A 111 21.87 -3.14 -39.19
CA PRO A 111 20.45 -2.95 -39.57
C PRO A 111 19.98 -3.90 -40.66
N ALA A 112 20.04 -5.20 -40.37
CA ALA A 112 19.50 -6.29 -41.20
C ALA A 112 20.17 -6.25 -42.58
N VAL A 113 19.44 -6.49 -43.66
CA VAL A 113 20.03 -6.59 -44.99
C VAL A 113 20.28 -5.18 -45.53
N ILE A 114 21.53 -4.90 -45.89
CA ILE A 114 21.95 -3.56 -46.31
C ILE A 114 22.66 -3.60 -47.66
N HIS A 115 22.24 -4.54 -48.53
CA HIS A 115 22.86 -4.81 -49.83
C HIS A 115 23.21 -3.54 -50.60
N THR A 116 24.50 -3.40 -50.93
CA THR A 116 25.05 -2.14 -51.44
C THR A 116 25.35 -2.14 -52.93
N ARG A 117 25.30 -3.30 -53.60
CA ARG A 117 25.82 -3.41 -54.97
C ARG A 117 24.77 -2.97 -55.98
N LEU A 118 24.47 -1.67 -55.96
CA LEU A 118 23.62 -1.05 -56.97
C LEU A 118 24.12 0.38 -57.21
N ASP A 119 25.04 0.52 -58.17
CA ASP A 119 25.55 1.82 -58.62
C ASP A 119 26.07 2.67 -57.46
N GLY A 120 26.64 2.02 -56.46
CA GLY A 120 27.13 2.71 -55.29
C GLY A 120 26.03 3.30 -54.43
N THR A 121 25.18 2.44 -53.88
CA THR A 121 24.11 2.85 -52.97
C THR A 121 24.16 1.99 -51.73
N ILE A 122 23.28 2.28 -50.78
CA ILE A 122 22.94 1.35 -49.72
C ILE A 122 21.43 1.39 -49.55
N VAL A 123 20.79 0.23 -49.49
CA VAL A 123 19.34 0.16 -49.53
C VAL A 123 18.74 -0.03 -48.13
N VAL A 124 19.41 -0.78 -47.26
CA VAL A 124 18.98 -1.10 -45.90
C VAL A 124 17.56 -1.65 -45.98
N VAL A 125 17.42 -2.86 -46.51
CA VAL A 125 16.13 -3.53 -46.55
C VAL A 125 15.91 -4.15 -45.17
N GLU A 126 15.26 -3.41 -44.29
CA GLU A 126 15.13 -3.81 -42.89
C GLU A 126 13.79 -4.49 -42.69
N PHE A 127 13.77 -5.48 -41.81
CA PHE A 127 12.79 -6.54 -41.79
C PHE A 127 11.94 -6.46 -40.51
N SER A 128 10.78 -7.12 -40.53
CA SER A 128 9.87 -7.11 -39.39
C SER A 128 8.88 -8.26 -39.52
N THR A 129 8.15 -8.50 -38.43
CA THR A 129 7.11 -9.53 -38.37
C THR A 129 6.17 -9.20 -37.22
N THR A 130 4.86 -9.33 -37.45
CA THR A 130 3.86 -8.99 -36.44
C THR A 130 2.73 -10.01 -36.45
N ARG A 131 2.00 -10.05 -35.33
CA ARG A 131 0.83 -10.90 -35.18
C ARG A 131 -0.48 -10.12 -35.26
N SER A 132 -0.45 -8.92 -35.85
CA SER A 132 -1.66 -8.12 -35.95
C SER A 132 -2.65 -8.73 -36.93
N HIS A 133 -3.94 -8.65 -36.60
CA HIS A 133 -5.01 -9.12 -37.45
C HIS A 133 -5.67 -7.99 -38.24
N ASN A 134 -4.99 -6.85 -38.36
CA ASN A 134 -5.58 -5.68 -38.99
C ASN A 134 -4.46 -4.85 -39.61
N ILE A 135 -4.78 -3.61 -39.96
CA ILE A 135 -3.85 -2.74 -40.68
C ILE A 135 -3.32 -1.68 -39.72
N GLY A 136 -4.12 -1.36 -38.70
CA GLY A 136 -3.73 -0.30 -37.78
C GLY A 136 -2.47 -0.62 -37.00
N GLY A 137 -2.35 -1.85 -36.49
CA GLY A 137 -1.12 -2.27 -35.86
C GLY A 137 0.03 -2.36 -36.85
N LEU A 138 -0.26 -2.80 -38.07
CA LEU A 138 0.75 -2.84 -39.13
C LEU A 138 1.23 -1.43 -39.47
N GLU A 139 0.30 -0.48 -39.58
CA GLU A 139 0.67 0.90 -39.84
C GLU A 139 1.47 1.48 -38.69
N ALA A 140 1.11 1.15 -37.45
CA ALA A 140 1.86 1.61 -36.29
C ALA A 140 3.28 1.06 -36.28
N ALA A 141 3.43 -0.22 -36.63
CA ALA A 141 4.77 -0.82 -36.71
C ALA A 141 5.60 -0.15 -37.79
N TYR A 142 5.00 0.10 -38.96
CA TYR A 142 5.71 0.78 -40.05
C TYR A 142 6.14 2.18 -39.62
N ARG A 143 5.24 2.91 -38.96
CA ARG A 143 5.56 4.27 -38.53
C ARG A 143 6.66 4.28 -37.48
N THR A 144 6.60 3.34 -36.52
CA THR A 144 7.64 3.25 -35.50
C THR A 144 8.99 2.96 -36.13
N LYS A 145 9.03 2.03 -37.08
CA LYS A 145 10.28 1.67 -37.72
C LYS A 145 10.85 2.81 -38.57
N ILE A 146 9.99 3.50 -39.34
CA ILE A 146 10.50 4.58 -40.18
C ILE A 146 10.95 5.76 -39.32
N GLU A 147 10.25 6.03 -38.22
CA GLU A 147 10.70 7.09 -37.31
C GLU A 147 12.01 6.71 -36.63
N LYS A 148 12.21 5.42 -36.35
CA LYS A 148 13.45 4.98 -35.75
C LYS A 148 14.62 5.14 -36.71
N TYR A 149 14.44 4.79 -37.98
CA TYR A 149 15.56 4.69 -38.91
C TYR A 149 15.63 5.83 -39.93
N ARG A 150 14.79 6.86 -39.81
CA ARG A 150 14.82 7.92 -40.82
C ARG A 150 15.84 9.00 -40.50
N ASP A 151 15.85 9.48 -39.25
CA ASP A 151 16.68 10.64 -38.91
C ASP A 151 18.18 10.40 -39.04
N PRO A 152 18.79 9.33 -38.51
CA PRO A 152 20.25 9.18 -38.68
C PRO A 152 20.68 9.03 -40.13
N ILE A 153 19.86 8.38 -40.96
CA ILE A 153 20.21 8.23 -42.38
C ILE A 153 20.24 9.60 -43.05
N SER A 154 19.21 10.42 -42.81
CA SER A 154 19.19 11.77 -43.37
C SER A 154 20.33 12.62 -42.82
N ARG A 155 20.75 12.37 -41.59
CA ARG A 155 21.92 13.06 -41.06
C ARG A 155 23.18 12.64 -41.82
N ARG A 156 23.29 11.36 -42.18
CA ARG A 156 24.47 10.87 -42.88
C ARG A 156 24.39 11.05 -44.39
N VAL A 157 23.29 11.59 -44.92
CA VAL A 157 23.17 11.79 -46.37
C VAL A 157 24.21 12.78 -46.88
N ASP A 158 24.36 13.90 -46.18
CA ASP A 158 25.09 15.05 -46.75
C ASP A 158 26.60 14.89 -46.74
N ILE A 159 27.14 13.76 -46.27
CA ILE A 159 28.59 13.65 -46.12
C ILE A 159 29.27 13.54 -47.48
N MET A 160 28.62 12.89 -48.45
CA MET A 160 29.21 12.69 -49.77
C MET A 160 28.33 13.29 -50.86
N GLU A 161 28.98 13.61 -51.98
CA GLU A 161 28.28 14.21 -53.12
C GLU A 161 27.47 13.16 -53.86
N ASN A 162 26.31 13.59 -54.36
CA ASN A 162 25.36 12.78 -55.13
C ASN A 162 24.99 11.50 -54.40
N PRO A 163 24.20 11.56 -53.32
CA PRO A 163 23.80 10.34 -52.62
C PRO A 163 22.82 9.53 -53.46
N ARG A 164 22.82 8.21 -53.21
CA ARG A 164 21.99 7.29 -53.95
C ARG A 164 21.15 6.40 -53.03
N VAL A 165 21.01 6.78 -51.76
CA VAL A 165 20.41 5.89 -50.77
C VAL A 165 18.90 5.77 -51.02
N PHE A 166 18.36 4.60 -50.65
CA PHE A 166 16.92 4.30 -50.85
C PHE A 166 16.49 3.33 -49.76
N PHE A 167 15.95 3.87 -48.67
CA PHE A 167 15.56 3.07 -47.52
C PHE A 167 14.20 2.40 -47.75
N GLY A 168 14.03 1.23 -47.13
CA GLY A 168 12.78 0.49 -47.29
C GLY A 168 12.42 -0.33 -46.07
N VAL A 169 11.16 -0.76 -46.03
CA VAL A 169 10.59 -1.50 -44.90
C VAL A 169 9.68 -2.61 -45.45
N ILE A 170 9.83 -3.81 -44.90
CA ILE A 170 8.93 -4.93 -45.19
C ILE A 170 8.23 -5.35 -43.90
N VAL A 171 6.91 -5.51 -43.96
CA VAL A 171 6.12 -6.00 -42.84
C VAL A 171 5.26 -7.16 -43.34
N VAL A 172 5.30 -8.27 -42.61
CA VAL A 172 4.52 -9.45 -42.98
C VAL A 172 3.65 -9.88 -41.80
N SER A 173 2.38 -10.13 -42.09
CA SER A 173 1.43 -10.61 -41.10
C SER A 173 0.50 -11.62 -41.78
N SER A 174 -0.38 -12.22 -40.97
CA SER A 174 -1.33 -13.19 -41.50
C SER A 174 -2.29 -12.55 -42.48
N GLY A 175 -2.75 -11.33 -42.18
CA GLY A 175 -3.73 -10.68 -43.03
C GLY A 175 -3.17 -10.19 -44.35
N GLY A 176 -1.86 -9.98 -44.45
CA GLY A 176 -1.28 -9.50 -45.68
C GLY A 176 0.14 -9.05 -45.47
N VAL A 177 0.73 -8.57 -46.57
CA VAL A 177 2.11 -8.10 -46.60
C VAL A 177 2.12 -6.69 -47.15
N LEU A 178 2.73 -5.76 -46.42
CA LEU A 178 2.91 -4.41 -46.90
C LEU A 178 4.40 -4.10 -47.00
N SER A 179 4.79 -3.46 -48.08
CA SER A 179 6.20 -3.23 -48.39
C SER A 179 6.33 -1.86 -49.06
N ASN A 180 7.54 -1.56 -49.55
CA ASN A 180 7.74 -0.38 -50.40
C ASN A 180 8.67 -0.59 -51.58
N MET A 181 9.56 -1.58 -51.56
CA MET A 181 10.24 -2.00 -52.78
C MET A 181 9.29 -2.80 -53.66
N PRO A 182 9.51 -2.81 -55.00
CA PRO A 182 8.60 -3.53 -55.90
C PRO A 182 8.54 -5.02 -55.63
N LEU A 183 7.36 -5.50 -55.29
CA LEU A 183 7.13 -6.89 -54.93
C LEU A 183 5.93 -7.42 -55.68
N THR A 184 6.06 -8.63 -56.23
CA THR A 184 4.91 -9.24 -56.87
C THR A 184 4.15 -10.12 -55.88
N GLN A 185 2.98 -10.59 -56.31
CA GLN A 185 2.09 -11.29 -55.39
C GLN A 185 2.62 -12.68 -55.01
N ASP A 186 3.41 -13.30 -55.88
CA ASP A 186 3.85 -14.68 -55.64
C ASP A 186 4.77 -14.78 -54.44
N GLU A 187 5.80 -13.94 -54.38
CA GLU A 187 6.71 -14.02 -53.24
C GLU A 187 6.06 -13.46 -51.98
N ALA A 188 5.06 -12.59 -52.13
CA ALA A 188 4.28 -12.17 -50.98
C ALA A 188 3.49 -13.34 -50.39
N GLU A 189 2.89 -14.15 -51.27
CA GLU A 189 2.23 -15.38 -50.82
C GLU A 189 3.23 -16.33 -50.16
N GLU A 190 4.43 -16.43 -50.74
CA GLU A 190 5.47 -17.27 -50.14
C GLU A 190 5.85 -16.80 -48.74
N LEU A 191 6.02 -15.48 -48.57
CA LEU A 191 6.37 -14.94 -47.27
C LEU A 191 5.25 -15.15 -46.26
N MET A 192 3.99 -14.98 -46.68
CA MET A 192 2.89 -15.17 -45.73
C MET A 192 2.76 -16.64 -45.33
N TYR A 193 2.94 -17.55 -46.29
CA TYR A 193 2.91 -18.97 -45.96
C TYR A 193 4.07 -19.35 -45.04
N ARG A 194 5.25 -18.77 -45.26
CA ARG A 194 6.37 -18.99 -44.37
C ARG A 194 6.06 -18.46 -42.98
N PHE A 195 5.37 -17.32 -42.90
CA PHE A 195 4.98 -16.77 -41.61
C PHE A 195 4.01 -17.69 -40.90
N CYS A 196 3.05 -18.26 -41.63
CA CYS A 196 2.09 -19.16 -41.01
C CYS A 196 2.76 -20.43 -40.50
N ILE A 197 3.65 -21.03 -41.29
CA ILE A 197 4.30 -22.26 -40.84
C ILE A 197 5.27 -21.97 -39.69
N ALA A 198 5.93 -20.82 -39.71
CA ALA A 198 6.84 -20.47 -38.62
C ALA A 198 6.06 -20.16 -37.35
N ASN A 199 4.87 -19.56 -37.48
CA ASN A 199 4.03 -19.36 -36.31
C ASN A 199 3.54 -20.68 -35.75
N GLU A 200 3.26 -21.66 -36.62
CA GLU A 200 2.90 -22.98 -36.14
C GLU A 200 4.07 -23.63 -35.39
N ILE A 201 5.28 -23.50 -35.93
CA ILE A 201 6.48 -23.99 -35.26
C ILE A 201 6.66 -23.31 -33.91
N TYR A 202 6.45 -21.99 -33.87
CA TYR A 202 6.63 -21.22 -32.64
C TYR A 202 5.58 -21.63 -31.61
N THR A 203 4.35 -21.89 -32.06
CA THR A 203 3.30 -22.36 -31.17
C THR A 203 3.66 -23.71 -30.57
N LYS A 204 4.20 -24.62 -31.38
CA LYS A 204 4.64 -25.90 -30.82
C LYS A 204 5.82 -25.72 -29.87
N ALA A 205 6.73 -24.78 -30.19
CA ALA A 205 7.91 -24.57 -29.37
C ALA A 205 7.57 -23.87 -28.05
N ARG A 206 6.44 -23.18 -28.00
CA ARG A 206 6.01 -22.50 -26.77
C ARG A 206 5.44 -23.46 -25.75
N SER A 207 5.55 -24.77 -25.96
CA SER A 207 5.32 -25.75 -24.90
C SER A 207 6.60 -26.11 -24.17
N MET A 208 7.58 -25.22 -24.18
CA MET A 208 8.88 -25.44 -23.55
C MET A 208 9.20 -24.24 -22.68
N ASP A 209 9.42 -24.48 -21.38
CA ASP A 209 9.65 -23.39 -20.43
C ASP A 209 10.94 -22.63 -20.69
N ALA A 210 11.86 -23.19 -21.47
CA ALA A 210 13.04 -22.44 -21.87
C ALA A 210 12.68 -21.29 -22.81
N ASP A 211 11.52 -21.36 -23.47
CA ASP A 211 11.07 -20.32 -24.38
C ASP A 211 9.89 -19.51 -23.85
N ILE A 212 9.09 -20.08 -22.95
CA ILE A 212 7.97 -19.33 -22.37
C ILE A 212 8.49 -18.19 -21.50
N GLU A 213 9.43 -18.48 -20.63
CA GLU A 213 10.03 -17.48 -19.76
C GLU A 213 11.32 -16.90 -20.31
N LEU A 214 11.61 -17.13 -21.59
CA LEU A 214 12.74 -16.51 -22.24
C LEU A 214 12.48 -15.01 -22.38
N GLN A 215 13.55 -14.26 -22.69
CA GLN A 215 13.43 -12.82 -22.86
C GLN A 215 12.40 -12.48 -23.93
N LYS A 216 11.55 -11.50 -23.62
CA LYS A 216 10.33 -11.27 -24.38
C LYS A 216 10.62 -10.89 -25.82
N SER A 217 11.48 -9.91 -26.03
CA SER A 217 11.78 -9.41 -27.37
C SER A 217 13.08 -8.63 -27.30
N GLU A 218 13.39 -7.90 -28.38
CA GLU A 218 14.58 -7.08 -28.43
C GLU A 218 14.55 -5.92 -27.45
N GLU A 219 13.38 -5.60 -26.87
CA GLU A 219 13.30 -4.50 -25.91
C GLU A 219 14.08 -4.83 -24.63
N GLU A 220 13.90 -6.05 -24.11
CA GLU A 220 14.62 -6.43 -22.89
C GLU A 220 16.12 -6.53 -23.13
N LEU A 221 16.51 -7.13 -24.25
CA LEU A 221 17.93 -7.23 -24.59
C LEU A 221 18.55 -5.85 -24.79
N GLU A 222 17.81 -4.93 -25.43
CA GLU A 222 18.33 -3.59 -25.64
C GLU A 222 18.43 -2.82 -24.33
N ALA A 223 17.47 -3.02 -23.43
CA ALA A 223 17.54 -2.38 -22.11
C ALA A 223 18.73 -2.91 -21.31
N ILE A 224 18.95 -4.22 -21.33
CA ILE A 224 20.10 -4.80 -20.65
C ILE A 224 21.40 -4.28 -21.26
N SER A 225 21.44 -4.18 -22.59
CA SER A 225 22.64 -3.71 -23.27
C SER A 225 22.94 -2.25 -22.94
N ARG A 226 21.91 -1.38 -22.91
CA ARG A 226 22.17 0.01 -22.61
C ARG A 226 22.52 0.21 -21.14
N ALA A 227 21.92 -0.59 -20.24
CA ALA A 227 22.32 -0.54 -18.83
C ALA A 227 23.76 -0.99 -18.65
N LEU A 228 24.16 -2.04 -19.38
CA LEU A 228 25.54 -2.51 -19.32
C LEU A 228 26.50 -1.46 -19.87
N SER A 229 26.12 -0.80 -20.97
CA SER A 229 26.96 0.23 -21.56
C SER A 229 27.12 1.42 -20.62
N PHE A 230 26.05 1.81 -19.93
CA PHE A 230 26.17 2.89 -18.96
C PHE A 230 27.01 2.48 -17.76
N PHE A 231 26.83 1.26 -17.26
CA PHE A 231 27.52 0.83 -16.06
C PHE A 231 28.99 0.57 -16.29
N SER A 232 29.38 0.20 -17.51
CA SER A 232 30.78 0.01 -17.84
C SER A 232 31.47 1.28 -18.28
N LEU A 233 30.73 2.35 -18.53
CA LEU A 233 31.29 3.62 -18.96
C LEU A 233 30.86 4.76 -18.05
N PHE A 234 30.77 4.51 -16.75
CA PHE A 234 30.38 5.54 -15.79
C PHE A 234 31.56 5.83 -14.88
N GLU A 235 32.13 7.04 -15.01
CA GLU A 235 33.24 7.47 -14.17
C GLU A 235 32.75 8.51 -13.17
N PRO A 236 32.59 8.16 -11.90
CA PRO A 236 32.14 9.12 -10.90
C PRO A 236 33.22 10.05 -10.37
N ASN A 237 34.44 9.98 -10.94
CA ASN A 237 35.60 10.78 -10.52
C ASN A 237 35.89 10.54 -9.03
N ILE A 238 36.32 9.32 -8.76
CA ILE A 238 36.42 8.79 -7.39
C ILE A 238 37.38 9.61 -6.54
N GLU A 239 38.43 10.20 -7.16
CA GLU A 239 39.33 11.05 -6.40
C GLU A 239 38.60 12.28 -5.85
N ARG A 240 37.71 12.87 -6.65
CA ARG A 240 36.89 13.97 -6.16
C ARG A 240 35.92 13.50 -5.08
N VAL A 241 35.40 12.28 -5.21
CA VAL A 241 34.50 11.72 -4.20
C VAL A 241 35.22 11.59 -2.87
N GLU A 242 36.47 11.11 -2.90
CA GLU A 242 37.28 11.08 -1.68
C GLU A 242 37.57 12.48 -1.17
N GLY A 243 37.76 13.43 -2.08
CA GLY A 243 38.08 14.78 -1.68
C GLY A 243 36.96 15.59 -1.07
N THR A 244 35.70 15.29 -1.42
CA THR A 244 34.58 16.09 -0.91
C THR A 244 33.66 15.31 0.01
N PHE A 245 33.66 13.98 -0.04
CA PHE A 245 32.87 13.35 1.01
C PHE A 245 33.77 12.59 1.97
N PRO A 246 33.50 12.66 3.27
CA PRO A 246 34.33 11.94 4.24
C PRO A 246 34.16 10.43 4.11
N ASN A 247 35.24 9.71 4.43
CA ASN A 247 35.27 8.24 4.46
C ASN A 247 34.83 7.65 3.12
N SER A 248 35.41 8.15 2.03
CA SER A 248 35.04 7.73 0.69
C SER A 248 36.15 6.97 -0.02
N GLU A 249 37.13 6.48 0.71
CA GLU A 249 38.21 5.72 0.10
C GLU A 249 37.74 4.34 -0.33
N ILE A 250 38.21 3.89 -1.49
CA ILE A 250 37.87 2.56 -2.01
C ILE A 250 38.51 1.47 -1.18
N LYS A 251 39.59 1.79 -0.45
CA LYS A 251 40.34 0.79 0.29
C LYS A 251 39.49 0.09 1.35
N MET A 252 38.47 0.75 1.87
CA MET A 252 37.52 0.08 2.77
C MET A 252 36.82 -1.07 2.06
N LEU A 253 36.31 -0.80 0.86
CA LEU A 253 35.66 -1.85 0.07
C LEU A 253 36.64 -2.95 -0.31
N GLU A 254 37.85 -2.58 -0.70
CA GLU A 254 38.83 -3.58 -1.11
C GLU A 254 39.24 -4.47 0.05
N GLN A 255 39.45 -3.90 1.24
CA GLN A 255 39.83 -4.71 2.39
C GLN A 255 38.64 -5.51 2.93
N PHE A 256 37.42 -5.01 2.74
CA PHE A 256 36.26 -5.80 3.14
C PHE A 256 36.10 -7.02 2.24
N LEU A 257 36.32 -6.84 0.92
CA LEU A 257 36.16 -7.95 0.00
C LEU A 257 37.32 -8.94 0.09
N SER A 258 38.54 -8.44 0.34
CA SER A 258 39.73 -9.29 0.25
C SER A 258 40.03 -9.97 1.57
N THR A 259 40.24 -9.18 2.63
CA THR A 259 40.66 -9.74 3.90
C THR A 259 39.52 -10.52 4.55
N PRO A 260 39.71 -11.80 4.88
CA PRO A 260 38.63 -12.57 5.49
C PRO A 260 38.41 -12.17 6.94
N ALA A 261 37.32 -12.68 7.50
CA ALA A 261 37.02 -12.42 8.90
C ALA A 261 37.97 -13.20 9.81
N ASP A 262 38.48 -12.52 10.83
CA ASP A 262 39.41 -13.15 11.76
C ASP A 262 38.62 -13.99 12.74
N VAL A 263 38.78 -15.31 12.66
CA VAL A 263 37.97 -16.24 13.44
C VAL A 263 38.28 -16.10 14.93
N ASP A 264 39.54 -15.82 15.27
CA ASP A 264 39.91 -15.69 16.68
C ASP A 264 39.22 -14.52 17.35
N PHE A 265 39.10 -13.39 16.65
CA PHE A 265 38.39 -12.24 17.20
C PHE A 265 36.91 -12.56 17.42
N ILE A 266 36.29 -13.25 16.47
CA ILE A 266 34.90 -13.64 16.61
C ILE A 266 34.72 -14.56 17.80
N THR A 267 35.61 -15.54 17.94
CA THR A 267 35.49 -16.51 19.03
C THR A 267 35.68 -15.83 20.38
N LYS A 268 36.61 -14.87 20.48
CA LYS A 268 36.79 -14.15 21.72
C LYS A 268 35.61 -13.23 22.02
N THR A 269 35.12 -12.50 21.02
CA THR A 269 34.05 -11.54 21.23
C THR A 269 32.74 -12.23 21.60
N LEU A 270 32.46 -13.39 21.00
CA LEU A 270 31.23 -14.11 21.36
C LEU A 270 31.24 -14.56 22.81
N LYS A 271 32.37 -15.08 23.31
CA LYS A 271 32.37 -15.49 24.71
C LYS A 271 32.36 -14.28 25.64
N ALA A 272 32.97 -13.16 25.21
CA ALA A 272 32.90 -11.94 26.02
C ALA A 272 31.46 -11.45 26.14
N LYS A 273 30.72 -11.41 25.03
CA LYS A 273 29.33 -10.99 25.10
C LYS A 273 28.46 -12.01 25.81
N GLU A 274 28.82 -13.29 25.72
CA GLU A 274 28.07 -14.32 26.45
C GLU A 274 28.20 -14.14 27.96
N VAL A 275 29.43 -13.91 28.44
CA VAL A 275 29.61 -13.74 29.88
C VAL A 275 29.03 -12.40 30.33
N GLU A 276 29.10 -11.36 29.48
CA GLU A 276 28.47 -10.09 29.81
C GLU A 276 26.96 -10.23 29.92
N ALA A 277 26.34 -10.96 28.97
CA ALA A 277 24.90 -11.17 29.01
C ALA A 277 24.50 -12.01 30.21
N TYR A 278 25.30 -13.03 30.56
CA TYR A 278 25.00 -13.84 31.73
C TYR A 278 25.07 -13.01 33.00
N ALA A 279 26.10 -12.17 33.12
CA ALA A 279 26.23 -11.31 34.30
C ALA A 279 25.08 -10.31 34.39
N ASP A 280 24.71 -9.69 33.27
CA ASP A 280 23.62 -8.73 33.27
C ASP A 280 22.29 -9.40 33.59
N LEU A 281 22.08 -10.61 33.07
CA LEU A 281 20.82 -11.31 33.29
C LEU A 281 20.74 -11.85 34.71
N CYS A 282 21.88 -12.16 35.34
CA CYS A 282 21.84 -12.54 36.75
C CYS A 282 21.62 -11.32 37.64
N ASP A 283 22.28 -10.20 37.34
CA ASP A 283 22.19 -9.03 38.21
C ASP A 283 20.83 -8.34 38.09
N SER A 284 20.36 -8.12 36.85
CA SER A 284 19.12 -7.38 36.66
C SER A 284 17.90 -8.23 36.98
N HIS A 285 17.94 -9.52 36.67
CA HIS A 285 16.76 -10.38 36.81
C HIS A 285 16.84 -11.31 38.00
N TYR A 286 17.79 -11.09 38.92
CA TYR A 286 17.78 -11.66 40.27
C TYR A 286 17.86 -13.20 40.25
N LEU A 287 18.99 -13.71 39.76
CA LEU A 287 19.25 -15.14 39.81
C LEU A 287 20.38 -15.53 40.75
N LYS A 288 21.27 -14.61 41.09
CA LYS A 288 22.36 -14.91 41.99
C LYS A 288 22.24 -14.06 43.24
N PRO A 289 22.07 -14.67 44.43
CA PRO A 289 21.98 -16.13 44.65
C PRO A 289 20.60 -16.70 44.32
N GLU A 290 20.40 -17.98 44.60
CA GLU A 290 19.16 -18.64 44.24
C GLU A 290 18.00 -18.12 45.08
N LYS A 291 16.85 -17.94 44.44
CA LYS A 291 15.65 -17.43 45.09
C LYS A 291 14.45 -18.03 44.40
N THR A 292 13.31 -18.02 45.10
CA THR A 292 12.07 -18.47 44.49
C THR A 292 11.48 -17.36 43.62
N ILE A 293 10.45 -17.72 42.86
CA ILE A 293 9.80 -16.77 41.97
C ILE A 293 9.09 -15.68 42.76
N GLN A 294 8.52 -16.04 43.91
CA GLN A 294 7.69 -15.10 44.66
C GLN A 294 8.52 -13.92 45.19
N GLU A 295 9.63 -14.21 45.89
CA GLU A 295 10.47 -13.14 46.42
C GLU A 295 11.12 -12.33 45.31
N ARG A 296 11.44 -12.99 44.20
CA ARG A 296 11.92 -12.28 43.02
C ARG A 296 10.91 -11.26 42.54
N LEU A 297 9.63 -11.67 42.48
CA LEU A 297 8.57 -10.77 42.05
C LEU A 297 8.38 -9.62 43.06
N GLU A 298 8.47 -9.91 44.36
CA GLU A 298 8.32 -8.84 45.34
C GLU A 298 9.44 -7.81 45.24
N ILE A 299 10.68 -8.26 45.05
CA ILE A 299 11.76 -7.28 44.97
C ILE A 299 11.77 -6.57 43.63
N ASN A 300 11.28 -7.21 42.56
CA ASN A 300 11.05 -6.50 41.31
C ASN A 300 9.96 -5.43 41.47
N ARG A 301 8.91 -5.76 42.23
CA ARG A 301 7.87 -4.78 42.54
C ARG A 301 8.44 -3.62 43.34
N CYS A 302 9.34 -3.90 44.28
CA CYS A 302 9.99 -2.84 45.03
C CYS A 302 10.82 -1.94 44.14
N GLU A 303 11.55 -2.53 43.19
CA GLU A 303 12.31 -1.72 42.23
C GLU A 303 11.39 -0.86 41.38
N ALA A 304 10.28 -1.43 40.93
CA ALA A 304 9.32 -0.68 40.12
C ALA A 304 8.73 0.48 40.91
N ILE A 305 8.37 0.24 42.18
CA ILE A 305 7.81 1.28 43.02
C ILE A 305 8.82 2.40 43.23
N ASP A 306 10.09 2.03 43.48
CA ASP A 306 11.13 3.04 43.66
C ASP A 306 11.34 3.86 42.40
N LYS A 307 11.32 3.22 41.23
CA LYS A 307 11.54 3.96 39.99
C LYS A 307 10.37 4.89 39.66
N THR A 308 9.13 4.42 39.85
CA THR A 308 7.98 5.28 39.64
C THR A 308 7.97 6.45 40.62
N GLN A 309 8.34 6.21 41.88
CA GLN A 309 8.42 7.31 42.84
CA GLN A 309 8.42 7.31 42.84
C GLN A 309 9.51 8.30 42.47
N ASP A 310 10.63 7.80 41.94
CA ASP A 310 11.70 8.70 41.48
C ASP A 310 11.20 9.58 40.34
N LEU A 311 10.49 8.99 39.38
CA LEU A 311 9.93 9.80 38.29
C LEU A 311 8.91 10.81 38.80
N LEU A 312 8.07 10.40 39.76
CA LEU A 312 7.08 11.30 40.31
C LEU A 312 7.73 12.47 41.04
N ALA A 313 8.79 12.20 41.81
CA ALA A 313 9.52 13.26 42.48
C ALA A 313 10.19 14.20 41.49
N GLY A 314 10.77 13.63 40.43
CA GLY A 314 11.38 14.47 39.41
C GLY A 314 10.39 15.34 38.66
N LEU A 315 9.18 14.83 38.44
CA LEU A 315 8.16 15.65 37.78
C LEU A 315 7.59 16.69 38.72
N HIS A 316 7.43 16.35 40.01
CA HIS A 316 6.88 17.29 40.97
C HIS A 316 7.86 18.40 41.30
N ALA A 317 9.17 18.11 41.24
CA ALA A 317 10.17 19.14 41.53
C ALA A 317 10.21 20.23 40.46
N ARG A 318 9.77 19.93 39.24
CA ARG A 318 9.78 20.90 38.15
C ARG A 318 8.40 21.52 37.92
N SER A 319 7.42 21.24 38.76
CA SER A 319 6.07 21.71 38.59
C SER A 319 5.81 22.91 39.50
N ASN A 320 4.56 23.38 39.52
CA ASN A 320 4.17 24.48 40.40
C ASN A 320 3.80 24.02 41.80
N LYS A 321 3.75 22.70 42.04
CA LYS A 321 3.52 22.11 43.36
C LYS A 321 2.18 22.55 43.96
N GLN A 322 1.12 22.38 43.18
CA GLN A 322 -0.24 22.67 43.64
C GLN A 322 -1.07 21.40 43.58
N THR A 323 -1.73 21.07 44.69
CA THR A 323 -2.53 19.87 44.81
C THR A 323 -4.01 20.10 44.49
N SER A 324 -4.39 21.31 44.12
CA SER A 324 -5.77 21.61 43.77
C SER A 324 -5.79 22.57 42.60
N LEU A 325 -6.67 22.28 41.62
CA LEU A 325 -6.82 23.13 40.45
C LEU A 325 -8.21 22.94 39.88
N ASN A 326 -8.83 24.05 39.47
CA ASN A 326 -10.16 24.04 38.88
C ASN A 326 -9.97 24.22 37.37
N ARG A 327 -9.84 23.11 36.65
CA ARG A 327 -9.65 23.12 35.21
C ARG A 327 -10.55 22.07 34.58
N GLY A 328 -11.18 22.41 33.46
CA GLY A 328 -12.07 21.50 32.78
C GLY A 328 -11.37 20.81 31.63
N THR A 329 -11.49 19.47 31.58
CA THR A 329 -10.92 18.72 30.48
C THR A 329 -11.72 18.92 29.20
N VAL A 330 -13.05 18.85 29.30
CA VAL A 330 -13.92 19.16 28.17
C VAL A 330 -14.35 20.62 28.31
N LYS A 331 -13.87 21.46 27.40
CA LYS A 331 -14.08 22.91 27.49
C LYS A 331 -15.35 23.36 26.80
N LEU A 332 -16.35 22.50 26.70
CA LEU A 332 -17.65 22.78 26.14
C LEU A 332 -18.72 22.63 27.22
N PRO A 333 -19.82 23.37 27.13
CA PRO A 333 -20.83 23.30 28.18
C PRO A 333 -21.53 21.96 28.18
N PRO A 334 -22.04 21.51 29.33
CA PRO A 334 -22.70 20.20 29.40
C PRO A 334 -24.18 20.24 29.05
N TRP A 335 -24.62 21.32 28.40
CA TRP A 335 -26.03 21.46 28.07
C TRP A 335 -26.47 20.38 27.08
N LEU A 336 -27.66 19.85 27.29
CA LEU A 336 -28.29 18.91 26.35
C LEU A 336 -29.72 19.40 26.19
N PRO A 337 -29.96 20.31 25.25
CA PRO A 337 -31.27 20.93 25.11
C PRO A 337 -32.23 20.04 24.32
N LYS A 338 -33.47 20.52 24.20
CA LYS A 338 -34.47 19.88 23.35
C LYS A 338 -34.72 20.77 22.14
N PRO A 339 -34.22 20.40 20.96
CA PRO A 339 -34.44 21.24 19.77
C PRO A 339 -35.89 21.15 19.31
N SER A 340 -36.48 22.30 19.00
CA SER A 340 -37.85 22.34 18.50
C SER A 340 -37.95 22.90 17.09
N SER A 341 -37.52 24.13 16.87
CA SER A 341 -37.68 24.84 15.59
C SER A 341 -36.86 26.12 15.65
N GLU A 342 -37.03 26.97 14.65
CA GLU A 342 -36.42 28.29 14.65
C GLU A 342 -37.22 29.21 15.57
N SER A 343 -36.56 29.75 16.59
CA SER A 343 -37.22 30.54 17.63
C SER A 343 -36.43 31.80 17.92
N ILE A 344 -36.06 32.55 16.88
CA ILE A 344 -35.38 33.82 17.04
C ILE A 344 -36.27 34.82 17.76
N SER A 350 -38.45 39.55 28.22
CA SER A 350 -38.93 39.33 29.57
C SER A 350 -37.83 39.63 30.59
N GLY A 351 -37.44 40.90 30.66
CA GLY A 351 -36.40 41.30 31.59
C GLY A 351 -35.00 41.21 31.01
N PHE A 352 -34.80 41.82 29.85
CA PHE A 352 -33.50 41.76 29.17
C PHE A 352 -32.58 42.87 29.66
N GLY A 353 -32.46 43.02 30.98
CA GLY A 353 -31.57 43.99 31.56
C GLY A 353 -30.78 43.42 32.71
N SER A 354 -31.18 42.23 33.15
CA SER A 354 -30.49 41.55 34.24
C SER A 354 -29.16 40.94 33.81
N LEU A 355 -28.93 40.82 32.49
CA LEU A 355 -27.68 40.27 32.00
C LEU A 355 -26.54 41.28 32.04
N MET A 356 -26.85 42.56 32.19
CA MET A 356 -25.81 43.59 32.11
C MET A 356 -24.89 43.55 33.32
N ASP A 357 -25.43 43.26 34.50
CA ASP A 357 -24.64 43.28 35.74
C ASP A 357 -24.22 41.88 36.19
N HIS A 358 -23.92 40.99 35.25
CA HIS A 358 -23.45 39.65 35.54
C HIS A 358 -22.12 39.38 34.83
N GLY A 359 -21.24 40.36 34.87
CA GLY A 359 -19.90 40.20 34.33
C GLY A 359 -19.74 40.83 32.96
N ALA A 360 -18.51 40.72 32.45
CA ALA A 360 -18.20 41.27 31.13
C ALA A 360 -18.85 40.47 30.02
N TYR A 361 -18.84 39.14 30.15
CA TYR A 361 -19.51 38.29 29.16
C TYR A 361 -21.00 38.54 29.15
N GLY A 362 -21.59 38.75 30.33
CA GLY A 362 -22.99 39.13 30.38
C GLY A 362 -23.26 40.47 29.73
N GLU A 363 -22.34 41.42 29.89
CA GLU A 363 -22.49 42.73 29.24
C GLU A 363 -22.45 42.58 27.72
N LEU A 364 -21.50 41.80 27.21
CA LEU A 364 -21.44 41.55 25.77
C LEU A 364 -22.70 40.87 25.27
N TRP A 365 -23.18 39.87 26.02
CA TRP A 365 -24.33 39.09 25.57
C TRP A 365 -25.60 39.94 25.58
N ALA A 366 -25.78 40.78 26.60
CA ALA A 366 -26.93 41.66 26.67
C ALA A 366 -26.89 42.73 25.60
N LYS A 367 -25.73 43.37 25.41
CA LYS A 367 -25.62 44.41 24.40
C LYS A 367 -25.64 43.84 22.99
N CYS A 368 -25.45 42.54 22.83
CA CYS A 368 -25.67 41.90 21.54
C CYS A 368 -27.15 41.57 21.32
N LEU A 369 -27.81 41.01 22.34
CA LEU A 369 -29.20 40.61 22.18
C LEU A 369 -30.13 41.82 22.09
N LEU A 370 -29.74 42.96 22.68
CA LEU A 370 -30.50 44.18 22.46
C LEU A 370 -30.45 44.59 20.99
N ASP A 371 -29.28 44.43 20.36
CA ASP A 371 -29.15 44.73 18.94
C ASP A 371 -29.97 43.72 18.12
N VAL A 372 -30.01 42.47 18.58
CA VAL A 372 -30.83 41.44 17.92
C VAL A 372 -32.29 41.86 17.91
N SER A 373 -32.81 42.25 19.09
CA SER A 373 -34.21 42.63 19.19
C SER A 373 -34.51 43.91 18.40
N LEU A 374 -33.63 44.91 18.52
CA LEU A 374 -33.88 46.18 17.84
C LEU A 374 -33.58 46.10 16.35
N GLY A 375 -32.55 45.35 15.96
CA GLY A 375 -32.12 45.33 14.57
C GLY A 375 -32.88 44.38 13.68
N ASN A 376 -32.15 43.66 12.83
CA ASN A 376 -32.75 42.78 11.83
C ASN A 376 -32.45 41.33 12.15
N VAL A 377 -33.47 40.47 11.98
CA VAL A 377 -33.29 39.04 12.20
C VAL A 377 -32.37 38.45 11.14
N GLU A 378 -32.44 38.97 9.91
CA GLU A 378 -31.63 38.45 8.81
C GLU A 378 -30.14 38.63 9.08
N GLY A 379 -29.37 37.59 8.85
CA GLY A 379 -27.96 37.58 9.16
C GLY A 379 -27.61 36.53 10.19
N VAL A 380 -28.48 36.37 11.20
CA VAL A 380 -28.28 35.32 12.19
C VAL A 380 -28.45 33.95 11.55
N VAL A 381 -29.55 33.76 10.80
CA VAL A 381 -29.81 32.53 10.08
C VAL A 381 -30.27 32.88 8.68
N SER A 382 -30.12 31.92 7.76
CA SER A 382 -30.51 32.11 6.38
C SER A 382 -32.00 31.83 6.21
N ASP A 383 -32.70 32.78 5.61
CA ASP A 383 -34.13 32.60 5.33
C ASP A 383 -34.31 31.55 4.25
N PRO A 384 -35.24 30.59 4.42
CA PRO A 384 -35.45 29.58 3.37
C PRO A 384 -35.91 30.17 2.05
N ALA A 385 -36.74 31.23 2.09
CA ALA A 385 -37.23 31.83 0.85
C ALA A 385 -36.11 32.48 0.07
N LYS A 386 -35.21 33.18 0.76
CA LYS A 386 -34.11 33.85 0.08
C LYS A 386 -33.17 32.85 -0.60
N GLU A 387 -32.89 31.73 0.08
CA GLU A 387 -32.03 30.71 -0.52
C GLU A 387 -32.74 29.96 -1.64
N LEU A 388 -34.05 29.75 -1.53
CA LEU A 388 -34.80 29.12 -2.60
C LEU A 388 -34.91 30.02 -3.82
N ASP A 389 -34.88 31.34 -3.62
CA ASP A 389 -34.99 32.27 -4.74
C ASP A 389 -33.74 32.33 -5.61
N ILE A 390 -32.63 31.73 -5.18
CA ILE A 390 -31.40 31.75 -5.96
C ILE A 390 -31.24 30.48 -6.79
N ALA A 391 -31.56 29.32 -6.21
CA ALA A 391 -31.40 28.06 -6.92
C ALA A 391 -32.34 27.96 -8.12
N ILE A 392 -33.59 28.39 -7.95
CA ILE A 392 -34.58 28.27 -9.01
C ILE A 392 -34.31 29.28 -10.12
N SER A 393 -34.00 30.52 -9.75
CA SER A 393 -33.94 31.62 -10.71
C SER A 393 -32.75 31.54 -11.66
N ASP A 394 -31.81 30.63 -11.40
CA ASP A 394 -30.59 30.37 -12.20
C ASP A 394 -30.03 31.50 -13.06
N TYR A 408 -24.66 37.25 6.96
CA TYR A 408 -23.88 37.15 8.18
C TYR A 408 -24.13 38.35 9.08
N ARG A 409 -24.52 38.10 10.33
CA ARG A 409 -24.82 39.19 11.25
C ARG A 409 -23.54 39.72 11.87
N ARG A 410 -23.33 41.03 11.75
CA ARG A 410 -22.17 41.71 12.32
C ARG A 410 -22.66 42.86 13.18
N PHE A 411 -22.15 42.97 14.39
CA PHE A 411 -22.50 44.05 15.30
C PHE A 411 -21.23 44.58 15.97
N LYS A 412 -21.27 45.84 16.38
CA LYS A 412 -20.11 46.54 16.94
C LYS A 412 -20.48 47.12 18.29
N PRO A 413 -20.39 46.34 19.36
CA PRO A 413 -20.74 46.84 20.68
C PRO A 413 -19.64 47.74 21.25
N ALA A 414 -20.07 48.65 22.12
CA ALA A 414 -19.15 49.57 22.79
C ALA A 414 -18.74 48.99 24.13
N LEU A 415 -17.87 47.99 24.08
CA LEU A 415 -17.41 47.33 25.29
C LEU A 415 -16.50 48.23 26.11
N SER A 416 -16.57 48.06 27.43
CA SER A 416 -15.77 48.86 28.34
C SER A 416 -14.32 48.38 28.35
N SER A 417 -13.48 49.14 29.06
CA SER A 417 -12.08 48.77 29.20
C SER A 417 -11.92 47.48 30.01
N SER A 418 -12.74 47.34 31.06
CA SER A 418 -12.69 46.13 31.88
C SER A 418 -13.11 44.90 31.07
N ALA A 419 -14.16 45.04 30.26
CA ALA A 419 -14.60 43.94 29.41
C ALA A 419 -13.55 43.59 28.37
N ARG A 420 -12.91 44.61 27.79
CA ARG A 420 -11.87 44.36 26.80
C ARG A 420 -10.67 43.66 27.41
N GLN A 421 -10.28 44.06 28.63
CA GLN A 421 -9.18 43.39 29.32
C GLN A 421 -9.54 41.95 29.67
N GLU A 422 -10.77 41.72 30.12
CA GLU A 422 -11.20 40.36 30.44
C GLU A 422 -11.22 39.47 29.20
N PHE A 423 -11.65 40.03 28.06
CA PHE A 423 -11.63 39.25 26.82
C PHE A 423 -10.20 39.00 26.34
N SER A 424 -9.32 39.99 26.50
CA SER A 424 -7.93 39.83 26.08
C SER A 424 -7.18 38.84 26.96
N LEU A 425 -7.63 38.65 28.20
CA LEU A 425 -7.02 37.63 29.05
C LEU A 425 -7.25 36.23 28.49
N GLN A 426 -8.34 36.02 27.77
CA GLN A 426 -8.67 34.73 27.18
C GLN A 426 -8.30 34.61 25.71
N GLY A 427 -7.58 35.60 25.17
CA GLY A 427 -7.08 35.53 23.82
C GLY A 427 -7.84 36.35 22.80
N VAL A 428 -9.03 36.84 23.12
CA VAL A 428 -9.83 37.63 22.19
C VAL A 428 -9.21 39.03 22.12
N GLU A 429 -8.69 39.38 20.94
CA GLU A 429 -7.96 40.63 20.72
C GLU A 429 -6.80 40.76 21.70
N GLY A 430 -6.07 39.65 21.90
CA GLY A 430 -5.00 39.60 22.87
C GLY A 430 -3.66 40.13 22.39
N LYS A 431 -3.50 40.35 21.09
CA LYS A 431 -2.22 40.85 20.59
C LYS A 431 -2.01 42.32 20.96
N LYS A 432 -3.09 43.10 20.99
CA LYS A 432 -2.97 44.52 21.32
C LYS A 432 -2.64 44.73 22.79
N TRP A 433 -3.20 43.89 23.67
CA TRP A 433 -3.00 44.02 25.11
C TRP A 433 -1.91 43.11 25.63
N LYS A 434 -0.88 42.86 24.82
CA LYS A 434 0.18 41.92 25.21
C LYS A 434 1.01 42.44 26.37
N ARG A 435 1.29 43.74 26.40
CA ARG A 435 2.23 44.32 27.35
C ARG A 435 1.63 44.62 28.71
N MET A 436 0.33 44.40 28.90
CA MET A 436 -0.28 44.72 30.18
C MET A 436 0.09 43.68 31.25
N ALA A 437 -0.14 44.06 32.50
CA ALA A 437 0.34 43.25 33.63
C ALA A 437 -0.43 41.95 33.75
N ALA A 438 -1.76 42.01 33.63
CA ALA A 438 -2.57 40.81 33.78
C ALA A 438 -2.30 39.80 32.68
N ASN A 439 -2.16 40.27 31.44
CA ASN A 439 -1.86 39.38 30.33
C ASN A 439 -0.49 38.74 30.49
N GLN A 440 0.51 39.52 30.93
CA GLN A 440 1.84 38.99 31.15
C GLN A 440 1.85 37.95 32.27
N LYS A 441 1.09 38.22 33.34
CA LYS A 441 1.01 37.26 34.44
C LYS A 441 0.34 35.96 34.00
N LYS A 442 -0.72 36.07 33.19
CA LYS A 442 -1.39 34.88 32.66
C LYS A 442 -0.46 34.09 31.76
N GLU A 443 0.34 34.80 30.94
CA GLU A 443 1.31 34.12 30.09
C GLU A 443 2.37 33.41 30.92
N LYS A 444 2.83 34.06 31.99
CA LYS A 444 3.85 33.45 32.85
C LYS A 444 3.33 32.19 33.54
N GLU A 445 2.10 32.25 34.07
CA GLU A 445 1.53 31.07 34.70
C GLU A 445 1.06 30.02 33.70
N SER A 446 0.94 30.38 32.42
CA SER A 446 0.46 29.42 31.42
C SER A 446 1.47 28.31 31.18
N HIS A 447 2.77 28.63 31.25
CA HIS A 447 3.82 27.65 30.98
C HIS A 447 4.08 26.70 32.14
N GLU A 448 3.43 26.90 33.28
CA GLU A 448 3.69 26.08 34.46
C GLU A 448 3.19 24.65 34.25
N THR A 449 4.01 23.70 34.66
CA THR A 449 3.69 22.28 34.57
C THR A 449 2.85 21.86 35.76
N LEU A 450 1.82 21.04 35.51
CA LEU A 450 0.99 20.55 36.59
C LEU A 450 1.71 19.47 37.38
N SER A 451 1.50 19.49 38.70
CA SER A 451 2.10 18.48 39.56
C SER A 451 1.38 17.14 39.39
N PRO A 452 2.11 16.02 39.44
CA PRO A 452 1.45 14.71 39.33
C PRO A 452 0.57 14.37 40.52
N PHE A 453 0.71 15.06 41.65
CA PHE A 453 -0.09 14.78 42.83
C PHE A 453 -1.35 15.64 42.88
N LEU A 454 -1.75 16.21 41.75
CA LEU A 454 -3.00 16.97 41.68
C LEU A 454 -4.19 16.06 41.87
N ASP A 455 -5.23 16.59 42.51
CA ASP A 455 -6.44 15.82 42.80
C ASP A 455 -7.24 15.66 41.51
N VAL A 456 -7.26 14.44 40.97
CA VAL A 456 -7.95 14.16 39.71
C VAL A 456 -8.99 13.07 39.94
N GLU A 457 -9.54 13.02 41.15
CA GLU A 457 -10.56 12.03 41.47
C GLU A 457 -11.85 12.26 40.70
N ASP A 458 -12.12 13.51 40.29
CA ASP A 458 -13.33 13.81 39.53
C ASP A 458 -13.34 13.12 38.17
N ILE A 459 -12.18 13.02 37.52
CA ILE A 459 -12.11 12.37 36.22
C ILE A 459 -12.43 10.88 36.35
N GLY A 460 -11.87 10.24 37.37
CA GLY A 460 -12.18 8.84 37.61
C GLY A 460 -13.63 8.63 38.00
N ASP A 461 -14.19 9.57 38.76
CA ASP A 461 -15.59 9.49 39.13
C ASP A 461 -16.49 9.61 37.90
N PHE A 462 -16.14 10.51 36.98
CA PHE A 462 -16.92 10.64 35.74
C PHE A 462 -16.78 9.39 34.87
N LEU A 463 -15.58 8.82 34.81
CA LEU A 463 -15.37 7.63 34.00
C LEU A 463 -16.14 6.43 34.54
N THR A 464 -16.11 6.23 35.86
CA THR A 464 -16.78 5.07 36.43
C THR A 464 -18.29 5.23 36.42
N PHE A 465 -18.79 6.40 36.82
CA PHE A 465 -20.22 6.67 36.87
C PHE A 465 -20.54 7.88 36.02
N ASN A 466 -21.50 7.71 35.10
CA ASN A 466 -21.88 8.77 34.17
C ASN A 466 -23.24 8.43 33.58
N ASN A 467 -23.78 9.37 32.81
CA ASN A 467 -25.08 9.22 32.18
C ASN A 467 -25.00 9.40 30.68
N LEU A 468 -23.84 9.11 30.09
CA LEU A 468 -23.67 9.29 28.65
C LEU A 468 -24.51 8.28 27.86
N LEU A 469 -24.64 7.06 28.35
CA LEU A 469 -25.36 6.00 27.65
C LEU A 469 -26.83 5.91 28.03
N THR A 470 -27.29 6.74 28.97
CA THR A 470 -28.70 6.72 29.33
C THR A 470 -29.55 7.27 28.19
N ASP A 471 -30.77 6.77 28.09
CA ASP A 471 -31.68 7.17 27.02
C ASP A 471 -32.08 8.63 27.19
N SER A 472 -32.05 9.37 26.08
CA SER A 472 -32.35 10.79 26.09
C SER A 472 -33.80 11.11 25.78
N ARG A 473 -34.52 10.19 25.13
CA ARG A 473 -35.93 10.36 24.76
C ARG A 473 -36.14 11.57 23.86
N TYR A 474 -35.47 11.56 22.71
CA TYR A 474 -35.82 12.41 21.57
C TYR A 474 -35.91 11.58 20.30
N GLY A 475 -36.61 10.45 20.37
CA GLY A 475 -36.79 9.62 19.19
C GLY A 475 -37.72 10.24 18.17
N ASP A 476 -38.59 11.15 18.60
CA ASP A 476 -39.50 11.86 17.71
C ASP A 476 -38.97 13.25 17.33
N GLU A 477 -37.65 13.39 17.26
CA GLU A 477 -37.04 14.67 16.93
C GLU A 477 -36.79 14.78 15.42
N SER A 478 -36.84 16.02 14.93
CA SER A 478 -36.75 16.29 13.50
C SER A 478 -35.43 15.81 12.90
N ILE A 479 -34.32 16.00 13.62
CA ILE A 479 -33.04 15.49 13.13
C ILE A 479 -33.03 13.96 13.10
N GLN A 480 -33.55 13.33 14.16
CA GLN A 480 -33.64 11.88 14.17
C GLN A 480 -34.70 11.38 13.20
N ARG A 481 -35.76 12.15 12.98
CA ARG A 481 -36.74 11.79 11.95
C ARG A 481 -36.13 11.80 10.56
N ALA A 482 -35.30 12.82 10.28
CA ALA A 482 -34.65 12.90 8.98
C ALA A 482 -33.69 11.73 8.77
N VAL A 483 -32.86 11.45 9.77
CA VAL A 483 -31.94 10.32 9.69
C VAL A 483 -32.71 9.02 9.54
N SER A 484 -33.83 8.88 10.26
CA SER A 484 -34.63 7.67 10.20
C SER A 484 -35.24 7.47 8.82
N ILE A 485 -35.76 8.53 8.21
CA ILE A 485 -36.39 8.37 6.90
C ILE A 485 -35.34 8.08 5.83
N LEU A 486 -34.18 8.74 5.91
CA LEU A 486 -33.11 8.42 4.95
C LEU A 486 -32.62 6.99 5.11
N LEU A 487 -32.48 6.52 6.36
CA LEU A 487 -32.04 5.15 6.58
C LEU A 487 -33.10 4.14 6.17
N GLU A 488 -34.38 4.49 6.30
CA GLU A 488 -35.45 3.61 5.85
C GLU A 488 -35.49 3.52 4.33
N LYS A 489 -35.28 4.65 3.65
CA LYS A 489 -35.22 4.63 2.18
C LYS A 489 -34.00 3.86 1.69
N ALA A 490 -32.86 4.00 2.37
CA ALA A 490 -31.68 3.23 1.99
C ALA A 490 -31.88 1.74 2.21
N SER A 491 -32.72 1.36 3.19
CA SER A 491 -33.02 -0.03 3.48
C SER A 491 -34.32 -0.49 2.84
N ALA A 492 -34.92 0.33 1.98
CA ALA A 492 -36.17 -0.06 1.33
C ALA A 492 -35.96 -1.16 0.31
N MET A 493 -34.82 -1.17 -0.38
CA MET A 493 -34.53 -2.20 -1.37
C MET A 493 -34.11 -3.52 -0.74
N GLN A 494 -33.90 -3.56 0.58
CA GLN A 494 -33.52 -4.77 1.28
C GLN A 494 -34.36 -4.97 2.53
N ASP A 495 -35.64 -4.60 2.48
CA ASP A 495 -36.48 -4.52 3.67
C ASP A 495 -36.83 -5.92 4.21
N THR A 496 -36.02 -6.39 5.14
CA THR A 496 -36.25 -7.67 5.81
C THR A 496 -36.20 -7.45 7.32
N GLU A 497 -36.24 -8.54 8.08
CA GLU A 497 -36.30 -8.43 9.54
C GLU A 497 -34.96 -8.02 10.13
N LEU A 498 -33.86 -8.57 9.60
CA LEU A 498 -32.54 -8.34 10.19
C LEU A 498 -32.11 -6.89 10.03
N THR A 499 -32.33 -6.32 8.84
CA THR A 499 -31.99 -4.91 8.63
C THR A 499 -32.88 -4.00 9.48
N HIS A 500 -34.14 -4.39 9.71
CA HIS A 500 -35.00 -3.60 10.58
C HIS A 500 -34.52 -3.64 12.03
N ALA A 501 -34.08 -4.82 12.49
CA ALA A 501 -33.57 -4.92 13.86
C ALA A 501 -32.30 -4.12 14.04
N LEU A 502 -31.35 -4.21 13.10
CA LEU A 502 -30.13 -3.43 13.25
C LEU A 502 -30.37 -1.94 13.05
N ASN A 503 -31.35 -1.57 12.21
CA ASN A 503 -31.73 -0.16 12.09
C ASN A 503 -32.30 0.37 13.39
N ASP A 504 -33.16 -0.43 14.05
CA ASP A 504 -33.71 -0.02 15.34
C ASP A 504 -32.61 0.09 16.39
N SER A 505 -31.63 -0.82 16.36
CA SER A 505 -30.49 -0.73 17.27
C SER A 505 -29.70 0.56 17.03
N PHE A 506 -29.50 0.93 15.75
CA PHE A 506 -28.84 2.19 15.45
C PHE A 506 -29.67 3.39 15.93
N LYS A 507 -31.00 3.28 15.86
CA LYS A 507 -31.84 4.35 16.38
C LYS A 507 -31.68 4.49 17.89
N ARG A 508 -31.62 3.37 18.61
CA ARG A 508 -31.39 3.42 20.05
C ARG A 508 -30.02 4.00 20.36
N ASN A 509 -29.00 3.66 19.57
CA ASN A 509 -27.69 4.27 19.75
C ASN A 509 -27.67 5.73 19.35
N LEU A 510 -28.64 6.18 18.56
CA LEU A 510 -28.78 7.59 18.21
C LEU A 510 -29.65 8.36 19.20
N SER A 511 -30.30 7.68 20.12
CA SER A 511 -31.15 8.33 21.12
C SER A 511 -30.48 8.42 22.49
N SER A 512 -29.18 8.17 22.56
CA SER A 512 -28.47 8.27 23.83
C SER A 512 -28.10 9.72 24.13
N ASN A 513 -27.69 9.96 25.38
CA ASN A 513 -27.36 11.31 25.80
C ASN A 513 -26.08 11.81 25.15
N VAL A 514 -25.07 10.95 25.05
CA VAL A 514 -23.77 11.37 24.54
C VAL A 514 -23.85 11.73 23.06
N VAL A 515 -24.62 10.96 22.28
CA VAL A 515 -24.73 11.26 20.85
C VAL A 515 -25.62 12.48 20.63
N GLN A 516 -26.59 12.73 21.51
CA GLN A 516 -27.41 13.93 21.38
C GLN A 516 -26.61 15.18 21.71
N TRP A 517 -25.74 15.09 22.71
CA TRP A 517 -24.80 16.18 22.98
C TRP A 517 -23.85 16.38 21.81
N SER A 518 -23.33 15.26 21.26
CA SER A 518 -22.37 15.32 20.17
C SER A 518 -23.00 15.88 18.90
N LEU A 519 -24.31 15.72 18.73
CA LEU A 519 -24.96 16.27 17.53
C LEU A 519 -24.86 17.78 17.49
N TRP A 520 -25.24 18.46 18.57
CA TRP A 520 -25.16 19.92 18.58
C TRP A 520 -23.71 20.38 18.68
N VAL A 521 -22.84 19.60 19.33
CA VAL A 521 -21.42 19.95 19.35
C VAL A 521 -20.84 19.89 17.95
N SER A 522 -21.18 18.85 17.18
CA SER A 522 -20.70 18.72 15.81
C SER A 522 -21.28 19.80 14.92
N CYS A 523 -22.53 20.18 15.14
CA CYS A 523 -23.11 21.29 14.38
C CYS A 523 -22.36 22.59 14.66
N LEU A 524 -22.04 22.84 15.92
CA LEU A 524 -21.24 24.02 16.27
C LEU A 524 -19.87 23.97 15.62
N ALA A 525 -19.23 22.80 15.64
CA ALA A 525 -17.90 22.67 15.05
C ALA A 525 -17.92 22.89 13.54
N GLN A 526 -18.92 22.31 12.86
CA GLN A 526 -19.05 22.48 11.42
C GLN A 526 -19.35 23.92 11.06
N GLU A 527 -20.17 24.60 11.87
CA GLU A 527 -20.50 25.98 11.57
C GLU A 527 -19.32 26.90 11.85
N LEU A 528 -18.50 26.57 12.87
CA LEU A 528 -17.24 27.28 13.07
C LEU A 528 -16.29 27.06 11.90
N ALA A 529 -16.24 25.84 11.37
CA ALA A 529 -15.40 25.57 10.21
C ALA A 529 -15.87 26.36 9.00
N SER A 530 -17.19 26.53 8.86
CA SER A 530 -17.72 27.40 7.81
C SER A 530 -17.32 28.85 8.05
N ALA A 531 -17.38 29.30 9.30
CA ALA A 531 -17.05 30.69 9.62
C ALA A 531 -15.56 30.98 9.59
N LEU A 532 -14.72 29.94 9.52
CA LEU A 532 -13.27 30.12 9.51
C LEU A 532 -12.77 30.96 8.34
N LYS A 533 -13.52 31.04 7.24
CA LYS A 533 -13.10 31.80 6.08
C LYS A 533 -13.53 33.26 6.12
N GLN A 534 -14.16 33.70 7.20
CA GLN A 534 -14.68 35.06 7.31
C GLN A 534 -13.79 35.91 8.21
N HIS A 535 -13.77 37.21 7.91
CA HIS A 535 -12.99 38.17 8.68
C HIS A 535 -13.92 39.26 9.23
N CYS A 536 -13.61 39.72 10.43
CA CYS A 536 -14.36 40.77 11.10
C CYS A 536 -13.42 41.88 11.53
N ARG A 537 -13.96 43.09 11.64
CA ARG A 537 -13.17 44.25 12.02
C ARG A 537 -12.95 44.26 13.53
N ALA A 538 -12.26 45.30 14.00
CA ALA A 538 -11.94 45.42 15.41
C ALA A 538 -13.20 45.72 16.22
N GLY A 539 -13.54 44.81 17.14
CA GLY A 539 -14.72 44.94 17.95
C GLY A 539 -15.96 44.28 17.38
N GLU A 540 -15.91 43.81 16.14
CA GLU A 540 -17.05 43.14 15.54
C GLU A 540 -17.11 41.68 15.97
N PHE A 541 -18.33 41.14 15.98
CA PHE A 541 -18.55 39.73 16.31
C PHE A 541 -19.65 39.19 15.42
N ILE A 542 -19.65 37.88 15.22
CA ILE A 542 -20.63 37.21 14.37
C ILE A 542 -21.49 36.31 15.23
N ILE A 543 -22.80 36.53 15.21
CA ILE A 543 -23.73 35.75 16.00
C ILE A 543 -24.60 34.88 15.12
N LYS A 544 -24.79 33.64 15.54
CA LYS A 544 -25.67 32.72 14.84
C LYS A 544 -26.43 31.86 15.83
N LYS A 545 -27.47 31.20 15.32
CA LYS A 545 -28.21 30.21 16.07
C LYS A 545 -27.97 28.84 15.45
N LEU A 546 -27.88 27.82 16.31
CA LEU A 546 -27.88 26.46 15.82
C LEU A 546 -29.19 26.18 15.09
N LYS A 547 -29.10 25.46 13.98
CA LYS A 547 -30.25 25.30 13.10
C LYS A 547 -31.38 24.53 13.77
N PHE A 548 -31.06 23.64 14.70
CA PHE A 548 -32.06 22.83 15.37
C PHE A 548 -32.30 23.28 16.81
N TRP A 549 -31.26 23.33 17.62
CA TRP A 549 -31.17 23.60 19.04
C TRP A 549 -31.24 25.10 19.32
N PRO A 550 -31.78 25.51 20.48
CA PRO A 550 -31.85 26.93 20.83
C PRO A 550 -30.60 27.42 21.56
N ILE A 551 -29.45 27.31 20.89
CA ILE A 551 -28.17 27.77 21.42
C ILE A 551 -27.66 28.87 20.51
N TYR A 552 -27.22 29.98 21.10
CA TYR A 552 -26.71 31.10 20.34
C TYR A 552 -25.20 31.19 20.50
N VAL A 553 -24.51 31.43 19.39
CA VAL A 553 -23.05 31.42 19.34
C VAL A 553 -22.56 32.79 18.91
N ILE A 554 -21.66 33.36 19.73
CA ILE A 554 -20.90 34.56 19.38
C ILE A 554 -19.52 34.10 18.92
N ILE A 555 -19.05 34.64 17.80
CA ILE A 555 -17.87 34.15 17.12
C ILE A 555 -16.95 35.34 16.84
N LYS A 556 -15.69 35.21 17.24
CA LYS A 556 -14.64 36.15 16.89
C LYS A 556 -13.69 35.48 15.91
N PRO A 557 -13.70 35.86 14.63
CA PRO A 557 -12.74 35.30 13.67
C PRO A 557 -11.46 36.10 13.55
N THR A 558 -10.31 35.42 13.61
CA THR A 558 -9.03 36.04 13.28
C THR A 558 -8.64 35.76 11.84
N LYS A 559 -8.45 34.49 11.49
CA LYS A 559 -8.18 34.04 10.13
C LYS A 559 -8.31 32.52 10.12
N SER A 560 -8.06 31.92 8.95
CA SER A 560 -8.23 30.48 8.82
C SER A 560 -7.12 29.71 9.52
N SER A 561 -5.89 30.22 9.47
CA SER A 561 -4.75 29.53 10.04
C SER A 561 -4.50 29.88 11.50
N SER A 562 -5.34 30.70 12.10
CA SER A 562 -5.23 31.06 13.51
C SER A 562 -6.51 30.65 14.24
N HIS A 563 -6.61 31.08 15.49
CA HIS A 563 -7.70 30.62 16.35
C HIS A 563 -9.03 31.24 15.97
N ILE A 564 -10.09 30.48 16.20
CA ILE A 564 -11.48 30.94 16.15
C ILE A 564 -11.97 30.98 17.59
N PHE A 565 -12.64 32.07 17.97
CA PHE A 565 -13.13 32.21 19.33
C PHE A 565 -14.64 32.14 19.36
N TYR A 566 -15.19 31.47 20.37
CA TYR A 566 -16.63 31.33 20.47
C TYR A 566 -17.08 31.42 21.92
N SER A 567 -18.29 31.93 22.09
CA SER A 567 -18.99 31.99 23.38
C SER A 567 -20.42 31.54 23.15
N LEU A 568 -20.91 30.66 24.01
CA LEU A 568 -22.22 30.05 23.85
C LEU A 568 -23.19 30.58 24.90
N GLY A 569 -24.43 30.81 24.48
CA GLY A 569 -25.47 31.26 25.40
C GLY A 569 -26.79 30.56 25.17
N ILE A 570 -27.49 30.24 26.24
CA ILE A 570 -28.77 29.53 26.13
C ILE A 570 -29.67 29.97 27.28
N ARG A 571 -30.97 30.08 27.00
CA ARG A 571 -31.93 30.35 28.07
C ARG A 571 -31.95 29.20 29.07
N LYS A 572 -32.14 29.54 30.34
CA LYS A 572 -32.10 28.53 31.40
C LYS A 572 -33.28 27.57 31.34
N ALA A 573 -34.34 27.93 30.63
CA ALA A 573 -35.50 27.04 30.51
C ALA A 573 -35.35 26.03 29.38
N ASP A 574 -34.51 26.31 28.38
CA ASP A 574 -34.35 25.42 27.24
C ASP A 574 -33.42 24.25 27.52
N VAL A 575 -32.64 24.28 28.59
CA VAL A 575 -31.77 23.16 28.96
C VAL A 575 -32.62 22.13 29.72
N THR A 576 -32.97 21.06 29.03
CA THR A 576 -33.84 20.05 29.64
C THR A 576 -33.07 19.18 30.63
N ARG A 577 -31.85 18.77 30.25
CA ARG A 577 -31.01 17.97 31.13
C ARG A 577 -29.55 18.22 30.76
N ARG A 578 -28.66 17.79 31.64
CA ARG A 578 -27.23 18.00 31.49
C ARG A 578 -26.50 16.67 31.64
N LEU A 579 -25.26 16.66 31.19
CA LEU A 579 -24.40 15.47 31.34
C LEU A 579 -23.70 15.52 32.69
N THR A 580 -23.85 14.44 33.46
CA THR A 580 -23.26 14.38 34.78
C THR A 580 -21.74 14.30 34.70
N GLY A 581 -21.08 14.82 35.74
CA GLY A 581 -19.63 14.81 35.81
C GLY A 581 -19.08 16.20 36.01
N ARG A 582 -17.94 16.28 36.68
CA ARG A 582 -17.26 17.55 36.94
C ARG A 582 -16.07 17.77 36.02
N VAL A 583 -16.12 17.21 34.82
CA VAL A 583 -15.04 17.35 33.85
C VAL A 583 -15.31 18.49 32.86
N PHE A 584 -16.29 19.32 33.14
CA PHE A 584 -16.69 20.40 32.24
C PHE A 584 -16.29 21.75 32.81
N SER A 585 -16.00 22.68 31.91
CA SER A 585 -15.60 24.03 32.32
C SER A 585 -16.77 24.76 32.97
N ASP A 586 -16.44 25.71 33.84
CA ASP A 586 -17.46 26.47 34.56
C ASP A 586 -18.20 27.39 33.60
N THR A 587 -19.51 27.47 33.79
CA THR A 587 -20.38 28.30 32.96
C THR A 587 -20.94 29.45 33.78
N ILE A 588 -20.97 30.64 33.18
CA ILE A 588 -21.47 31.83 33.87
C ILE A 588 -22.98 31.73 34.02
N ASP A 589 -23.45 31.91 35.24
CA ASP A 589 -24.89 31.85 35.55
C ASP A 589 -25.41 33.28 35.65
N ALA A 590 -26.07 33.75 34.60
CA ALA A 590 -26.69 35.07 34.60
C ALA A 590 -28.13 34.94 35.09
N GLY A 591 -28.91 36.00 34.89
CA GLY A 591 -30.29 36.02 35.37
C GLY A 591 -31.20 34.99 34.72
N GLU A 592 -31.47 35.17 33.43
CA GLU A 592 -32.31 34.25 32.68
C GLU A 592 -31.56 33.48 31.62
N TRP A 593 -30.24 33.67 31.53
CA TRP A 593 -29.41 33.01 30.53
C TRP A 593 -28.22 32.37 31.20
N GLU A 594 -27.72 31.29 30.59
CA GLU A 594 -26.47 30.66 30.96
C GLU A 594 -25.48 30.85 29.83
N LEU A 595 -24.29 31.31 30.17
CA LEU A 595 -23.31 31.75 29.20
C LEU A 595 -21.99 31.02 29.43
N THR A 596 -21.17 30.98 28.39
CA THR A 596 -19.87 30.31 28.43
C THR A 596 -18.80 31.29 27.97
N GLU A 597 -17.66 31.27 28.66
CA GLU A 597 -16.57 32.18 28.34
C GLU A 597 -15.98 31.86 26.96
N PHE A 598 -15.18 32.80 26.46
CA PHE A 598 -14.61 32.68 25.13
C PHE A 598 -13.59 31.55 25.10
N LYS A 599 -13.84 30.55 24.26
CA LYS A 599 -12.91 29.44 24.04
C LYS A 599 -12.44 29.46 22.61
N SER A 600 -11.28 28.86 22.38
CA SER A 600 -10.63 28.92 21.08
C SER A 600 -10.50 27.53 20.46
N LEU A 601 -10.56 27.49 19.13
CA LEU A 601 -10.34 26.28 18.36
C LEU A 601 -9.49 26.62 17.15
N LYS A 602 -8.95 25.59 16.50
CA LYS A 602 -8.15 25.75 15.31
C LYS A 602 -8.72 24.89 14.19
N THR A 603 -8.11 24.96 13.02
CA THR A 603 -8.54 24.15 11.88
C THR A 603 -8.33 22.67 12.15
N CYS A 604 -7.19 22.32 12.74
CA CYS A 604 -6.89 20.92 13.02
C CYS A 604 -7.79 20.34 14.11
N LYS A 605 -8.14 21.14 15.12
CA LYS A 605 -8.93 20.63 16.23
C LYS A 605 -10.40 20.43 15.86
N LEU A 606 -10.87 21.06 14.79
CA LEU A 606 -12.30 21.00 14.47
C LEU A 606 -12.70 19.65 13.89
N THR A 607 -11.78 18.90 13.29
CA THR A 607 -12.14 17.67 12.59
C THR A 607 -12.67 16.62 13.56
N ASN A 608 -12.06 16.50 14.74
CA ASN A 608 -12.52 15.53 15.72
C ASN A 608 -13.91 15.90 16.25
N LEU A 609 -14.16 17.19 16.44
CA LEU A 609 -15.47 17.62 16.92
C LEU A 609 -16.54 17.48 15.85
N VAL A 610 -16.18 17.64 14.58
CA VAL A 610 -17.13 17.41 13.49
C VAL A 610 -17.53 15.94 13.44
N ASN A 611 -16.55 15.05 13.58
CA ASN A 611 -16.75 13.61 13.49
C ASN A 611 -17.23 13.00 14.80
N LEU A 612 -17.80 13.82 15.70
CA LEU A 612 -18.04 13.34 17.06
C LEU A 612 -19.19 12.34 17.16
N PRO A 613 -20.41 12.61 16.65
CA PRO A 613 -21.49 11.63 16.86
C PRO A 613 -21.24 10.29 16.21
N CYS A 614 -20.61 10.28 15.03
CA CYS A 614 -20.24 9.02 14.40
C CYS A 614 -19.23 8.26 15.24
N THR A 615 -18.27 8.99 15.83
CA THR A 615 -17.28 8.37 16.70
C THR A 615 -17.94 7.71 17.90
N MET A 616 -18.88 8.41 18.54
CA MET A 616 -19.58 7.83 19.68
C MET A 616 -20.46 6.65 19.27
N LEU A 617 -21.10 6.72 18.10
CA LEU A 617 -21.93 5.62 17.64
C LEU A 617 -21.09 4.36 17.41
N ASN A 618 -19.95 4.52 16.75
CA ASN A 618 -19.06 3.38 16.51
C ASN A 618 -18.48 2.85 17.82
N SER A 619 -18.15 3.75 18.75
CA SER A 619 -17.62 3.31 20.03
C SER A 619 -18.65 2.50 20.81
N ILE A 620 -19.90 2.98 20.83
CA ILE A 620 -20.96 2.24 21.51
C ILE A 620 -21.18 0.88 20.86
N ALA A 621 -21.18 0.82 19.53
CA ALA A 621 -21.37 -0.46 18.85
C ALA A 621 -20.25 -1.44 19.17
N PHE A 622 -19.00 -0.98 19.07
CA PHE A 622 -17.86 -1.87 19.31
C PHE A 622 -17.82 -2.35 20.75
N TRP A 623 -17.88 -1.43 21.71
CA TRP A 623 -17.80 -1.83 23.10
C TRP A 623 -19.08 -2.50 23.59
N ARG A 624 -20.16 -2.44 22.81
CA ARG A 624 -21.35 -3.23 23.14
C ARG A 624 -21.19 -4.67 22.67
N GLU A 625 -20.67 -4.88 21.46
CA GLU A 625 -20.51 -6.27 21.03
C GLU A 625 -19.33 -6.95 21.69
N LYS A 626 -18.31 -6.19 22.14
CA LYS A 626 -17.13 -6.82 22.72
C LYS A 626 -17.42 -7.39 24.09
N LEU A 627 -18.46 -6.91 24.76
CA LEU A 627 -18.82 -7.44 26.07
C LEU A 627 -19.82 -8.59 25.98
N GLY A 628 -20.25 -8.97 24.79
CA GLY A 628 -21.06 -10.16 24.60
C GLY A 628 -22.55 -9.97 24.56
N VAL A 629 -23.04 -8.74 24.44
CA VAL A 629 -24.47 -8.49 24.33
C VAL A 629 -24.79 -8.11 22.89
N ALA A 630 -25.88 -8.69 22.38
CA ALA A 630 -26.28 -8.52 20.99
C ALA A 630 -26.88 -7.13 20.76
N PRO A 631 -26.79 -6.61 19.54
CA PRO A 631 -27.46 -5.32 19.24
C PRO A 631 -28.96 -5.35 19.40
N TRP A 632 -29.61 -6.50 19.21
CA TRP A 632 -31.06 -6.59 19.28
C TRP A 632 -31.57 -6.91 20.69
N LEU A 633 -30.71 -6.91 21.68
CA LEU A 633 -31.11 -7.16 23.06
C LEU A 633 -31.09 -5.86 23.85
N VAL A 634 -31.92 -5.80 24.89
CA VAL A 634 -32.06 -4.63 25.74
C VAL A 634 -31.39 -4.93 27.07
N ARG A 635 -30.34 -4.18 27.40
CA ARG A 635 -29.62 -4.37 28.65
C ARG A 635 -29.11 -3.03 29.15
N LYS A 636 -29.13 -2.86 30.46
CA LYS A 636 -28.62 -1.64 31.06
C LYS A 636 -27.10 -1.57 30.88
N PRO A 637 -26.54 -0.39 30.65
CA PRO A 637 -25.09 -0.27 30.52
C PRO A 637 -24.37 -0.65 31.81
N CYS A 638 -23.24 -1.33 31.66
CA CYS A 638 -22.44 -1.77 32.80
C CYS A 638 -21.32 -0.78 33.07
N SER A 639 -20.50 -1.10 34.07
CA SER A 639 -19.46 -0.17 34.50
C SER A 639 -18.35 -0.06 33.46
N GLU A 640 -17.89 -1.19 32.92
CA GLU A 640 -16.75 -1.16 32.01
C GLU A 640 -17.12 -0.56 30.65
N LEU A 641 -18.35 -0.82 30.18
CA LEU A 641 -18.80 -0.19 28.94
C LEU A 641 -18.85 1.33 29.07
N ARG A 642 -19.38 1.81 30.20
CA ARG A 642 -19.41 3.25 30.45
C ARG A 642 -18.01 3.81 30.58
N GLU A 643 -17.10 3.07 31.22
CA GLU A 643 -15.73 3.53 31.38
C GLU A 643 -15.03 3.67 30.04
N GLN A 644 -15.19 2.67 29.17
CA GLN A 644 -14.55 2.73 27.85
C GLN A 644 -15.14 3.83 26.99
N VAL A 645 -16.48 3.98 27.00
CA VAL A 645 -17.11 5.03 26.21
C VAL A 645 -16.70 6.41 26.71
N GLY A 646 -16.65 6.59 28.04
CA GLY A 646 -16.23 7.87 28.58
C GLY A 646 -14.78 8.19 28.30
N LEU A 647 -13.91 7.16 28.34
CA LEU A 647 -12.51 7.38 28.01
C LEU A 647 -12.35 7.79 26.55
N THR A 648 -13.08 7.12 25.65
CA THR A 648 -13.08 7.53 24.25
C THR A 648 -13.59 8.96 24.09
N PHE A 649 -14.64 9.30 24.82
CA PHE A 649 -15.21 10.65 24.79
C PHE A 649 -14.18 11.69 25.22
N LEU A 650 -13.48 11.43 26.31
CA LEU A 650 -12.51 12.40 26.82
C LEU A 650 -11.31 12.52 25.91
N ILE A 651 -10.83 11.40 25.36
CA ILE A 651 -9.69 11.46 24.44
C ILE A 651 -10.06 12.24 23.18
N SER A 652 -11.26 11.99 22.65
CA SER A 652 -11.70 12.71 21.46
C SER A 652 -11.91 14.20 21.73
N LEU A 653 -12.43 14.53 22.91
CA LEU A 653 -12.69 15.94 23.21
C LEU A 653 -11.41 16.71 23.52
N GLU A 654 -10.41 16.06 24.12
CA GLU A 654 -9.20 16.79 24.48
C GLU A 654 -8.31 17.05 23.27
N ASP A 655 -7.93 15.98 22.56
CA ASP A 655 -7.14 16.04 21.33
C ASP A 655 -5.78 16.71 21.60
N LYS A 656 -4.98 16.04 22.42
CA LYS A 656 -3.63 16.46 22.73
C LYS A 656 -2.67 15.29 22.60
N SER A 657 -1.44 15.57 22.15
CA SER A 657 -0.49 14.51 21.83
C SER A 657 0.00 13.81 23.09
N LYS A 658 0.38 14.58 24.11
CA LYS A 658 0.87 14.00 25.35
C LYS A 658 -0.21 13.17 26.03
N THR A 659 -1.48 13.51 25.81
CA THR A 659 -2.57 12.72 26.37
C THR A 659 -2.60 11.31 25.80
N GLU A 660 -2.41 11.18 24.49
CA GLU A 660 -2.49 9.88 23.84
C GLU A 660 -1.17 9.11 23.87
N GLU A 661 -0.04 9.80 24.13
CA GLU A 661 1.24 9.10 24.19
C GLU A 661 1.27 8.09 25.34
N ILE A 662 0.71 8.47 26.48
CA ILE A 662 0.73 7.61 27.67
C ILE A 662 -0.05 6.33 27.42
N ILE A 663 -1.22 6.45 26.79
CA ILE A 663 -2.01 5.26 26.51
C ILE A 663 -1.48 4.50 25.30
N THR A 664 -0.70 5.16 24.44
CA THR A 664 -0.02 4.45 23.35
C THR A 664 1.08 3.55 23.90
N LEU A 665 1.83 4.02 24.89
CA LEU A 665 2.90 3.22 25.48
C LEU A 665 2.38 2.06 26.33
N THR A 666 1.07 2.01 26.61
CA THR A 666 0.53 0.93 27.41
C THR A 666 0.60 -0.42 26.72
N ARG A 667 0.61 -0.45 25.39
CA ARG A 667 0.79 -1.70 24.67
C ARG A 667 2.16 -2.31 24.95
N TYR A 668 3.21 -1.50 24.82
CA TYR A 668 4.57 -1.94 25.12
C TYR A 668 4.75 -2.25 26.59
N THR A 669 4.05 -1.53 27.46
CA THR A 669 4.07 -1.85 28.89
C THR A 669 3.42 -3.19 29.20
N GLN A 670 2.26 -3.47 28.61
CA GLN A 670 1.47 -4.64 28.96
C GLN A 670 1.87 -5.89 28.21
N MET A 671 2.65 -5.78 27.14
CA MET A 671 3.18 -6.99 26.52
C MET A 671 4.25 -7.67 27.37
N GLU A 672 4.79 -6.99 28.38
CA GLU A 672 5.80 -7.57 29.24
C GLU A 672 5.23 -8.56 30.25
N GLY A 673 3.92 -8.66 30.37
CA GLY A 673 3.33 -9.65 31.25
C GLY A 673 3.30 -11.05 30.68
N PHE A 674 3.75 -11.23 29.44
CA PHE A 674 3.82 -12.53 28.80
C PHE A 674 5.21 -13.15 28.89
N VAL A 675 6.13 -12.51 29.62
CA VAL A 675 7.51 -13.01 29.70
C VAL A 675 7.54 -14.25 30.58
N SER A 676 8.13 -15.31 30.05
CA SER A 676 8.14 -16.64 30.68
C SER A 676 9.37 -16.81 31.55
N PRO A 677 9.28 -17.67 32.56
CA PRO A 677 10.46 -18.02 33.36
C PRO A 677 11.43 -18.86 32.56
N PRO A 678 12.73 -18.84 32.91
CA PRO A 678 13.28 -17.97 33.95
C PRO A 678 13.64 -16.58 33.44
N MET A 679 12.80 -15.61 33.80
CA MET A 679 12.98 -14.19 33.54
C MET A 679 11.82 -13.45 34.20
N LEU A 680 12.11 -12.32 34.81
CA LEU A 680 10.99 -11.62 35.41
C LEU A 680 10.43 -10.58 34.44
N PRO A 681 9.15 -10.24 34.56
CA PRO A 681 8.61 -9.13 33.77
C PRO A 681 9.31 -7.83 34.12
N LYS A 682 9.55 -7.01 33.10
CA LYS A 682 10.31 -5.77 33.25
C LYS A 682 9.50 -4.62 32.65
N PRO A 683 8.41 -4.21 33.32
CA PRO A 683 7.60 -3.12 32.76
C PRO A 683 8.16 -1.74 33.05
N GLN A 684 9.07 -1.61 34.02
CA GLN A 684 9.60 -0.30 34.41
C GLN A 684 10.73 0.18 33.51
N LYS A 685 10.90 -0.43 32.34
CA LYS A 685 11.89 0.05 31.38
C LYS A 685 11.38 1.21 30.53
N MET A 686 10.08 1.51 30.58
CA MET A 686 9.48 2.56 29.78
C MET A 686 9.33 3.87 30.54
N LEU A 687 9.98 4.00 31.70
CA LEU A 687 10.02 5.28 32.39
C LEU A 687 10.80 6.33 31.60
N GLY A 688 11.66 5.89 30.67
CA GLY A 688 12.42 6.84 29.88
C GLY A 688 11.58 7.66 28.95
N LYS A 689 10.56 7.04 28.34
CA LYS A 689 9.66 7.76 27.45
C LYS A 689 8.48 8.38 28.16
N LEU A 690 8.29 8.11 29.45
CA LEU A 690 7.21 8.70 30.21
C LEU A 690 7.60 10.02 30.87
N ASP A 691 8.80 10.52 30.60
CA ASP A 691 9.17 11.84 31.06
C ASP A 691 8.50 12.91 30.20
N GLY A 692 8.57 14.15 30.67
CA GLY A 692 7.98 15.26 29.96
C GLY A 692 6.88 15.91 30.76
N PRO A 693 6.62 17.19 30.46
CA PRO A 693 5.67 17.95 31.27
C PRO A 693 4.23 17.49 31.07
N LEU A 694 3.45 17.65 32.14
CA LEU A 694 2.01 17.37 32.12
C LEU A 694 1.26 18.69 32.25
N ARG A 695 0.30 18.90 31.34
CA ARG A 695 -0.40 20.17 31.28
C ARG A 695 -1.91 20.08 31.43
N THR A 696 -2.47 18.87 31.52
CA THR A 696 -3.90 18.71 31.75
C THR A 696 -4.13 17.70 32.86
N LYS A 697 -5.33 17.76 33.45
CA LYS A 697 -5.69 16.83 34.52
C LYS A 697 -5.82 15.40 33.99
N LEU A 698 -6.31 15.26 32.76
CA LEU A 698 -6.45 13.92 32.18
C LEU A 698 -5.09 13.27 31.96
N GLN A 699 -4.07 14.07 31.59
CA GLN A 699 -2.73 13.54 31.44
C GLN A 699 -2.20 13.01 32.77
N VAL A 700 -2.44 13.74 33.85
CA VAL A 700 -2.02 13.31 35.18
C VAL A 700 -2.73 12.01 35.56
N TYR A 701 -4.04 11.94 35.32
CA TYR A 701 -4.80 10.75 35.64
C TYR A 701 -4.30 9.54 34.87
N LEU A 702 -4.05 9.72 33.56
CA LEU A 702 -3.55 8.63 32.73
C LEU A 702 -2.16 8.20 33.18
N LEU A 703 -1.32 9.16 33.57
CA LEU A 703 0.03 8.80 34.03
C LEU A 703 -0.02 7.99 35.31
N ARG A 704 -0.87 8.40 36.27
CA ARG A 704 -0.96 7.63 37.51
C ARG A 704 -1.55 6.24 37.27
N LYS A 705 -2.53 6.14 36.38
CA LYS A 705 -3.06 4.81 36.06
C LYS A 705 -2.03 3.95 35.36
N HIS A 706 -1.19 4.55 34.51
CA HIS A 706 -0.11 3.81 33.87
C HIS A 706 0.92 3.35 34.89
N LEU A 707 1.24 4.19 35.87
CA LEU A 707 2.17 3.79 36.94
C LEU A 707 1.61 2.62 37.74
N ASP A 708 0.33 2.69 38.09
CA ASP A 708 -0.31 1.57 38.79
C ASP A 708 -0.32 0.31 37.96
N CYS A 709 -0.53 0.45 36.64
CA CYS A 709 -0.49 -0.70 35.75
C CYS A 709 0.90 -1.33 35.70
N MET A 710 1.96 -0.51 35.68
CA MET A 710 3.30 -1.07 35.71
C MET A 710 3.59 -1.80 37.02
N VAL A 711 3.17 -1.23 38.15
CA VAL A 711 3.38 -1.90 39.43
C VAL A 711 2.63 -3.23 39.47
N ARG A 712 1.38 -3.23 38.98
CA ARG A 712 0.59 -4.46 38.99
C ARG A 712 1.17 -5.51 38.05
N ILE A 713 1.73 -5.08 36.92
CA ILE A 713 2.35 -6.01 35.98
C ILE A 713 3.62 -6.61 36.57
N ALA A 714 4.47 -5.77 37.16
CA ALA A 714 5.69 -6.27 37.79
C ALA A 714 5.39 -7.17 38.97
N SER A 715 4.26 -6.94 39.64
CA SER A 715 3.90 -7.79 40.77
C SER A 715 3.53 -9.21 40.34
N GLN A 716 2.71 -9.35 39.30
CA GLN A 716 2.24 -10.67 38.89
C GLN A 716 2.13 -10.76 37.36
N PRO A 717 2.73 -11.77 36.75
CA PRO A 717 2.61 -11.93 35.30
C PRO A 717 1.25 -12.51 34.92
N PHE A 718 0.99 -12.52 33.61
CA PHE A 718 -0.23 -13.11 33.09
C PHE A 718 -0.19 -14.62 33.22
N SER A 719 -1.27 -15.19 33.75
CA SER A 719 -1.32 -16.63 34.04
C SER A 719 -1.55 -17.38 32.74
N LEU A 720 -0.53 -18.11 32.28
CA LEU A 720 -0.63 -18.89 31.06
C LEU A 720 -1.07 -20.30 31.42
N ILE A 721 -2.32 -20.63 31.11
CA ILE A 721 -2.91 -21.92 31.46
C ILE A 721 -2.90 -22.82 30.22
N PRO A 722 -2.24 -23.98 30.27
CA PRO A 722 -2.39 -24.98 29.22
C PRO A 722 -3.64 -25.81 29.44
N ARG A 723 -4.63 -25.61 28.58
CA ARG A 723 -5.88 -26.37 28.68
C ARG A 723 -5.76 -27.66 27.89
N GLU A 724 -6.90 -28.33 27.64
CA GLU A 724 -6.88 -29.64 27.02
C GLU A 724 -6.32 -29.59 25.60
N GLY A 725 -6.68 -28.57 24.83
CA GLY A 725 -6.24 -28.50 23.45
C GLY A 725 -5.71 -27.15 23.02
N ARG A 726 -5.72 -26.18 23.92
CA ARG A 726 -5.27 -24.83 23.58
C ARG A 726 -4.69 -24.15 24.80
N VAL A 727 -3.88 -23.12 24.55
CA VAL A 727 -3.22 -22.36 25.60
C VAL A 727 -3.93 -21.02 25.75
N GLU A 728 -4.33 -20.70 26.98
CA GLU A 728 -5.09 -19.48 27.24
C GLU A 728 -4.35 -18.61 28.24
N TRP A 729 -4.69 -17.33 28.25
CA TRP A 729 -4.11 -16.37 29.18
C TRP A 729 -5.21 -15.82 30.08
N GLY A 730 -4.93 -15.78 31.38
CA GLY A 730 -5.87 -15.23 32.33
C GLY A 730 -5.19 -14.21 33.23
N GLY A 731 -6.01 -13.43 33.90
CA GLY A 731 -5.53 -12.34 34.73
C GLY A 731 -5.28 -11.04 33.99
N THR A 732 -5.56 -10.99 32.69
CA THR A 732 -5.37 -9.77 31.93
C THR A 732 -6.40 -8.71 32.32
N PHE A 733 -6.04 -7.45 32.06
CA PHE A 733 -6.81 -6.33 32.60
C PHE A 733 -6.59 -5.09 31.74
N HIS A 734 -7.48 -4.12 31.90
CA HIS A 734 -7.43 -2.89 31.13
C HIS A 734 -6.21 -2.05 31.49
N ALA A 735 -5.73 -1.30 30.51
CA ALA A 735 -4.54 -0.47 30.73
C ALA A 735 -4.83 0.68 31.68
N ILE A 736 -6.00 1.32 31.55
CA ILE A 736 -6.30 2.51 32.32
C ILE A 736 -7.28 2.21 33.45
N SER A 737 -8.46 1.68 33.10
CA SER A 737 -9.48 1.45 34.11
C SER A 737 -9.11 0.31 35.06
N GLY A 738 -8.28 -0.62 34.60
CA GLY A 738 -7.77 -1.67 35.47
C GLY A 738 -8.72 -2.84 35.69
N ARG A 739 -9.90 -2.83 35.08
CA ARG A 739 -10.84 -3.93 35.25
C ARG A 739 -10.41 -5.13 34.43
N SER A 740 -10.61 -6.32 34.99
CA SER A 740 -10.24 -7.55 34.31
C SER A 740 -11.16 -7.80 33.12
N THR A 741 -10.57 -8.04 31.96
CA THR A 741 -11.31 -8.26 30.71
C THR A 741 -10.65 -9.42 29.98
N ASN A 742 -10.93 -9.54 28.70
CA ASN A 742 -10.33 -10.57 27.86
C ASN A 742 -9.09 -10.04 27.15
N LEU A 743 -8.39 -10.95 26.47
CA LEU A 743 -7.17 -10.59 25.77
C LEU A 743 -7.45 -9.64 24.61
N GLU A 744 -8.50 -9.93 23.83
CA GLU A 744 -8.87 -9.06 22.72
C GLU A 744 -9.25 -7.67 23.20
N ASN A 745 -9.98 -7.59 24.32
CA ASN A 745 -10.34 -6.30 24.88
C ASN A 745 -9.10 -5.53 25.33
N MET A 746 -8.11 -6.22 25.92
CA MET A 746 -6.88 -5.56 26.32
C MET A 746 -6.12 -5.02 25.12
N VAL A 747 -6.01 -5.82 24.05
CA VAL A 747 -5.27 -5.38 22.87
C VAL A 747 -5.97 -4.20 22.22
N ASN A 748 -7.30 -4.23 22.18
CA ASN A 748 -8.06 -3.11 21.63
C ASN A 748 -7.92 -1.86 22.51
N SER A 749 -7.94 -2.04 23.82
CA SER A 749 -7.80 -0.92 24.75
C SER A 749 -6.41 -0.31 24.72
N TRP A 750 -5.41 -1.05 24.24
CA TRP A 750 -4.13 -0.44 23.93
C TRP A 750 -4.21 0.61 22.84
N TYR A 751 -5.30 0.63 22.07
CA TYR A 751 -5.35 1.38 20.82
C TYR A 751 -6.40 2.49 20.86
N ILE A 752 -6.84 2.90 22.05
CA ILE A 752 -7.81 3.99 22.16
C ILE A 752 -7.17 5.34 21.86
N GLY A 753 -5.84 5.42 21.89
CA GLY A 753 -5.16 6.68 21.71
C GLY A 753 -5.10 7.20 20.30
N TYR A 754 -5.60 6.45 19.32
CA TYR A 754 -5.60 6.93 17.95
C TYR A 754 -6.85 7.72 17.60
N TYR A 755 -7.71 7.99 18.58
CA TYR A 755 -8.85 8.87 18.36
C TYR A 755 -8.45 10.32 18.20
N LYS A 756 -7.23 10.68 18.61
CA LYS A 756 -6.65 11.97 18.24
C LYS A 756 -6.43 12.02 16.74
N ASN A 757 -6.56 13.22 16.18
CA ASN A 757 -6.26 13.43 14.76
C ASN A 757 -4.79 13.18 14.46
N LYS A 758 -4.54 12.53 13.32
CA LYS A 758 -3.20 12.52 12.77
C LYS A 758 -2.78 13.93 12.36
N GLU A 759 -3.62 14.59 11.56
CA GLU A 759 -3.28 15.85 10.91
C GLU A 759 -3.45 16.97 11.92
N GLU A 760 -2.45 17.11 12.79
CA GLU A 760 -2.42 18.17 13.80
C GLU A 760 -1.47 19.27 13.34
N SER A 761 -1.99 20.49 13.24
CA SER A 761 -1.17 21.61 12.83
C SER A 761 -0.12 21.91 13.89
N THR A 762 1.14 21.97 13.47
CA THR A 762 2.26 22.11 14.39
C THR A 762 2.70 23.57 14.44
N GLU A 763 2.65 24.17 15.62
CA GLU A 763 3.11 25.53 15.79
C GLU A 763 4.63 25.59 15.70
N LEU A 764 5.15 26.77 15.38
CA LEU A 764 6.58 26.94 15.13
C LEU A 764 7.41 26.63 16.37
N ASN A 765 6.89 26.92 17.57
CA ASN A 765 7.63 26.68 18.79
C ASN A 765 7.92 25.21 19.02
N ALA A 766 7.14 24.32 18.42
CA ALA A 766 7.40 22.89 18.52
C ALA A 766 8.34 22.39 17.43
N LEU A 767 8.69 23.21 16.44
CA LEU A 767 9.62 22.79 15.41
C LEU A 767 11.05 22.72 15.90
N GLY A 768 11.39 23.47 16.95
CA GLY A 768 12.75 23.41 17.47
C GLY A 768 13.07 22.07 18.13
N GLU A 769 12.14 21.56 18.94
CA GLU A 769 12.41 20.35 19.70
C GLU A 769 12.55 19.13 18.79
N MET A 770 11.79 19.07 17.71
CA MET A 770 11.97 17.99 16.73
C MET A 770 13.25 18.14 15.93
N TYR A 771 13.93 19.28 16.03
CA TYR A 771 15.29 19.42 15.52
C TYR A 771 16.32 18.78 16.44
N LYS A 772 15.93 18.37 17.64
CA LYS A 772 16.86 17.74 18.58
C LYS A 772 17.36 16.41 18.05
N LYS A 773 16.45 15.56 17.58
CA LYS A 773 16.81 14.19 17.21
C LYS A 773 17.82 14.14 16.07
N ILE A 774 17.81 15.15 15.19
CA ILE A 774 18.80 15.23 14.13
C ILE A 774 20.18 15.53 14.72
N VAL A 775 20.23 16.43 15.71
CA VAL A 775 21.51 16.94 16.19
C VAL A 775 22.04 16.11 17.36
N GLU A 776 21.16 15.69 18.28
CA GLU A 776 21.62 15.12 19.55
C GLU A 776 22.37 13.82 19.38
N MET A 777 22.19 13.11 18.27
CA MET A 777 22.98 11.92 17.99
C MET A 777 24.09 12.19 16.98
N GLU A 778 24.03 13.31 16.26
CA GLU A 778 25.11 13.68 15.34
C GLU A 778 26.32 14.22 16.09
N GLU A 779 26.11 14.95 17.18
CA GLU A 779 27.21 15.63 17.85
C GLU A 779 28.18 14.67 18.51
N ASP A 780 27.77 13.43 18.78
CA ASP A 780 28.62 12.44 19.42
C ASP A 780 29.27 11.50 18.42
N LYS A 781 29.61 12.00 17.23
CA LYS A 781 30.39 11.21 16.28
C LYS A 781 31.76 10.91 16.85
N PRO A 782 32.26 9.68 16.72
CA PRO A 782 33.64 9.39 17.14
C PRO A 782 34.64 10.17 16.29
N SER A 783 35.72 10.60 16.93
CA SER A 783 36.73 11.39 16.22
C SER A 783 37.54 10.51 15.28
N SER A 784 37.85 9.27 15.69
CA SER A 784 38.65 8.38 14.87
C SER A 784 37.74 7.59 13.93
N PRO A 785 37.94 7.67 12.62
CA PRO A 785 37.10 6.90 11.69
C PRO A 785 37.62 5.49 11.48
N GLU A 786 38.59 5.07 12.30
CA GLU A 786 39.19 3.75 12.16
C GLU A 786 38.38 2.64 12.80
N PHE A 787 37.30 2.97 13.51
CA PHE A 787 36.28 2.00 13.89
C PHE A 787 35.01 2.12 13.06
N LEU A 788 35.03 2.91 11.98
CA LEU A 788 33.86 3.13 11.14
C LEU A 788 33.83 2.19 9.93
N GLY A 789 34.60 1.11 9.96
CA GLY A 789 34.62 0.18 8.85
C GLY A 789 35.99 -0.35 8.53
N TRP A 790 37.00 0.12 9.27
CA TRP A 790 38.38 -0.28 9.03
C TRP A 790 38.77 -1.49 9.87
N GLY A 791 38.65 -1.38 11.19
CA GLY A 791 39.10 -2.41 12.10
C GLY A 791 37.96 -3.09 12.84
N ASP A 792 38.34 -3.80 13.91
CA ASP A 792 37.42 -4.54 14.74
C ASP A 792 37.45 -4.02 16.17
N THR A 793 36.30 -4.07 16.83
CA THR A 793 36.17 -3.60 18.20
C THR A 793 35.28 -4.56 18.99
N ASP A 794 35.71 -4.89 20.20
CA ASP A 794 34.94 -5.73 21.10
C ASP A 794 34.07 -4.96 22.07
N SER A 795 34.33 -3.67 22.26
CA SER A 795 33.50 -2.79 23.08
C SER A 795 33.20 -1.56 22.24
N PRO A 796 32.27 -1.68 21.28
CA PRO A 796 32.10 -0.63 20.28
C PRO A 796 31.21 0.50 20.80
N LYS A 797 31.65 1.74 20.56
CA LYS A 797 30.80 2.89 20.81
C LYS A 797 29.68 2.92 19.77
N LYS A 798 28.66 3.74 20.04
CA LYS A 798 27.55 3.84 19.11
C LYS A 798 28.01 4.58 17.86
N HIS A 799 27.42 4.21 16.72
CA HIS A 799 27.76 4.56 15.33
C HIS A 799 28.97 3.77 14.84
N GLU A 800 29.58 2.92 15.67
CA GLU A 800 30.70 2.10 15.27
C GLU A 800 30.26 0.65 15.12
N PHE A 801 31.04 -0.11 14.36
CA PHE A 801 30.72 -1.51 14.10
C PHE A 801 32.00 -2.26 13.76
N SER A 802 31.91 -3.58 13.81
CA SER A 802 33.05 -4.47 13.55
C SER A 802 33.00 -4.95 12.11
N ARG A 803 34.12 -4.81 11.40
CA ARG A 803 34.20 -5.27 10.02
C ARG A 803 34.09 -6.79 9.92
N SER A 804 34.74 -7.50 10.85
CA SER A 804 34.73 -8.96 10.82
C SER A 804 33.32 -9.52 11.04
N PHE A 805 32.56 -8.91 11.96
CA PHE A 805 31.20 -9.35 12.19
C PHE A 805 30.31 -9.11 10.98
N LEU A 806 30.51 -7.96 10.32
CA LEU A 806 29.74 -7.67 9.11
C LEU A 806 30.08 -8.66 8.00
N ARG A 807 31.37 -9.02 7.87
CA ARG A 807 31.75 -10.03 6.89
C ARG A 807 31.12 -11.37 7.22
N ALA A 808 31.09 -11.75 8.50
CA ALA A 808 30.49 -13.02 8.89
C ALA A 808 28.99 -13.05 8.59
N ALA A 809 28.28 -11.97 8.92
CA ALA A 809 26.84 -11.93 8.64
C ALA A 809 26.56 -11.92 7.14
N CYS A 810 27.35 -11.17 6.38
CA CYS A 810 27.18 -11.14 4.93
C CYS A 810 27.44 -12.50 4.31
N SER A 811 28.47 -13.22 4.79
CA SER A 811 28.75 -14.55 4.29
C SER A 811 27.65 -15.53 4.68
N SER A 812 27.06 -15.38 5.86
CA SER A 812 25.97 -16.27 6.27
C SER A 812 24.75 -16.07 5.38
N LEU A 813 24.39 -14.81 5.09
CA LEU A 813 23.27 -14.59 4.19
C LEU A 813 23.59 -15.01 2.76
N GLU A 814 24.84 -14.86 2.33
CA GLU A 814 25.25 -15.36 1.03
C GLU A 814 25.08 -16.87 0.94
N ARG A 815 25.46 -17.58 2.00
CA ARG A 815 25.27 -19.03 2.05
C ARG A 815 23.80 -19.39 1.99
N GLU A 816 22.96 -18.66 2.73
CA GLU A 816 21.53 -18.94 2.72
C GLU A 816 20.92 -18.71 1.33
N ILE A 817 21.31 -17.61 0.67
CA ILE A 817 20.79 -17.30 -0.65
C ILE A 817 21.26 -18.32 -1.67
N ALA A 818 22.53 -18.73 -1.59
CA ALA A 818 23.06 -19.74 -2.51
C ALA A 818 22.37 -21.08 -2.31
N GLN A 819 22.08 -21.44 -1.06
CA GLN A 819 21.39 -22.70 -0.80
C GLN A 819 19.95 -22.65 -1.32
N ARG A 820 19.27 -21.53 -1.13
CA ARG A 820 17.86 -21.46 -1.53
C ARG A 820 17.71 -21.37 -3.04
N HIS A 821 18.54 -20.55 -3.70
CA HIS A 821 18.37 -20.26 -5.12
C HIS A 821 19.47 -20.88 -5.97
N GLY A 822 20.14 -21.91 -5.48
CA GLY A 822 21.13 -22.63 -6.26
C GLY A 822 22.42 -21.86 -6.44
N ARG A 823 23.40 -22.54 -7.01
CA ARG A 823 24.69 -21.92 -7.28
C ARG A 823 24.56 -20.90 -8.40
N GLN A 824 25.64 -20.11 -8.58
CA GLN A 824 25.77 -19.03 -9.55
C GLN A 824 24.55 -18.11 -9.59
N TRP A 825 23.92 -17.90 -8.43
CA TRP A 825 22.78 -16.99 -8.31
C TRP A 825 23.15 -15.55 -8.59
N LYS A 826 24.44 -15.20 -8.48
CA LYS A 826 24.87 -13.84 -8.74
C LYS A 826 24.64 -13.43 -10.17
N GLN A 827 24.73 -14.37 -11.12
CA GLN A 827 24.43 -14.05 -12.51
C GLN A 827 22.95 -13.74 -12.70
N ASN A 828 22.07 -14.50 -12.04
CA ASN A 828 20.64 -14.22 -12.12
C ASN A 828 20.32 -12.87 -11.47
N LEU A 829 20.96 -12.57 -10.33
CA LEU A 829 20.78 -11.28 -9.70
C LEU A 829 21.26 -10.15 -10.61
N GLU A 830 22.38 -10.36 -11.28
CA GLU A 830 22.91 -9.37 -12.22
C GLU A 830 21.94 -9.13 -13.36
N GLU A 831 21.41 -10.20 -13.95
CA GLU A 831 20.52 -10.03 -15.09
C GLU A 831 19.20 -9.37 -14.68
N ARG A 832 18.69 -9.70 -13.48
CA ARG A 832 17.45 -9.07 -13.05
C ARG A 832 17.66 -7.61 -12.69
N VAL A 833 18.79 -7.28 -12.06
CA VAL A 833 19.10 -5.88 -11.76
C VAL A 833 19.26 -5.08 -13.04
N LEU A 834 19.96 -5.66 -14.02
CA LEU A 834 20.15 -4.98 -15.30
C LEU A 834 18.82 -4.76 -16.01
N ARG A 835 17.94 -5.77 -16.01
CA ARG A 835 16.64 -5.62 -16.64
C ARG A 835 15.80 -4.57 -15.93
N GLU A 836 15.79 -4.59 -14.59
CA GLU A 836 14.99 -3.64 -13.84
C GLU A 836 15.49 -2.21 -14.04
N ILE A 837 16.79 -2.02 -14.10
CA ILE A 837 17.33 -0.67 -14.33
C ILE A 837 17.05 -0.22 -15.76
N GLY A 838 17.26 -1.11 -16.74
CA GLY A 838 17.11 -0.72 -18.13
C GLY A 838 15.68 -0.42 -18.53
N THR A 839 14.72 -1.21 -18.03
CA THR A 839 13.32 -0.99 -18.41
C THR A 839 12.75 0.30 -17.83
N LYS A 840 13.36 0.87 -16.80
CA LYS A 840 12.86 2.10 -16.22
C LYS A 840 13.07 3.27 -17.18
N ASN A 841 12.06 4.12 -17.29
CA ASN A 841 12.09 5.32 -18.10
C ASN A 841 12.11 6.54 -17.19
N ILE A 842 11.91 7.71 -17.78
CA ILE A 842 11.86 8.94 -16.97
C ILE A 842 10.48 9.07 -16.30
N LEU A 843 9.42 8.69 -17.00
CA LEU A 843 8.06 9.01 -16.59
C LEU A 843 7.62 8.29 -15.32
N ASP A 844 8.15 7.09 -15.04
CA ASP A 844 7.68 6.33 -13.88
C ASP A 844 8.06 7.02 -12.58
N LEU A 845 9.25 7.63 -12.53
CA LEU A 845 9.66 8.40 -11.37
C LEU A 845 8.92 9.72 -11.24
N ALA A 846 8.24 10.17 -12.29
CA ALA A 846 7.42 11.36 -12.19
C ALA A 846 6.15 11.04 -11.40
N SER A 847 5.90 11.81 -10.35
CA SER A 847 4.76 11.60 -9.49
C SER A 847 4.42 12.92 -8.82
N MET A 848 3.29 12.95 -8.12
CA MET A 848 2.81 14.17 -7.47
C MET A 848 3.28 14.29 -6.04
N LYS A 849 4.43 13.69 -5.72
CA LYS A 849 5.03 13.82 -4.40
C LYS A 849 5.93 15.04 -4.35
N ALA A 850 6.05 15.62 -3.15
CA ALA A 850 6.79 16.86 -3.00
C ALA A 850 8.29 16.63 -3.16
N THR A 851 8.96 17.62 -3.74
CA THR A 851 10.40 17.61 -3.89
C THR A 851 10.98 18.92 -3.34
N SER A 852 12.21 18.84 -2.84
CA SER A 852 12.84 20.00 -2.24
C SER A 852 13.30 20.97 -3.31
N ASN A 853 13.38 22.26 -2.93
CA ASN A 853 13.90 23.30 -3.80
C ASN A 853 15.14 23.96 -3.19
N PHE A 854 15.76 23.33 -2.21
CA PHE A 854 16.89 23.92 -1.50
C PHE A 854 18.12 23.84 -2.38
N SER A 855 18.83 24.96 -2.52
CA SER A 855 20.02 25.04 -3.36
C SER A 855 21.04 25.92 -2.67
N LYS A 856 22.09 26.29 -3.41
CA LYS A 856 23.13 27.16 -2.86
C LYS A 856 22.62 28.58 -2.68
N ASP A 857 21.64 29.00 -3.48
CA ASP A 857 21.13 30.36 -3.39
C ASP A 857 20.31 30.59 -2.12
N TRP A 858 19.88 29.52 -1.45
CA TRP A 858 19.09 29.62 -0.24
C TRP A 858 19.92 29.50 1.03
N GLU A 859 21.25 29.41 0.91
CA GLU A 859 22.09 29.14 2.08
C GLU A 859 22.18 30.33 3.03
N LEU A 860 22.39 31.52 2.48
CA LEU A 860 22.62 32.71 3.30
C LEU A 860 21.30 33.33 3.69
N TYR A 861 21.08 33.50 5.00
CA TYR A 861 19.85 34.14 5.46
C TYR A 861 19.83 35.63 5.14
N SER A 862 20.99 36.26 5.01
CA SER A 862 21.04 37.69 4.72
C SER A 862 20.47 38.03 3.35
N GLU A 863 20.28 37.03 2.48
CA GLU A 863 19.71 37.25 1.17
C GLU A 863 18.28 36.71 1.03
N VAL A 864 17.92 35.68 1.79
CA VAL A 864 16.61 35.04 1.65
C VAL A 864 15.66 35.45 2.77
N GLN A 865 15.93 36.59 3.42
CA GLN A 865 15.09 37.03 4.53
C GLN A 865 13.69 37.40 4.05
N THR A 866 13.59 38.06 2.89
CA THR A 866 12.29 38.48 2.37
C THR A 866 11.60 37.36 1.61
N LYS A 867 12.35 36.65 0.76
CA LYS A 867 11.77 35.58 -0.05
C LYS A 867 11.32 34.42 0.83
N GLU A 868 10.20 33.81 0.44
CA GLU A 868 9.62 32.70 1.16
C GLU A 868 9.69 31.44 0.31
N TYR A 869 9.97 30.31 0.95
CA TYR A 869 10.35 29.08 0.28
C TYR A 869 9.14 28.17 0.11
N HIS A 870 8.91 27.71 -1.11
CA HIS A 870 7.82 26.80 -1.43
C HIS A 870 8.39 25.56 -2.11
N ARG A 871 7.95 24.39 -1.66
CA ARG A 871 8.34 23.14 -2.31
C ARG A 871 7.58 22.97 -3.62
N SER A 872 8.25 22.40 -4.61
CA SER A 872 7.65 22.14 -5.91
C SER A 872 7.22 20.67 -6.00
N LYS A 873 6.71 20.28 -7.15
CA LYS A 873 6.28 18.92 -7.41
C LYS A 873 7.32 18.18 -8.22
N LEU A 874 7.50 16.90 -7.93
CA LEU A 874 8.46 16.09 -8.67
C LEU A 874 8.03 15.90 -10.11
N LEU A 875 6.72 15.87 -10.37
CA LEU A 875 6.21 15.70 -11.72
C LEU A 875 6.64 16.84 -12.62
N GLU A 876 6.64 18.07 -12.10
CA GLU A 876 7.03 19.23 -12.90
C GLU A 876 8.49 19.15 -13.33
N LYS A 877 9.37 18.79 -12.40
CA LYS A 877 10.80 18.74 -12.72
C LYS A 877 11.13 17.56 -13.62
N MET A 878 10.45 16.42 -13.41
CA MET A 878 10.67 15.28 -14.30
C MET A 878 10.15 15.58 -15.71
N ALA A 879 9.04 16.32 -15.81
CA ALA A 879 8.57 16.76 -17.12
C ALA A 879 9.53 17.76 -17.76
N THR A 880 10.15 18.61 -16.95
CA THR A 880 11.18 19.51 -17.46
C THR A 880 12.35 18.73 -18.04
N LEU A 881 12.77 17.66 -17.36
CA LEU A 881 13.80 16.80 -17.91
C LEU A 881 13.33 16.06 -19.15
N ILE A 882 12.04 15.73 -19.23
CA ILE A 882 11.49 15.12 -20.44
C ILE A 882 11.59 16.09 -21.62
N GLU A 883 11.29 17.37 -21.38
CA GLU A 883 11.32 18.36 -22.45
C GLU A 883 12.71 18.53 -23.06
N LYS A 884 13.76 18.27 -22.28
CA LYS A 884 15.14 18.41 -22.76
C LYS A 884 15.63 17.19 -23.52
N GLY A 885 14.72 16.34 -24.00
CA GLY A 885 15.12 15.16 -24.77
C GLY A 885 15.81 14.08 -23.97
N VAL A 886 15.35 13.82 -22.75
CA VAL A 886 15.82 12.70 -21.94
C VAL A 886 14.65 11.76 -21.73
N MET A 887 14.81 10.51 -22.13
CA MET A 887 13.69 9.59 -22.16
C MET A 887 13.94 8.31 -21.36
N TRP A 888 15.20 7.87 -21.25
CA TRP A 888 15.54 6.72 -20.43
C TRP A 888 16.10 7.15 -19.08
N TYR A 889 15.92 6.28 -18.08
CA TYR A 889 16.37 6.58 -16.72
C TYR A 889 17.89 6.67 -16.65
N ILE A 890 18.60 5.76 -17.33
CA ILE A 890 20.05 5.71 -17.21
C ILE A 890 20.73 6.92 -17.83
N ASP A 891 20.02 7.65 -18.70
CA ASP A 891 20.61 8.81 -19.35
C ASP A 891 20.53 10.07 -18.51
N ALA A 892 19.92 10.00 -17.33
CA ALA A 892 19.84 11.14 -16.42
C ALA A 892 20.63 10.97 -15.14
N VAL A 893 21.01 9.74 -14.78
CA VAL A 893 21.73 9.51 -13.55
C VAL A 893 23.13 10.13 -13.62
N GLY A 894 23.75 10.09 -14.80
CA GLY A 894 25.07 10.70 -14.95
C GLY A 894 25.04 12.19 -14.76
N GLN A 895 24.05 12.87 -15.36
CA GLN A 895 23.91 14.31 -15.18
C GLN A 895 23.56 14.66 -13.74
N ALA A 896 22.70 13.85 -13.11
CA ALA A 896 22.35 14.07 -11.71
C ALA A 896 23.57 13.95 -10.80
N TRP A 897 24.41 12.94 -11.06
CA TRP A 897 25.62 12.79 -10.26
C TRP A 897 26.64 13.89 -10.54
N LYS A 898 26.74 14.36 -11.78
CA LYS A 898 27.62 15.49 -12.03
C LYS A 898 27.16 16.71 -11.26
N ALA A 899 25.85 16.97 -11.24
CA ALA A 899 25.33 18.11 -10.48
C ALA A 899 25.54 17.94 -8.98
N VAL A 900 25.32 16.72 -8.47
CA VAL A 900 25.48 16.49 -7.03
C VAL A 900 26.93 16.62 -6.61
N LEU A 901 27.85 16.04 -7.38
CA LEU A 901 29.26 16.12 -7.05
C LEU A 901 29.79 17.55 -7.16
N ASP A 902 29.30 18.32 -8.15
CA ASP A 902 29.66 19.73 -8.20
C ASP A 902 29.08 20.50 -7.03
N ASP A 903 27.89 20.08 -6.55
CA ASP A 903 27.29 20.73 -5.39
C ASP A 903 28.06 20.44 -4.11
N GLY A 904 28.60 19.24 -3.99
CA GLY A 904 29.39 18.86 -2.85
C GLY A 904 28.62 18.28 -1.68
N CYS A 905 27.29 18.24 -1.76
CA CYS A 905 26.46 17.74 -0.67
C CYS A 905 25.11 17.34 -1.24
N MET A 906 24.31 16.65 -0.43
CA MET A 906 22.96 16.29 -0.81
C MET A 906 21.98 17.15 0.00
N ARG A 907 20.98 17.70 -0.70
CA ARG A 907 20.11 18.73 -0.15
C ARG A 907 18.80 18.12 0.31
N ILE A 908 18.35 18.52 1.49
CA ILE A 908 17.19 17.93 2.15
C ILE A 908 16.36 19.04 2.78
N CYS A 909 15.03 18.93 2.70
CA CYS A 909 14.14 19.80 3.45
C CYS A 909 13.25 18.96 4.37
N LEU A 910 12.94 19.50 5.55
CA LEU A 910 12.28 18.72 6.60
C LEU A 910 10.90 19.25 6.93
N PHE A 911 10.09 18.35 7.49
CA PHE A 911 8.87 18.73 8.20
C PHE A 911 8.54 17.62 9.20
N LYS A 912 7.36 17.67 9.80
CA LYS A 912 6.96 16.71 10.81
C LYS A 912 5.93 15.75 10.23
N LYS A 913 6.04 14.47 10.60
CA LYS A 913 5.04 13.48 10.23
C LYS A 913 3.82 13.63 11.12
N ASN A 914 2.65 13.59 10.50
CA ASN A 914 1.38 13.64 11.23
C ASN A 914 0.97 12.21 11.60
N GLN A 915 1.69 11.66 12.59
CA GLN A 915 1.47 10.30 13.04
C GLN A 915 0.84 10.30 14.43
N HIS A 916 0.74 9.10 15.00
CA HIS A 916 0.28 8.91 16.37
C HIS A 916 1.30 8.22 17.27
N GLY A 917 2.21 7.40 16.72
CA GLY A 917 3.06 6.56 17.53
C GLY A 917 4.11 7.31 18.33
N GLY A 918 4.34 8.58 18.00
CA GLY A 918 5.35 9.35 18.70
C GLY A 918 5.64 10.68 18.03
N LEU A 919 6.93 10.99 17.89
CA LEU A 919 7.39 12.19 17.19
C LEU A 919 8.40 11.77 16.15
N ARG A 920 8.27 12.31 14.94
CA ARG A 920 9.05 11.85 13.81
C ARG A 920 9.25 12.99 12.82
N GLU A 921 10.48 13.16 12.36
CA GLU A 921 10.80 14.13 11.33
C GLU A 921 10.90 13.44 9.98
N ILE A 922 10.50 14.15 8.93
CA ILE A 922 10.42 13.61 7.58
C ILE A 922 11.28 14.46 6.67
N TYR A 923 12.12 13.79 5.87
CA TYR A 923 13.06 14.41 4.97
C TYR A 923 12.57 14.31 3.53
N VAL A 924 12.90 15.31 2.72
CA VAL A 924 12.53 15.34 1.31
C VAL A 924 13.77 15.71 0.50
N MET A 925 14.07 14.91 -0.52
CA MET A 925 15.21 15.11 -1.40
C MET A 925 14.93 16.22 -2.40
N ASP A 926 16.00 16.67 -3.05
CA ASP A 926 15.84 17.47 -4.25
C ASP A 926 15.62 16.55 -5.46
N ALA A 927 15.52 17.14 -6.64
CA ALA A 927 15.29 16.35 -7.85
C ALA A 927 16.50 15.50 -8.19
N ASN A 928 17.71 15.99 -7.87
CA ASN A 928 18.92 15.31 -8.31
C ASN A 928 19.18 14.05 -7.52
N ALA A 929 18.97 14.08 -6.20
CA ALA A 929 19.32 12.94 -5.37
C ALA A 929 18.35 11.78 -5.52
N ARG A 930 17.09 12.07 -5.91
CA ARG A 930 16.11 11.00 -6.07
C ARG A 930 16.48 10.04 -7.19
N LEU A 931 16.99 10.58 -8.31
CA LEU A 931 17.41 9.76 -9.42
C LEU A 931 18.56 8.83 -9.03
N VAL A 932 19.50 9.34 -8.24
CA VAL A 932 20.62 8.52 -7.78
C VAL A 932 20.14 7.48 -6.79
N GLN A 933 19.22 7.84 -5.90
CA GLN A 933 18.77 6.92 -4.87
C GLN A 933 17.91 5.80 -5.45
N PHE A 934 17.22 6.07 -6.56
CA PHE A 934 16.30 5.07 -7.13
C PHE A 934 17.05 3.81 -7.58
N GLY A 935 18.22 3.98 -8.20
CA GLY A 935 18.98 2.82 -8.65
C GLY A 935 19.43 1.94 -7.50
N VAL A 936 19.94 2.55 -6.43
CA VAL A 936 20.35 1.79 -5.26
C VAL A 936 19.14 1.12 -4.61
N GLU A 937 18.00 1.81 -4.61
CA GLU A 937 16.78 1.24 -4.04
C GLU A 937 16.35 -0.01 -4.80
N THR A 938 16.36 0.05 -6.13
CA THR A 938 16.01 -1.12 -6.94
C THR A 938 17.01 -2.25 -6.76
N MET A 939 18.31 -1.91 -6.69
CA MET A 939 19.33 -2.94 -6.47
C MET A 939 19.10 -3.65 -5.15
N ALA A 940 18.87 -2.89 -4.09
CA ALA A 940 18.67 -3.49 -2.78
C ALA A 940 17.38 -4.30 -2.73
N ARG A 941 16.32 -3.82 -3.40
CA ARG A 941 15.09 -4.59 -3.44
C ARG A 941 15.28 -5.92 -4.16
N CYS A 942 16.00 -5.90 -5.29
CA CYS A 942 16.23 -7.13 -6.04
C CYS A 942 17.11 -8.10 -5.25
N VAL A 943 18.05 -7.57 -4.46
CA VAL A 943 18.86 -8.43 -3.61
C VAL A 943 18.02 -9.03 -2.48
N CYS A 944 17.15 -8.21 -1.88
CA CYS A 944 16.33 -8.69 -0.77
C CYS A 944 15.27 -9.69 -1.23
N GLU A 945 14.88 -9.66 -2.50
CA GLU A 945 13.94 -10.64 -3.01
C GLU A 945 14.50 -12.06 -2.92
N LEU A 946 15.83 -12.21 -2.97
CA LEU A 946 16.45 -13.51 -2.82
C LEU A 946 16.45 -14.00 -1.38
N SER A 947 16.38 -13.10 -0.40
CA SER A 947 16.44 -13.50 0.99
C SER A 947 15.15 -14.22 1.39
N PRO A 948 15.26 -15.33 2.11
CA PRO A 948 14.06 -16.09 2.50
C PRO A 948 13.40 -15.66 3.81
N HIS A 949 13.89 -14.60 4.45
CA HIS A 949 13.29 -14.11 5.69
C HIS A 949 13.11 -12.60 5.70
N GLU A 950 13.17 -11.97 4.53
CA GLU A 950 12.92 -10.54 4.39
C GLU A 950 11.50 -10.34 3.89
N THR A 951 10.77 -9.41 4.53
CA THR A 951 9.36 -9.22 4.22
C THR A 951 9.01 -7.86 3.64
N VAL A 952 9.94 -6.92 3.57
CA VAL A 952 9.62 -5.63 2.96
C VAL A 952 9.44 -5.79 1.45
N ALA A 953 10.30 -6.58 0.83
CA ALA A 953 10.17 -6.87 -0.60
C ALA A 953 9.43 -8.18 -0.87
N ASN A 954 9.16 -8.98 0.16
CA ASN A 954 8.45 -10.26 0.02
C ASN A 954 7.29 -10.27 0.99
N PRO A 955 6.15 -9.68 0.61
CA PRO A 955 5.00 -9.59 1.54
C PRO A 955 4.45 -10.94 1.96
N ARG A 956 4.52 -11.96 1.09
CA ARG A 956 3.93 -13.25 1.37
C ARG A 956 4.56 -13.93 2.58
N LEU A 957 5.79 -13.57 2.92
CA LEU A 957 6.45 -14.14 4.10
C LEU A 957 5.96 -13.53 5.41
N LYS A 958 5.14 -12.48 5.34
CA LYS A 958 4.63 -11.88 6.57
C LYS A 958 3.71 -12.83 7.33
N ASN A 959 2.87 -13.56 6.61
CA ASN A 959 1.92 -14.49 7.22
C ASN A 959 2.28 -15.94 6.90
N SER A 960 3.54 -16.21 6.57
CA SER A 960 3.97 -17.55 6.21
C SER A 960 4.94 -18.16 7.20
N ILE A 961 5.95 -17.40 7.63
CA ILE A 961 7.00 -17.94 8.50
C ILE A 961 6.42 -18.33 9.85
N ILE A 962 5.58 -17.47 10.43
CA ILE A 962 4.97 -17.76 11.73
C ILE A 962 4.06 -18.97 11.63
N GLU A 963 3.26 -19.05 10.56
CA GLU A 963 2.37 -20.20 10.39
C GLU A 963 3.15 -21.48 10.12
N ASN A 964 4.20 -21.40 9.30
CA ASN A 964 4.97 -22.60 8.95
C ASN A 964 5.93 -23.03 10.05
N HIS A 965 6.19 -22.18 11.05
CA HIS A 965 7.05 -22.59 12.16
C HIS A 965 6.42 -23.74 12.94
N GLY A 966 5.11 -23.69 13.16
CA GLY A 966 4.43 -24.80 13.82
C GLY A 966 4.51 -26.08 13.04
N LEU A 967 4.36 -26.00 11.70
CA LEU A 967 4.48 -27.19 10.88
C LEU A 967 5.90 -27.74 10.91
N LYS A 968 6.91 -26.87 10.87
CA LYS A 968 8.29 -27.33 10.95
C LYS A 968 8.59 -27.98 12.30
N SER A 969 8.06 -27.41 13.39
CA SER A 969 8.25 -28.00 14.71
C SER A 969 7.55 -29.35 14.82
N ALA A 970 6.36 -29.48 14.22
CA ALA A 970 5.66 -30.75 14.24
C ALA A 970 6.39 -31.80 13.42
N ARG A 971 6.95 -31.40 12.28
CA ARG A 971 7.63 -32.36 11.43
C ARG A 971 8.97 -32.81 12.03
N SER A 972 9.75 -31.86 12.55
CA SER A 972 11.10 -32.17 13.02
C SER A 972 11.11 -32.67 14.47
N LEU A 973 10.24 -32.14 15.32
CA LEU A 973 10.28 -32.46 16.74
C LEU A 973 9.09 -33.28 17.22
N GLY A 974 8.00 -33.34 16.46
CA GLY A 974 6.85 -34.12 16.85
C GLY A 974 5.99 -33.40 17.88
N PRO A 975 5.02 -34.12 18.44
CA PRO A 975 4.14 -33.51 19.45
C PRO A 975 4.89 -33.19 20.73
N GLY A 976 4.41 -32.16 21.43
CA GLY A 976 5.00 -31.75 22.68
C GLY A 976 6.24 -30.90 22.49
N SER A 977 6.10 -29.77 21.80
CA SER A 977 7.20 -28.86 21.52
C SER A 977 6.94 -27.53 22.23
N ILE A 978 7.95 -27.03 22.92
CA ILE A 978 7.87 -25.76 23.62
C ILE A 978 8.45 -24.68 22.70
N ASN A 979 7.65 -23.66 22.42
CA ASN A 979 8.02 -22.59 21.51
C ASN A 979 8.30 -21.31 22.29
N ILE A 980 9.44 -20.68 22.02
CA ILE A 980 9.89 -19.50 22.73
C ILE A 980 10.19 -18.43 21.68
N ASN A 981 9.66 -17.23 21.90
CA ASN A 981 9.69 -16.18 20.89
C ASN A 981 10.32 -14.91 21.46
N SER A 982 10.84 -14.08 20.56
CA SER A 982 11.36 -12.78 20.93
C SER A 982 10.97 -11.78 19.85
N SER A 983 10.23 -10.74 20.24
CA SER A 983 9.75 -9.71 19.32
C SER A 983 10.62 -8.47 19.47
N ASN A 984 11.73 -8.47 18.75
CA ASN A 984 12.73 -7.42 18.90
C ASN A 984 12.36 -6.19 18.08
N ASP A 985 12.63 -5.03 18.65
CA ASP A 985 12.49 -3.76 17.95
C ASP A 985 13.73 -2.92 18.24
N ALA A 986 14.22 -2.22 17.22
CA ALA A 986 15.43 -1.43 17.35
C ALA A 986 15.10 0.04 17.60
N LYS A 987 16.02 0.72 18.27
CA LYS A 987 15.86 2.14 18.57
C LYS A 987 16.84 2.95 17.72
N LYS A 988 16.36 4.12 17.28
CA LYS A 988 17.14 5.03 16.43
C LYS A 988 17.70 4.31 15.21
N TRP A 989 16.81 3.67 14.47
CA TRP A 989 17.24 2.83 13.34
C TRP A 989 17.88 3.65 12.24
N ASN A 990 17.52 4.93 12.14
CA ASN A 990 17.99 5.74 11.03
C ASN A 990 19.32 6.41 11.34
N GLN A 991 19.39 7.15 12.45
CA GLN A 991 20.61 7.89 12.77
C GLN A 991 21.69 6.97 13.32
N GLY A 992 21.31 5.77 13.78
CA GLY A 992 22.30 4.85 14.31
C GLY A 992 23.24 4.30 13.27
N HIS A 993 22.72 3.97 12.09
CA HIS A 993 23.52 3.33 11.06
C HIS A 993 24.38 4.37 10.34
N TYR A 994 25.69 4.30 10.55
CA TYR A 994 26.59 5.09 9.73
C TYR A 994 26.56 4.56 8.30
N THR A 995 26.45 5.46 7.34
CA THR A 995 26.23 5.08 5.94
C THR A 995 27.53 4.74 5.21
N THR A 996 28.32 3.88 5.86
CA THR A 996 29.37 3.10 5.21
C THR A 996 29.13 1.61 5.38
N LYS A 997 28.42 1.21 6.43
CA LYS A 997 28.03 -0.18 6.63
C LYS A 997 27.14 -0.67 5.49
N LEU A 998 26.14 0.13 5.13
CA LEU A 998 25.16 -0.26 4.13
C LEU A 998 25.81 -0.45 2.76
N ALA A 999 26.78 0.40 2.43
CA ALA A 999 27.50 0.24 1.17
C ALA A 999 28.26 -1.08 1.13
N LEU A 1000 28.92 -1.44 2.24
CA LEU A 1000 29.65 -2.71 2.30
C LEU A 1000 28.70 -3.89 2.18
N VAL A 1001 27.57 -3.85 2.90
CA VAL A 1001 26.61 -4.95 2.86
C VAL A 1001 26.02 -5.12 1.47
N LEU A 1002 25.66 -4.01 0.83
CA LEU A 1002 25.13 -4.08 -0.52
C LEU A 1002 26.19 -4.58 -1.51
N CYS A 1003 27.43 -4.12 -1.38
CA CYS A 1003 28.47 -4.51 -2.32
C CYS A 1003 28.95 -5.94 -2.11
N TRP A 1004 28.65 -6.56 -0.96
CA TRP A 1004 28.98 -7.96 -0.81
C TRP A 1004 28.21 -8.83 -1.80
N PHE A 1005 26.92 -8.54 -1.99
CA PHE A 1005 26.04 -9.38 -2.78
C PHE A 1005 25.99 -8.99 -4.25
N MET A 1006 26.67 -7.93 -4.66
CA MET A 1006 26.52 -7.46 -6.01
C MET A 1006 27.76 -7.79 -6.84
N PRO A 1007 27.63 -7.89 -8.16
CA PRO A 1007 28.80 -8.19 -9.00
C PRO A 1007 29.90 -7.14 -8.88
N ALA A 1008 31.08 -7.54 -9.36
CA ALA A 1008 32.28 -6.75 -9.11
C ALA A 1008 32.28 -5.44 -9.89
N LYS A 1009 31.69 -5.43 -11.09
CA LYS A 1009 31.71 -4.23 -11.91
C LYS A 1009 30.64 -3.23 -11.53
N PHE A 1010 29.78 -3.55 -10.58
CA PHE A 1010 28.74 -2.63 -10.14
C PHE A 1010 29.11 -1.90 -8.85
N HIS A 1011 30.28 -2.21 -8.27
CA HIS A 1011 30.72 -1.67 -7.00
C HIS A 1011 30.98 -0.17 -7.05
N ARG A 1012 31.61 0.30 -8.12
CA ARG A 1012 32.09 1.67 -8.27
C ARG A 1012 30.96 2.68 -8.50
N PHE A 1013 29.73 2.22 -8.71
CA PHE A 1013 28.56 3.09 -8.66
C PHE A 1013 27.81 2.97 -7.34
N ILE A 1014 27.73 1.77 -6.77
CA ILE A 1014 27.02 1.57 -5.50
C ILE A 1014 27.74 2.28 -4.37
N TRP A 1015 29.07 2.16 -4.31
CA TRP A 1015 29.84 2.80 -3.26
C TRP A 1015 29.70 4.32 -3.33
N ALA A 1016 29.78 4.87 -4.54
CA ALA A 1016 29.66 6.32 -4.70
C ALA A 1016 28.28 6.81 -4.27
N ALA A 1017 27.23 6.17 -4.79
CA ALA A 1017 25.87 6.65 -4.57
C ALA A 1017 25.47 6.60 -3.11
N ILE A 1018 26.04 5.68 -2.33
CA ILE A 1018 25.81 5.66 -0.90
C ILE A 1018 26.77 6.60 -0.16
N SER A 1019 27.94 6.89 -0.74
CA SER A 1019 28.89 7.79 -0.11
C SER A 1019 28.41 9.24 -0.07
N MET A 1020 27.36 9.59 -0.80
CA MET A 1020 26.84 10.96 -0.78
C MET A 1020 25.95 11.23 0.42
N PHE A 1021 25.60 10.22 1.20
CA PHE A 1021 24.79 10.39 2.39
C PHE A 1021 25.60 10.87 3.58
N ARG A 1022 26.91 10.99 3.44
CA ARG A 1022 27.80 11.35 4.53
C ARG A 1022 27.97 12.85 4.70
N ARG A 1023 27.32 13.65 3.85
CA ARG A 1023 27.25 15.10 4.04
C ARG A 1023 25.82 15.51 3.65
N LYS A 1024 24.95 15.63 4.65
CA LYS A 1024 23.56 15.98 4.46
C LYS A 1024 23.35 17.44 4.83
N LYS A 1025 22.68 18.18 3.95
CA LYS A 1025 22.57 19.63 3.99
C LYS A 1025 21.08 19.95 4.10
N MET A 1026 20.59 20.26 5.29
CA MET A 1026 19.16 20.28 5.55
C MET A 1026 18.65 21.68 5.87
N MET A 1027 17.67 22.15 5.08
CA MET A 1027 16.97 23.40 5.39
C MET A 1027 16.19 23.32 6.70
N VAL A 1028 16.27 24.40 7.46
CA VAL A 1028 15.39 24.62 8.59
C VAL A 1028 14.37 25.67 8.17
N ASP A 1029 13.28 25.78 8.93
CA ASP A 1029 12.19 26.67 8.56
C ASP A 1029 12.64 28.12 8.59
N LEU A 1030 12.24 28.87 7.56
CA LEU A 1030 12.66 30.26 7.45
C LEU A 1030 12.01 31.13 8.51
N ARG A 1031 10.75 30.84 8.86
CA ARG A 1031 10.08 31.58 9.93
C ARG A 1031 10.73 31.32 11.28
N PHE A 1032 11.21 30.08 11.49
CA PHE A 1032 11.95 29.78 12.71
C PHE A 1032 13.22 30.60 12.79
N LEU A 1033 13.94 30.74 11.67
CA LEU A 1033 15.12 31.59 11.65
C LEU A 1033 14.76 33.05 11.88
N ALA A 1034 13.61 33.48 11.35
CA ALA A 1034 13.19 34.87 11.54
C ALA A 1034 12.89 35.17 13.00
N HIS A 1035 12.23 34.25 13.69
CA HIS A 1035 11.91 34.47 15.11
C HIS A 1035 13.05 34.08 16.03
N LEU A 1036 14.10 33.42 15.53
CA LEU A 1036 15.27 33.15 16.35
C LEU A 1036 16.35 34.21 16.19
N SER A 1037 16.38 34.90 15.04
CA SER A 1037 17.40 35.91 14.81
C SER A 1037 17.26 37.09 15.77
N SER A 1038 16.03 37.50 16.06
CA SER A 1038 15.78 38.60 16.98
C SER A 1038 15.71 38.14 18.44
N LYS A 1039 16.26 36.98 18.75
CA LYS A 1039 16.23 36.38 20.08
C LYS A 1039 17.62 35.89 20.46
N SER A 1040 18.62 36.76 20.30
CA SER A 1040 20.00 36.39 20.56
C SER A 1040 20.26 36.06 22.03
N GLU A 1041 19.38 36.48 22.93
CA GLU A 1041 19.46 36.09 24.33
C GLU A 1041 18.36 35.08 24.63
N SER A 1042 18.75 33.91 25.13
CA SER A 1042 17.82 32.83 25.45
C SER A 1042 17.90 32.54 26.94
N ARG A 1043 16.75 32.17 27.52
CA ARG A 1043 16.65 31.95 28.95
C ARG A 1043 15.88 30.67 29.27
N SER A 1044 16.02 29.66 28.41
CA SER A 1044 15.30 28.40 28.56
C SER A 1044 16.12 27.41 29.39
N SER A 1045 15.41 26.54 30.11
CA SER A 1045 16.06 25.49 30.89
C SER A 1045 16.27 24.22 30.07
N ASP A 1046 16.91 24.39 28.90
CA ASP A 1046 17.22 23.29 28.00
C ASP A 1046 18.38 23.71 27.10
N PRO A 1047 19.49 22.98 27.11
CA PRO A 1047 20.69 23.44 26.41
C PRO A 1047 20.54 23.55 24.90
N PHE A 1048 19.58 22.84 24.30
CA PHE A 1048 19.44 22.87 22.84
C PHE A 1048 18.95 24.22 22.35
N ARG A 1049 18.13 24.92 23.15
CA ARG A 1049 17.63 26.24 22.73
C ARG A 1049 18.77 27.25 22.60
N GLU A 1050 19.59 27.36 23.64
CA GLU A 1050 20.76 28.23 23.54
C GLU A 1050 21.77 27.71 22.54
N ALA A 1051 21.81 26.38 22.33
CA ALA A 1051 22.69 25.81 21.31
C ALA A 1051 22.31 26.33 19.92
N MET A 1052 21.02 26.28 19.60
CA MET A 1052 20.52 26.86 18.36
C MET A 1052 20.83 28.35 18.29
N THR A 1053 20.60 29.07 19.40
CA THR A 1053 20.76 30.52 19.38
C THR A 1053 22.20 30.92 19.08
N ASP A 1054 23.17 30.37 19.82
CA ASP A 1054 24.55 30.76 19.60
C ASP A 1054 25.21 30.01 18.44
N ALA A 1055 24.58 28.97 17.91
CA ALA A 1055 25.06 28.42 16.65
C ALA A 1055 24.66 29.31 15.48
N PHE A 1056 23.44 29.83 15.50
CA PHE A 1056 23.03 30.75 14.44
C PHE A 1056 23.75 32.09 14.56
N HIS A 1057 23.93 32.58 15.79
CA HIS A 1057 24.62 33.84 16.01
C HIS A 1057 26.14 33.68 16.10
N GLY A 1058 26.65 32.45 16.09
CA GLY A 1058 28.07 32.23 16.01
C GLY A 1058 28.86 32.54 17.27
N ASN A 1059 28.22 32.50 18.44
CA ASN A 1059 28.95 32.71 19.68
C ASN A 1059 29.81 31.52 20.07
N ARG A 1060 29.49 30.33 19.57
CA ARG A 1060 30.38 29.18 19.71
C ARG A 1060 30.51 28.49 18.35
N ASP A 1061 31.46 27.57 18.28
CA ASP A 1061 31.74 26.83 17.05
C ASP A 1061 31.17 25.42 17.20
N VAL A 1062 30.33 25.02 16.24
CA VAL A 1062 29.81 23.67 16.17
C VAL A 1062 29.94 23.20 14.72
N SER A 1063 29.92 21.88 14.55
CA SER A 1063 30.06 21.25 13.25
C SER A 1063 28.74 21.06 12.53
N TRP A 1064 27.63 21.49 13.12
CA TRP A 1064 26.31 21.29 12.56
C TRP A 1064 25.54 22.58 12.27
N MET A 1065 26.10 23.75 12.54
CA MET A 1065 25.55 25.02 12.08
C MET A 1065 26.64 26.07 12.11
N ASP A 1066 26.62 26.97 11.13
CA ASP A 1066 27.62 28.02 11.01
C ASP A 1066 26.94 29.39 11.08
N LYS A 1067 27.74 30.44 10.84
CA LYS A 1067 27.29 31.81 11.00
C LYS A 1067 26.32 32.19 9.89
N GLY A 1068 25.08 32.48 10.26
CA GLY A 1068 24.11 33.02 9.32
C GLY A 1068 23.75 32.10 8.18
N ARG A 1069 23.63 30.80 8.45
CA ARG A 1069 23.35 29.81 7.43
C ARG A 1069 21.97 29.20 7.68
N THR A 1070 21.21 29.04 6.60
CA THR A 1070 19.83 28.58 6.71
C THR A 1070 19.70 27.07 6.84
N TYR A 1071 20.80 26.35 7.07
CA TYR A 1071 20.77 24.91 7.08
C TYR A 1071 21.37 24.35 8.37
N ILE A 1072 21.34 23.02 8.43
CA ILE A 1072 22.09 22.23 9.40
C ILE A 1072 22.85 21.15 8.64
N LYS A 1073 24.04 20.83 9.13
CA LYS A 1073 24.87 19.77 8.56
C LYS A 1073 24.69 18.50 9.37
N THR A 1074 24.60 17.37 8.68
CA THR A 1074 24.51 16.07 9.34
C THR A 1074 25.36 15.07 8.59
N GLU A 1075 26.37 14.54 9.27
CA GLU A 1075 27.30 13.57 8.69
C GLU A 1075 26.95 12.13 9.02
N THR A 1076 26.45 11.88 10.22
CA THR A 1076 26.20 10.53 10.71
C THR A 1076 24.76 10.14 10.49
N GLY A 1077 24.54 8.90 10.08
CA GLY A 1077 23.21 8.34 10.02
C GLY A 1077 22.58 8.50 8.66
N MET A 1078 21.68 7.57 8.33
CA MET A 1078 20.87 7.68 7.13
C MET A 1078 19.61 8.49 7.46
N MET A 1079 18.65 8.47 6.55
CA MET A 1079 17.37 9.12 6.75
C MET A 1079 16.27 8.07 6.70
N GLN A 1080 15.04 8.50 6.99
CA GLN A 1080 13.95 7.56 7.23
C GLN A 1080 13.44 7.00 5.91
N GLY A 1081 13.64 5.70 5.71
CA GLY A 1081 13.11 5.01 4.56
C GLY A 1081 13.81 5.29 3.26
N ILE A 1082 14.81 6.17 3.26
CA ILE A 1082 15.49 6.53 2.02
C ILE A 1082 16.41 5.41 1.58
N LEU A 1083 16.96 4.67 2.54
CA LEU A 1083 17.74 3.47 2.28
C LEU A 1083 17.04 2.29 2.92
N HIS A 1084 15.71 2.22 2.69
CA HIS A 1084 14.86 1.24 3.36
C HIS A 1084 15.26 -0.19 3.01
N PHE A 1085 15.38 -0.49 1.72
CA PHE A 1085 15.67 -1.86 1.31
C PHE A 1085 17.09 -2.27 1.66
N THR A 1086 18.04 -1.34 1.61
CA THR A 1086 19.42 -1.67 1.96
C THR A 1086 19.54 -2.00 3.45
N SER A 1087 18.86 -1.23 4.30
CA SER A 1087 18.85 -1.53 5.72
C SER A 1087 18.08 -2.81 6.01
N SER A 1088 17.05 -3.11 5.22
CA SER A 1088 16.38 -4.40 5.33
C SER A 1088 17.34 -5.54 5.01
N LEU A 1089 18.19 -5.35 3.99
CA LEU A 1089 19.21 -6.34 3.66
C LEU A 1089 20.21 -6.50 4.81
N LEU A 1090 20.62 -5.39 5.42
CA LEU A 1090 21.55 -5.46 6.56
C LEU A 1090 20.93 -6.22 7.72
N HIS A 1091 19.67 -5.93 8.04
CA HIS A 1091 19.00 -6.63 9.13
C HIS A 1091 18.78 -8.10 8.78
N SER A 1092 18.57 -8.43 7.49
CA SER A 1092 18.49 -9.82 7.09
C SER A 1092 19.82 -10.53 7.30
N CYS A 1093 20.94 -9.86 6.99
CA CYS A 1093 22.25 -10.43 7.25
C CYS A 1093 22.45 -10.70 8.74
N VAL A 1094 22.08 -9.73 9.58
CA VAL A 1094 22.22 -9.88 11.02
C VAL A 1094 21.35 -11.01 11.54
N GLN A 1095 20.11 -11.11 11.05
CA GLN A 1095 19.21 -12.16 11.50
C GLN A 1095 19.70 -13.54 11.04
N SER A 1096 20.27 -13.63 9.83
CA SER A 1096 20.83 -14.90 9.38
C SER A 1096 22.03 -15.31 10.22
N PHE A 1097 22.87 -14.34 10.60
CA PHE A 1097 23.98 -14.65 11.50
C PHE A 1097 23.48 -15.14 12.84
N TYR A 1098 22.45 -14.50 13.39
CA TYR A 1098 21.88 -14.93 14.66
C TYR A 1098 21.27 -16.33 14.55
N LYS A 1099 20.62 -16.62 13.41
CA LYS A 1099 20.04 -17.94 13.21
C LYS A 1099 21.11 -19.02 13.17
N SER A 1100 22.19 -18.78 12.42
CA SER A 1100 23.28 -19.76 12.36
C SER A 1100 23.94 -19.93 13.72
N TYR A 1101 24.14 -18.83 14.46
CA TYR A 1101 24.74 -18.91 15.78
C TYR A 1101 23.85 -19.68 16.75
N PHE A 1102 22.54 -19.44 16.70
CA PHE A 1102 21.61 -20.15 17.57
C PHE A 1102 21.59 -21.64 17.25
N VAL A 1103 21.64 -22.00 15.97
CA VAL A 1103 21.72 -23.40 15.59
C VAL A 1103 23.01 -24.02 16.12
N SER A 1104 24.12 -23.29 16.05
CA SER A 1104 25.39 -23.81 16.56
C SER A 1104 25.33 -24.06 18.06
N LYS A 1105 24.78 -23.10 18.83
CA LYS A 1105 24.70 -23.29 20.27
C LYS A 1105 23.70 -24.38 20.66
N LEU A 1106 22.61 -24.52 19.92
CA LEU A 1106 21.70 -25.62 20.22
C LEU A 1106 22.29 -26.97 19.83
N LYS A 1107 23.23 -26.98 18.88
CA LYS A 1107 23.91 -28.21 18.54
C LYS A 1107 24.93 -28.59 19.60
N GLU A 1108 25.67 -27.61 20.12
CA GLU A 1108 26.71 -27.93 21.10
C GLU A 1108 26.17 -28.17 22.50
N GLY A 1109 24.91 -27.82 22.77
CA GLY A 1109 24.27 -28.18 24.02
C GLY A 1109 24.78 -27.38 25.22
N TYR A 1110 24.39 -27.87 26.41
CA TYR A 1110 24.80 -27.24 27.66
C TYR A 1110 25.58 -28.16 28.58
N MET A 1111 25.42 -29.48 28.47
CA MET A 1111 26.36 -30.42 29.08
C MET A 1111 27.10 -31.24 28.03
N GLY A 1112 27.00 -30.86 26.76
CA GLY A 1112 27.51 -31.66 25.67
C GLY A 1112 26.46 -32.44 24.91
N GLU A 1113 25.25 -32.53 25.45
CA GLU A 1113 24.14 -33.19 24.77
C GLU A 1113 23.34 -32.16 23.99
N SER A 1114 23.11 -32.43 22.71
CA SER A 1114 22.44 -31.47 21.85
C SER A 1114 20.96 -31.34 22.22
N ILE A 1115 20.44 -30.13 22.03
CA ILE A 1115 19.02 -29.85 22.23
C ILE A 1115 18.38 -29.83 20.85
N SER A 1116 17.48 -30.78 20.59
CA SER A 1116 16.82 -30.87 19.30
C SER A 1116 15.80 -29.74 19.18
N GLY A 1117 16.07 -28.78 18.30
CA GLY A 1117 15.19 -27.65 18.14
C GLY A 1117 15.35 -27.00 16.79
N VAL A 1118 14.34 -26.22 16.42
CA VAL A 1118 14.31 -25.48 15.17
C VAL A 1118 14.27 -23.99 15.47
N VAL A 1119 15.06 -23.23 14.72
CA VAL A 1119 15.17 -21.78 14.89
C VAL A 1119 14.87 -21.12 13.57
N ASP A 1120 13.94 -20.18 13.57
CA ASP A 1120 13.68 -19.38 12.38
C ASP A 1120 13.44 -17.92 12.75
N VAL A 1121 13.86 -17.04 11.86
CA VAL A 1121 13.83 -15.60 12.10
C VAL A 1121 13.03 -14.92 11.00
N ILE A 1122 12.39 -13.82 11.36
CA ILE A 1122 11.70 -12.95 10.42
C ILE A 1122 12.12 -11.52 10.69
N GLU A 1123 12.29 -10.73 9.64
CA GLU A 1123 12.77 -9.37 9.82
C GLU A 1123 12.15 -8.47 8.77
N GLY A 1124 11.86 -7.22 9.16
CA GLY A 1124 11.30 -6.25 8.25
C GLY A 1124 12.24 -5.10 7.99
N SER A 1125 11.91 -3.91 8.53
CA SER A 1125 12.83 -2.79 8.45
C SER A 1125 13.70 -2.71 9.69
N ASP A 1126 13.09 -2.56 10.85
CA ASP A 1126 13.80 -2.62 12.12
C ASP A 1126 13.18 -3.58 13.11
N ASP A 1127 11.92 -3.98 12.91
CA ASP A 1127 11.24 -4.89 13.80
C ASP A 1127 11.47 -6.30 13.30
N SER A 1128 12.00 -7.16 14.17
CA SER A 1128 12.28 -8.54 13.83
C SER A 1128 11.70 -9.45 14.91
N ALA A 1129 11.71 -10.75 14.62
CA ALA A 1129 11.25 -11.74 15.57
C ALA A 1129 12.05 -13.02 15.39
N ILE A 1130 12.42 -13.63 16.52
CA ILE A 1130 13.16 -14.88 16.54
C ILE A 1130 12.29 -15.93 17.22
N MET A 1131 12.18 -17.10 16.60
CA MET A 1131 11.29 -18.16 17.09
C MET A 1131 12.11 -19.44 17.22
N ILE A 1132 12.13 -20.01 18.41
CA ILE A 1132 12.91 -21.20 18.71
C ILE A 1132 11.99 -22.23 19.34
N SER A 1133 11.86 -23.39 18.71
CA SER A 1133 11.04 -24.48 19.24
C SER A 1133 11.96 -25.61 19.66
N ILE A 1134 11.88 -26.01 20.94
CA ILE A 1134 12.73 -27.05 21.50
C ILE A 1134 11.84 -28.09 22.15
N ARG A 1135 12.38 -29.31 22.26
CA ARG A 1135 11.67 -30.42 22.89
C ARG A 1135 12.49 -31.00 24.03
N PRO A 1136 12.18 -30.65 25.28
CA PRO A 1136 12.81 -31.32 26.41
C PRO A 1136 12.34 -32.76 26.53
N LYS A 1137 13.21 -33.61 27.08
CA LYS A 1137 12.92 -35.03 27.24
C LYS A 1137 12.61 -35.42 28.68
N SER A 1138 12.72 -34.49 29.62
CA SER A 1138 12.48 -34.80 31.03
C SER A 1138 12.15 -33.51 31.76
N ASP A 1139 11.76 -33.67 33.03
CA ASP A 1139 11.40 -32.51 33.84
C ASP A 1139 12.62 -31.67 34.19
N MET A 1140 13.73 -32.33 34.56
CA MET A 1140 14.94 -31.59 34.90
C MET A 1140 15.61 -31.00 33.67
N ASP A 1141 15.42 -31.63 32.50
CA ASP A 1141 16.02 -31.11 31.27
C ASP A 1141 15.32 -29.83 30.83
N GLU A 1142 14.01 -29.73 31.11
CA GLU A 1142 13.22 -28.61 30.61
C GLU A 1142 13.68 -27.28 31.19
N VAL A 1143 13.99 -27.25 32.49
CA VAL A 1143 14.42 -26.01 33.12
C VAL A 1143 15.73 -25.52 32.54
N ARG A 1144 16.69 -26.44 32.36
CA ARG A 1144 17.98 -26.06 31.80
C ARG A 1144 17.84 -25.63 30.34
N SER A 1145 16.99 -26.30 29.57
CA SER A 1145 16.78 -25.92 28.18
C SER A 1145 16.13 -24.53 28.08
N ARG A 1146 15.16 -24.25 28.94
CA ARG A 1146 14.54 -22.93 28.97
C ARG A 1146 15.55 -21.86 29.36
N PHE A 1147 16.42 -22.18 30.33
CA PHE A 1147 17.46 -21.25 30.74
C PHE A 1147 18.43 -20.95 29.58
N PHE A 1148 18.82 -22.00 28.85
CA PHE A 1148 19.76 -21.82 27.74
C PHE A 1148 19.11 -20.99 26.63
N VAL A 1149 17.84 -21.27 26.31
CA VAL A 1149 17.15 -20.52 25.26
C VAL A 1149 16.95 -19.07 25.69
N ALA A 1150 16.68 -18.83 26.97
CA ALA A 1150 16.57 -17.47 27.48
C ALA A 1150 17.89 -16.73 27.37
N ASN A 1151 19.01 -17.41 27.67
CA ASN A 1151 20.31 -16.79 27.50
C ASN A 1151 20.58 -16.44 26.04
N LEU A 1152 20.23 -17.35 25.12
CA LEU A 1152 20.45 -17.08 23.70
C LEU A 1152 19.60 -15.90 23.23
N LEU A 1153 18.34 -15.82 23.66
CA LEU A 1153 17.48 -14.73 23.23
C LEU A 1153 17.78 -13.42 23.96
N HIS A 1154 18.49 -13.47 25.08
CA HIS A 1154 18.90 -12.24 25.75
C HIS A 1154 20.25 -11.72 25.27
N SER A 1155 21.09 -12.60 24.73
CA SER A 1155 22.40 -12.17 24.26
C SER A 1155 22.34 -11.27 23.02
N VAL A 1156 21.18 -11.19 22.36
CA VAL A 1156 21.07 -10.35 21.17
C VAL A 1156 21.19 -8.88 21.52
N LYS A 1157 20.79 -8.48 22.73
CA LYS A 1157 20.87 -7.09 23.14
C LYS A 1157 22.31 -6.60 23.19
N PHE A 1158 23.25 -7.48 23.52
CA PHE A 1158 24.66 -7.14 23.53
C PHE A 1158 25.37 -7.49 22.24
N LEU A 1159 24.83 -8.45 21.46
CA LEU A 1159 25.44 -8.76 20.17
C LEU A 1159 25.10 -7.71 19.12
N ASN A 1160 23.95 -7.05 19.26
CA ASN A 1160 23.56 -6.02 18.29
C ASN A 1160 24.52 -4.83 18.18
N PRO A 1161 25.06 -4.25 19.26
CA PRO A 1161 25.96 -3.09 19.08
C PRO A 1161 27.22 -3.39 18.28
N LEU A 1162 27.64 -4.65 18.19
CA LEU A 1162 28.72 -5.00 17.28
C LEU A 1162 28.34 -4.74 15.83
N PHE A 1163 27.05 -4.88 15.51
CA PHE A 1163 26.53 -4.57 14.19
C PHE A 1163 26.02 -3.15 14.09
N GLY A 1164 26.19 -2.33 15.14
CA GLY A 1164 25.71 -0.97 15.13
C GLY A 1164 24.21 -0.83 15.31
N ILE A 1165 23.51 -1.89 15.68
CA ILE A 1165 22.08 -1.86 15.95
C ILE A 1165 21.92 -1.77 17.47
N TYR A 1166 20.99 -0.94 17.93
CA TYR A 1166 20.75 -0.75 19.34
C TYR A 1166 19.36 -1.25 19.68
N SER A 1167 19.28 -2.22 20.58
CA SER A 1167 17.98 -2.79 20.95
C SER A 1167 17.20 -1.80 21.79
N SER A 1168 15.93 -1.61 21.43
CA SER A 1168 15.08 -0.66 22.12
C SER A 1168 14.51 -1.29 23.38
N GLU A 1169 13.86 -0.45 24.19
CA GLU A 1169 13.03 -0.92 25.29
C GLU A 1169 11.65 -1.33 24.82
N LYS A 1170 11.36 -1.19 23.53
CA LYS A 1170 10.11 -1.65 22.95
C LYS A 1170 10.09 -3.16 22.74
N SER A 1171 11.24 -3.83 22.83
CA SER A 1171 11.29 -5.26 22.58
C SER A 1171 10.76 -6.04 23.76
N THR A 1172 10.06 -7.15 23.45
CA THR A 1172 9.58 -8.08 24.46
C THR A 1172 10.31 -9.41 24.22
N VAL A 1173 11.15 -9.79 25.17
CA VAL A 1173 12.09 -10.90 25.00
C VAL A 1173 11.64 -12.06 25.86
N ASN A 1174 11.84 -13.27 25.33
CA ASN A 1174 11.52 -14.54 26.01
C ASN A 1174 10.04 -14.65 26.32
N THR A 1175 9.23 -14.67 25.27
CA THR A 1175 7.80 -14.89 25.36
C THR A 1175 7.46 -16.24 24.74
N VAL A 1176 6.77 -17.09 25.49
CA VAL A 1176 6.36 -18.39 24.98
C VAL A 1176 4.96 -18.26 24.37
N TYR A 1177 4.79 -18.87 23.19
CA TYR A 1177 3.51 -18.95 22.49
C TYR A 1177 2.94 -17.57 22.16
N CYS A 1178 3.81 -16.58 21.95
CA CYS A 1178 3.37 -15.22 21.71
C CYS A 1178 4.43 -14.47 20.91
N VAL A 1179 4.00 -13.81 19.84
CA VAL A 1179 4.94 -13.04 19.03
C VAL A 1179 4.20 -11.85 18.43
N GLU A 1180 4.94 -10.76 18.20
CA GLU A 1180 4.44 -9.57 17.52
C GLU A 1180 5.46 -9.18 16.45
N TYR A 1181 4.99 -8.95 15.24
CA TYR A 1181 5.89 -8.58 14.15
C TYR A 1181 5.62 -7.21 13.55
N ASN A 1182 4.39 -6.96 13.09
CA ASN A 1182 3.99 -5.68 12.50
C ASN A 1182 2.66 -5.24 13.07
N SER A 1183 2.57 -5.22 14.40
CA SER A 1183 1.33 -5.06 15.15
C SER A 1183 0.35 -6.19 14.86
N GLU A 1184 0.89 -7.34 14.46
CA GLU A 1184 0.10 -8.55 14.22
C GLU A 1184 0.43 -9.50 15.36
N PHE A 1185 -0.43 -9.51 16.37
CA PHE A 1185 -0.15 -10.26 17.59
C PHE A 1185 -0.60 -11.69 17.42
N HIS A 1186 0.37 -12.61 17.31
CA HIS A 1186 0.08 -14.04 17.22
C HIS A 1186 0.16 -14.59 18.64
N PHE A 1187 -1.01 -14.89 19.21
CA PHE A 1187 -1.13 -15.56 20.50
C PHE A 1187 -1.48 -17.02 20.24
N HIS A 1188 -0.44 -17.82 19.96
CA HIS A 1188 -0.56 -19.24 19.60
C HIS A 1188 -1.46 -19.33 18.38
N ARG A 1189 -2.50 -20.15 18.38
CA ARG A 1189 -3.43 -20.23 17.27
C ARG A 1189 -4.63 -19.30 17.47
N HIS A 1190 -4.34 -18.03 17.76
CA HIS A 1190 -5.38 -17.02 17.93
C HIS A 1190 -4.78 -15.69 17.52
N LEU A 1191 -5.05 -15.28 16.28
CA LEU A 1191 -4.48 -14.06 15.74
C LEU A 1191 -5.33 -12.86 16.14
N VAL A 1192 -4.65 -11.80 16.59
CA VAL A 1192 -5.31 -10.62 17.14
C VAL A 1192 -4.90 -9.41 16.33
N ARG A 1193 -5.89 -8.63 15.90
CA ARG A 1193 -5.68 -7.36 15.21
C ARG A 1193 -6.36 -6.24 15.98
N PRO A 1194 -5.78 -5.04 15.98
CA PRO A 1194 -6.43 -3.89 16.61
C PRO A 1194 -7.51 -3.31 15.71
N THR A 1195 -8.77 -3.60 16.04
CA THR A 1195 -9.88 -3.14 15.21
C THR A 1195 -10.17 -1.66 15.40
N LEU A 1196 -9.83 -1.13 16.59
CA LEU A 1196 -10.15 0.26 16.90
C LEU A 1196 -9.40 1.26 16.01
N ARG A 1197 -8.26 0.88 15.46
CA ARG A 1197 -7.59 1.79 14.54
C ARG A 1197 -8.38 1.97 13.25
N TRP A 1198 -8.93 0.88 12.70
CA TRP A 1198 -9.72 0.99 11.48
C TRP A 1198 -11.10 1.56 11.76
N ILE A 1199 -11.65 1.31 12.95
CA ILE A 1199 -12.92 1.95 13.31
C ILE A 1199 -12.74 3.46 13.42
N ALA A 1200 -11.63 3.90 14.02
CA ALA A 1200 -11.31 5.32 14.04
C ALA A 1200 -10.87 5.84 12.69
N ALA A 1201 -10.63 4.96 11.71
CA ALA A 1201 -10.19 5.35 10.38
C ALA A 1201 -11.33 5.40 9.38
N SER A 1202 -12.57 5.34 9.84
CA SER A 1202 -13.71 5.20 8.94
C SER A 1202 -14.30 6.53 8.50
N HIS A 1203 -13.72 7.66 8.88
CA HIS A 1203 -14.29 8.95 8.52
C HIS A 1203 -13.36 9.90 7.77
N GLN A 1204 -12.05 9.62 7.70
CA GLN A 1204 -11.18 10.50 6.91
C GLN A 1204 -11.32 10.11 5.44
N ILE A 1205 -11.78 11.07 4.63
CA ILE A 1205 -12.04 10.84 3.22
C ILE A 1205 -11.11 11.74 2.42
N SER A 1206 -10.93 11.39 1.16
CA SER A 1206 -10.15 12.20 0.25
C SER A 1206 -11.02 13.27 -0.38
N GLU A 1207 -10.43 14.43 -0.63
CA GLU A 1207 -11.14 15.52 -1.29
C GLU A 1207 -11.33 15.15 -2.75
N THR A 1208 -12.54 14.71 -3.09
CA THR A 1208 -12.85 14.26 -4.44
C THR A 1208 -13.84 15.22 -5.09
N GLU A 1209 -14.00 15.05 -6.40
CA GLU A 1209 -14.81 15.95 -7.20
C GLU A 1209 -16.18 15.38 -7.54
N ALA A 1210 -16.25 14.10 -7.88
CA ALA A 1210 -17.54 13.45 -8.09
C ALA A 1210 -18.18 13.11 -6.76
N LEU A 1211 -19.51 13.09 -6.74
CA LEU A 1211 -20.24 12.83 -5.49
C LEU A 1211 -20.21 11.35 -5.11
N ALA A 1212 -20.31 10.45 -6.10
CA ALA A 1212 -20.28 9.03 -5.81
C ALA A 1212 -18.91 8.55 -5.35
N SER A 1213 -17.86 9.32 -5.66
CA SER A 1213 -16.53 8.96 -5.19
C SER A 1213 -16.43 9.03 -3.67
N ARG A 1214 -17.20 9.91 -3.04
CA ARG A 1214 -17.29 9.89 -1.58
C ARG A 1214 -17.85 8.55 -1.10
N GLN A 1215 -18.86 8.04 -1.79
CA GLN A 1215 -19.44 6.76 -1.41
C GLN A 1215 -18.46 5.61 -1.62
N GLU A 1216 -17.66 5.67 -2.70
CA GLU A 1216 -16.69 4.59 -2.89
C GLU A 1216 -15.54 4.68 -1.90
N ASP A 1217 -15.16 5.90 -1.48
CA ASP A 1217 -14.17 6.04 -0.42
C ASP A 1217 -14.71 5.49 0.90
N TYR A 1218 -15.99 5.76 1.20
CA TYR A 1218 -16.61 5.18 2.39
C TYR A 1218 -16.64 3.66 2.30
N SER A 1219 -16.90 3.12 1.11
CA SER A 1219 -16.89 1.67 0.93
C SER A 1219 -15.49 1.09 1.14
N ASN A 1220 -14.45 1.78 0.66
CA ASN A 1220 -13.08 1.32 0.88
C ASN A 1220 -12.73 1.32 2.36
N LEU A 1221 -13.08 2.40 3.08
CA LEU A 1221 -12.82 2.45 4.51
C LEU A 1221 -13.61 1.39 5.26
N LEU A 1222 -14.83 1.12 4.79
CA LEU A 1222 -15.66 0.08 5.39
C LEU A 1222 -15.04 -1.29 5.21
N THR A 1223 -14.50 -1.56 4.02
CA THR A 1223 -13.81 -2.82 3.79
C THR A 1223 -12.57 -2.94 4.66
N GLN A 1224 -11.84 -1.83 4.82
CA GLN A 1224 -10.66 -1.83 5.70
C GLN A 1224 -11.06 -2.13 7.14
N CYS A 1225 -12.21 -1.58 7.58
CA CYS A 1225 -12.68 -1.87 8.93
C CYS A 1225 -13.12 -3.32 9.06
N LEU A 1226 -13.71 -3.88 8.00
CA LEU A 1226 -14.16 -5.28 8.05
C LEU A 1226 -12.98 -6.24 8.10
N GLU A 1227 -11.93 -5.98 7.32
CA GLU A 1227 -10.80 -6.90 7.29
C GLU A 1227 -9.95 -6.83 8.56
N GLY A 1228 -10.19 -5.86 9.44
CA GLY A 1228 -9.47 -5.77 10.69
C GLY A 1228 -9.97 -6.67 11.79
N GLY A 1229 -11.02 -7.45 11.54
CA GLY A 1229 -11.55 -8.37 12.51
C GLY A 1229 -12.91 -8.02 13.07
N ALA A 1230 -13.74 -7.27 12.35
CA ALA A 1230 -15.03 -6.81 12.83
C ALA A 1230 -16.14 -7.68 12.29
N SER A 1231 -17.14 -7.96 13.12
CA SER A 1231 -18.31 -8.71 12.71
C SER A 1231 -19.17 -7.87 11.77
N PHE A 1232 -20.11 -8.54 11.11
CA PHE A 1232 -20.95 -7.85 10.13
C PHE A 1232 -21.92 -6.87 10.79
N SER A 1233 -22.27 -7.10 12.05
CA SER A 1233 -23.15 -6.17 12.76
C SER A 1233 -22.48 -4.82 12.94
N LEU A 1234 -21.21 -4.82 13.38
CA LEU A 1234 -20.47 -3.57 13.47
C LEU A 1234 -20.31 -2.93 12.11
N THR A 1235 -20.12 -3.76 11.07
CA THR A 1235 -19.95 -3.22 9.72
C THR A 1235 -21.22 -2.47 9.29
N TYR A 1236 -22.39 -3.05 9.55
CA TYR A 1236 -23.64 -2.39 9.22
C TYR A 1236 -23.83 -1.12 10.04
N LEU A 1237 -23.52 -1.18 11.34
CA LEU A 1237 -23.72 -0.01 12.20
C LEU A 1237 -22.78 1.14 11.83
N ILE A 1238 -21.52 0.81 11.50
CA ILE A 1238 -20.59 1.86 11.11
C ILE A 1238 -20.88 2.34 9.69
N GLN A 1239 -21.54 1.53 8.86
CA GLN A 1239 -22.03 2.05 7.60
C GLN A 1239 -23.20 3.01 7.81
N CYS A 1240 -24.05 2.74 8.81
CA CYS A 1240 -25.09 3.69 9.17
C CYS A 1240 -24.47 5.00 9.65
N ALA A 1241 -23.42 4.91 10.46
CA ALA A 1241 -22.71 6.10 10.90
C ALA A 1241 -22.06 6.83 9.73
N GLN A 1242 -21.59 6.08 8.74
CA GLN A 1242 -21.02 6.69 7.53
C GLN A 1242 -22.10 7.41 6.74
N LEU A 1243 -23.30 6.84 6.67
CA LEU A 1243 -24.43 7.54 6.04
C LEU A 1243 -24.73 8.84 6.76
N LEU A 1244 -24.76 8.81 8.09
CA LEU A 1244 -24.99 10.04 8.86
C LEU A 1244 -23.90 11.06 8.60
N HIS A 1245 -22.64 10.61 8.55
CA HIS A 1245 -21.53 11.51 8.29
C HIS A 1245 -21.62 12.13 6.89
N HIS A 1246 -21.99 11.33 5.90
CA HIS A 1246 -22.10 11.84 4.54
C HIS A 1246 -23.22 12.86 4.41
N TYR A 1247 -24.36 12.61 5.05
CA TYR A 1247 -25.44 13.57 4.98
C TYR A 1247 -25.14 14.83 5.78
N MET A 1248 -24.41 14.72 6.89
CA MET A 1248 -23.99 15.93 7.60
C MET A 1248 -22.97 16.74 6.79
N LEU A 1249 -22.11 16.06 6.02
CA LEU A 1249 -21.24 16.78 5.09
C LEU A 1249 -22.02 17.39 3.94
N LEU A 1250 -23.14 16.80 3.57
CA LEU A 1250 -23.96 17.36 2.49
C LEU A 1250 -24.67 18.65 2.87
N GLY A 1251 -24.69 19.01 4.16
CA GLY A 1251 -25.34 20.22 4.60
C GLY A 1251 -26.60 19.95 5.39
N LEU A 1252 -26.61 18.86 6.16
CA LEU A 1252 -27.78 18.52 6.97
C LEU A 1252 -28.00 19.54 8.08
N CYS A 1253 -26.93 20.00 8.71
CA CYS A 1253 -27.02 20.85 9.88
C CYS A 1253 -26.64 22.30 9.60
N LEU A 1254 -26.40 22.66 8.34
CA LEU A 1254 -25.99 24.01 7.98
C LEU A 1254 -26.85 24.65 6.90
N HIS A 1255 -27.83 23.94 6.35
CA HIS A 1255 -28.62 24.47 5.26
C HIS A 1255 -30.10 24.46 5.62
N PRO A 1256 -30.81 25.58 5.47
CA PRO A 1256 -32.25 25.58 5.71
C PRO A 1256 -33.03 24.69 4.76
N LEU A 1257 -32.60 24.59 3.51
CA LEU A 1257 -33.31 23.83 2.48
C LEU A 1257 -32.81 22.39 2.38
N PHE A 1258 -32.77 21.69 3.50
CA PHE A 1258 -32.47 20.27 3.44
C PHE A 1258 -33.73 19.42 3.33
N GLY A 1259 -34.74 19.73 4.13
CA GLY A 1259 -35.95 18.93 4.14
C GLY A 1259 -36.62 18.88 2.77
N THR A 1260 -36.74 20.02 2.11
CA THR A 1260 -37.22 20.04 0.73
C THR A 1260 -36.32 19.21 -0.16
N PHE A 1261 -35.00 19.40 -0.04
CA PHE A 1261 -34.03 18.50 -0.67
C PHE A 1261 -34.33 17.05 -0.30
N MET A 1262 -34.52 16.80 0.99
CA MET A 1262 -34.96 15.49 1.47
C MET A 1262 -36.21 15.03 0.75
N GLY A 1263 -37.22 15.91 0.66
CA GLY A 1263 -38.44 15.54 -0.03
C GLY A 1263 -38.20 15.28 -1.50
N MET A 1264 -37.23 15.96 -2.10
CA MET A 1264 -36.94 15.72 -3.50
C MET A 1264 -36.25 14.38 -3.69
N LEU A 1265 -35.54 13.90 -2.66
CA LEU A 1265 -35.04 12.54 -2.68
C LEU A 1265 -36.15 11.50 -2.55
N ILE A 1266 -37.36 11.92 -2.20
CA ILE A 1266 -38.53 11.06 -2.36
C ILE A 1266 -38.72 10.72 -3.83
N SER A 1267 -38.51 11.70 -4.72
CA SER A 1267 -38.76 11.48 -6.13
C SER A 1267 -37.72 10.56 -6.75
N ASP A 1268 -36.45 10.76 -6.45
CA ASP A 1268 -35.36 10.00 -7.09
C ASP A 1268 -34.22 9.62 -6.14
N PRO A 1269 -34.05 8.33 -5.86
CA PRO A 1269 -32.89 7.86 -5.06
C PRO A 1269 -31.66 7.60 -5.92
N ASP A 1270 -31.11 8.67 -6.48
CA ASP A 1270 -29.95 8.57 -7.36
C ASP A 1270 -28.69 8.83 -6.56
N PRO A 1271 -27.76 7.87 -6.47
CA PRO A 1271 -26.50 8.13 -5.78
C PRO A 1271 -25.67 9.25 -6.39
N ALA A 1272 -25.77 9.46 -7.71
CA ALA A 1272 -25.04 10.56 -8.33
C ALA A 1272 -25.60 11.92 -7.91
N LEU A 1273 -26.88 11.98 -7.56
CA LEU A 1273 -27.51 13.22 -7.14
C LEU A 1273 -27.47 13.45 -5.64
N GLY A 1274 -26.89 12.51 -4.87
CA GLY A 1274 -26.74 12.75 -3.45
C GLY A 1274 -27.40 11.75 -2.53
N PHE A 1275 -27.57 10.51 -3.00
CA PHE A 1275 -28.19 9.46 -2.20
C PHE A 1275 -27.14 8.46 -1.75
N PHE A 1276 -27.22 8.04 -0.49
CA PHE A 1276 -26.27 7.11 0.09
C PHE A 1276 -26.82 5.69 0.02
N LEU A 1277 -26.09 4.80 -0.64
CA LEU A 1277 -26.48 3.40 -0.73
C LEU A 1277 -25.88 2.61 0.41
N MET A 1278 -26.56 1.53 0.78
CA MET A 1278 -26.21 0.77 1.98
C MET A 1278 -26.08 -0.71 1.64
N ASP A 1279 -25.07 -1.34 2.24
CA ASP A 1279 -24.80 -2.75 2.00
C ASP A 1279 -25.86 -3.62 2.66
N ASN A 1280 -25.96 -4.85 2.17
CA ASN A 1280 -26.81 -5.84 2.83
C ASN A 1280 -26.21 -6.19 4.17
N PRO A 1281 -26.99 -6.17 5.25
CA PRO A 1281 -26.41 -6.37 6.59
C PRO A 1281 -25.84 -7.76 6.82
N ALA A 1282 -26.23 -8.75 6.02
CA ALA A 1282 -25.66 -10.08 6.17
C ALA A 1282 -24.23 -10.17 5.66
N PHE A 1283 -23.91 -9.45 4.58
CA PHE A 1283 -22.59 -9.45 3.96
C PHE A 1283 -22.17 -8.02 3.68
N ALA A 1284 -22.24 -7.19 4.72
CA ALA A 1284 -21.86 -5.80 4.59
C ALA A 1284 -20.35 -5.64 4.56
N GLY A 1285 -19.88 -4.70 3.75
CA GLY A 1285 -18.46 -4.41 3.68
C GLY A 1285 -17.69 -5.26 2.70
N GLY A 1286 -18.07 -6.52 2.57
CA GLY A 1286 -17.38 -7.42 1.66
C GLY A 1286 -17.66 -7.17 0.20
N ALA A 1287 -18.76 -6.50 -0.11
CA ALA A 1287 -19.10 -6.13 -1.47
C ALA A 1287 -18.95 -4.63 -1.64
N GLY A 1288 -18.47 -4.21 -2.81
CA GLY A 1288 -18.15 -2.81 -3.04
C GLY A 1288 -19.39 -1.96 -3.28
N PHE A 1289 -19.11 -0.67 -3.54
CA PHE A 1289 -20.18 0.27 -3.85
C PHE A 1289 -20.88 -0.08 -5.16
N ARG A 1290 -20.13 -0.63 -6.13
CA ARG A 1290 -20.72 -0.98 -7.41
C ARG A 1290 -21.73 -2.11 -7.27
N PHE A 1291 -21.54 -3.00 -6.30
CA PHE A 1291 -22.53 -4.05 -6.05
C PHE A 1291 -23.84 -3.46 -5.56
N ASN A 1292 -23.77 -2.46 -4.67
CA ASN A 1292 -24.97 -1.78 -4.21
C ASN A 1292 -25.63 -1.03 -5.36
N LEU A 1293 -24.83 -0.39 -6.21
CA LEU A 1293 -25.37 0.30 -7.37
C LEU A 1293 -26.09 -0.68 -8.30
N TRP A 1294 -25.50 -1.86 -8.51
CA TRP A 1294 -26.12 -2.87 -9.36
C TRP A 1294 -27.42 -3.39 -8.78
N ARG A 1295 -27.45 -3.66 -7.47
CA ARG A 1295 -28.67 -4.11 -6.83
C ARG A 1295 -29.75 -3.04 -6.92
N ALA A 1296 -29.38 -1.77 -6.69
CA ALA A 1296 -30.34 -0.68 -6.78
C ALA A 1296 -30.86 -0.49 -8.20
N CYS A 1297 -29.99 -0.63 -9.20
CA CYS A 1297 -30.43 -0.51 -10.58
C CYS A 1297 -31.38 -1.63 -10.96
N LYS A 1298 -31.14 -2.85 -10.46
CA LYS A 1298 -32.05 -3.94 -10.81
C LYS A 1298 -33.39 -3.84 -10.08
N THR A 1299 -33.40 -3.53 -8.79
CA THR A 1299 -34.64 -3.65 -8.02
C THR A 1299 -35.43 -2.35 -7.90
N THR A 1300 -34.86 -1.21 -8.28
CA THR A 1300 -35.55 0.07 -8.17
C THR A 1300 -35.68 0.72 -9.53
N ASP A 1301 -36.22 1.94 -9.53
CA ASP A 1301 -36.42 2.71 -10.76
C ASP A 1301 -35.17 3.44 -11.21
N LEU A 1302 -34.06 3.30 -10.47
CA LEU A 1302 -32.80 3.90 -10.89
C LEU A 1302 -32.31 3.33 -12.22
N GLY A 1303 -32.64 2.07 -12.49
CA GLY A 1303 -32.24 1.46 -13.75
C GLY A 1303 -32.86 2.16 -14.95
N ARG A 1304 -34.10 2.63 -14.80
CA ARG A 1304 -34.74 3.39 -15.87
C ARG A 1304 -33.98 4.67 -16.17
N LYS A 1305 -33.57 5.39 -15.11
CA LYS A 1305 -32.81 6.62 -15.31
C LYS A 1305 -31.45 6.33 -15.95
N TYR A 1306 -30.78 5.27 -15.51
CA TYR A 1306 -29.48 4.93 -16.09
C TYR A 1306 -29.62 4.53 -17.56
N ALA A 1307 -30.66 3.76 -17.89
CA ALA A 1307 -30.89 3.37 -19.27
C ALA A 1307 -31.20 4.58 -20.14
N TYR A 1308 -32.01 5.51 -19.62
CA TYR A 1308 -32.32 6.73 -20.38
C TYR A 1308 -31.08 7.57 -20.60
N TYR A 1309 -30.23 7.69 -19.58
CA TYR A 1309 -29.00 8.46 -19.72
C TYR A 1309 -28.06 7.81 -20.72
N PHE A 1310 -27.97 6.48 -20.73
CA PHE A 1310 -27.12 5.80 -21.70
C PHE A 1310 -27.67 5.95 -23.12
N ASN A 1311 -28.99 5.87 -23.27
CA ASN A 1311 -29.60 6.02 -24.60
C ASN A 1311 -29.44 7.44 -25.12
N GLU A 1312 -29.52 8.44 -24.24
CA GLU A 1312 -29.33 9.82 -24.66
C GLU A 1312 -27.91 10.07 -25.16
N ILE A 1313 -26.92 9.49 -24.48
CA ILE A 1313 -25.54 9.63 -24.89
C ILE A 1313 -25.15 8.52 -25.86
N SER A 1337 -22.33 11.27 -12.16
CA SER A 1337 -22.17 12.23 -13.24
C SER A 1337 -22.20 13.67 -12.72
N VAL A 1338 -22.88 13.86 -11.58
CA VAL A 1338 -22.99 15.17 -10.95
C VAL A 1338 -21.71 15.39 -10.14
N MET A 1339 -20.86 16.28 -10.63
CA MET A 1339 -19.52 16.45 -10.10
C MET A 1339 -19.25 17.93 -9.85
N VAL A 1340 -18.44 18.20 -8.82
CA VAL A 1340 -18.22 19.56 -8.33
C VAL A 1340 -16.74 19.87 -8.38
N TYR A 1341 -16.41 21.08 -8.84
CA TYR A 1341 -15.03 21.55 -8.86
C TYR A 1341 -14.66 22.18 -7.52
N TRP A 1342 -13.51 21.80 -6.99
CA TRP A 1342 -12.97 22.40 -5.77
C TRP A 1342 -11.93 23.44 -6.17
N GLY A 1343 -12.22 24.70 -5.92
CA GLY A 1343 -11.32 25.77 -6.32
C GLY A 1343 -11.26 26.00 -7.81
N ASP A 1344 -12.28 25.56 -8.55
CA ASP A 1344 -12.44 25.67 -10.00
C ASP A 1344 -11.15 25.40 -10.78
N ARG A 1345 -10.35 24.45 -10.29
CA ARG A 1345 -9.08 24.04 -10.91
C ARG A 1345 -8.15 25.23 -11.13
N LYS A 1346 -8.05 26.10 -10.13
CA LYS A 1346 -7.13 27.23 -10.21
C LYS A 1346 -5.68 26.75 -10.24
N LYS A 1347 -5.33 25.83 -9.34
CA LYS A 1347 -3.97 25.30 -9.31
C LYS A 1347 -3.69 24.40 -10.51
N TYR A 1348 -4.63 23.48 -10.78
CA TYR A 1348 -4.45 22.46 -11.82
C TYR A 1348 -4.12 23.09 -13.16
N GLN A 1349 -4.91 24.08 -13.58
CA GLN A 1349 -4.66 24.77 -14.85
C GLN A 1349 -3.29 25.42 -14.84
N ALA A 1350 -2.91 26.06 -13.72
CA ALA A 1350 -1.57 26.63 -13.61
C ALA A 1350 -0.52 25.53 -13.72
N LEU A 1351 -0.78 24.38 -13.08
CA LEU A 1351 0.14 23.25 -13.19
C LEU A 1351 0.25 22.78 -14.64
N LEU A 1352 -0.81 22.98 -15.43
CA LEU A 1352 -0.71 22.69 -16.85
C LEU A 1352 0.17 23.71 -17.55
N ASN A 1353 -0.02 25.00 -17.24
CA ASN A 1353 0.63 26.06 -18.03
C ASN A 1353 2.14 26.07 -17.84
N ARG A 1354 2.62 25.64 -16.68
CA ARG A 1354 4.07 25.54 -16.49
C ARG A 1354 4.68 24.40 -17.29
N MET A 1355 3.90 23.37 -17.62
CA MET A 1355 4.46 22.24 -18.34
C MET A 1355 4.65 22.53 -19.83
N GLY A 1356 3.78 23.33 -20.42
CA GLY A 1356 3.87 23.59 -21.84
C GLY A 1356 3.44 22.43 -22.71
N LEU A 1357 2.63 21.52 -22.19
CA LEU A 1357 2.16 20.40 -22.98
C LEU A 1357 1.21 20.88 -24.08
N PRO A 1358 1.22 20.25 -25.24
CA PRO A 1358 0.32 20.68 -26.32
C PRO A 1358 -1.13 20.37 -25.99
N GLU A 1359 -2.03 21.16 -26.57
CA GLU A 1359 -3.46 20.97 -26.41
C GLU A 1359 -4.06 20.11 -27.52
N ASP A 1360 -3.25 19.62 -28.44
CA ASP A 1360 -3.71 18.87 -29.60
C ASP A 1360 -3.32 17.40 -29.50
N TRP A 1361 -2.98 16.93 -28.30
CA TRP A 1361 -2.46 15.58 -28.13
C TRP A 1361 -3.52 14.49 -28.32
N VAL A 1362 -4.81 14.85 -28.31
CA VAL A 1362 -5.85 13.85 -28.44
C VAL A 1362 -5.83 13.18 -29.81
N GLU A 1363 -5.64 13.96 -30.88
CA GLU A 1363 -5.60 13.36 -32.20
C GLU A 1363 -4.32 12.58 -32.42
N GLN A 1364 -3.23 12.97 -31.75
CA GLN A 1364 -2.00 12.22 -31.83
C GLN A 1364 -2.10 10.89 -31.10
N ILE A 1365 -2.86 10.85 -30.00
CA ILE A 1365 -3.17 9.57 -29.37
C ILE A 1365 -4.06 8.74 -30.29
N ASP A 1366 -5.03 9.38 -30.94
CA ASP A 1366 -5.99 8.66 -31.78
C ASP A 1366 -5.32 8.05 -33.01
N GLU A 1367 -4.38 8.76 -33.63
CA GLU A 1367 -3.79 8.29 -34.88
C GLU A 1367 -2.86 7.12 -34.66
N ASN A 1368 -2.33 6.94 -33.45
CA ASN A 1368 -1.45 5.81 -33.12
C ASN A 1368 -2.07 5.20 -31.88
N PRO A 1369 -3.00 4.25 -32.04
CA PRO A 1369 -3.57 3.58 -30.87
C PRO A 1369 -2.56 2.78 -30.07
N GLY A 1370 -1.42 2.42 -30.66
CA GLY A 1370 -0.40 1.63 -30.01
C GLY A 1370 0.52 2.37 -29.08
N VAL A 1371 0.33 3.68 -28.91
CA VAL A 1371 1.14 4.43 -27.95
C VAL A 1371 0.84 3.99 -26.53
N LEU A 1372 -0.37 3.49 -26.29
CA LEU A 1372 -0.69 2.78 -25.07
C LEU A 1372 -0.69 1.28 -25.37
N TYR A 1373 -0.99 0.48 -24.34
CA TYR A 1373 -0.88 -0.98 -24.28
C TYR A 1373 0.57 -1.46 -24.31
N ARG A 1374 1.54 -0.56 -24.49
CA ARG A 1374 2.96 -0.88 -24.46
C ARG A 1374 3.63 0.04 -23.44
N ARG A 1375 4.96 0.03 -23.37
CA ARG A 1375 5.63 0.88 -22.38
C ARG A 1375 6.02 2.24 -22.98
N ALA A 1376 6.96 2.23 -23.92
CA ALA A 1376 7.49 3.44 -24.55
C ALA A 1376 8.51 3.07 -25.62
N ALA A 1377 8.70 3.94 -26.62
CA ALA A 1377 9.79 3.74 -27.57
C ALA A 1377 10.52 5.01 -27.96
N ASN A 1378 9.93 6.20 -27.82
CA ASN A 1378 10.55 7.41 -28.34
C ASN A 1378 10.15 8.57 -27.44
N LYS A 1379 10.79 9.73 -27.67
CA LYS A 1379 10.52 10.93 -26.88
C LYS A 1379 9.09 11.41 -27.07
N LYS A 1380 8.59 11.38 -28.31
CA LYS A 1380 7.25 11.89 -28.59
C LYS A 1380 6.18 11.06 -27.90
N GLU A 1381 6.33 9.73 -27.91
CA GLU A 1381 5.35 8.88 -27.25
C GLU A 1381 5.44 9.00 -25.73
N LEU A 1382 6.64 9.24 -25.18
CA LEU A 1382 6.72 9.53 -23.76
C LEU A 1382 6.06 10.84 -23.40
N LEU A 1383 6.20 11.86 -24.25
CA LEU A 1383 5.50 13.13 -23.99
C LEU A 1383 3.98 12.95 -24.07
N LEU A 1384 3.52 12.15 -25.03
CA LEU A 1384 2.08 11.86 -25.14
C LEU A 1384 1.58 11.10 -23.92
N LYS A 1385 2.37 10.14 -23.42
CA LYS A 1385 1.97 9.41 -22.23
C LYS A 1385 1.99 10.31 -20.99
N LEU A 1386 2.92 11.26 -20.94
CA LEU A 1386 2.91 12.26 -19.86
C LEU A 1386 1.66 13.12 -19.90
N ALA A 1387 1.27 13.55 -21.11
CA ALA A 1387 0.04 14.33 -21.25
C ALA A 1387 -1.19 13.50 -20.88
N GLU A 1388 -1.17 12.20 -21.17
CA GLU A 1388 -2.25 11.33 -20.71
C GLU A 1388 -2.24 11.19 -19.19
N LYS A 1389 -1.05 11.14 -18.59
CA LYS A 1389 -0.94 10.98 -17.15
C LYS A 1389 -1.43 12.22 -16.40
N VAL A 1390 -1.14 13.40 -16.92
CA VAL A 1390 -1.54 14.63 -16.23
C VAL A 1390 -3.03 14.89 -16.38
N HIS A 1391 -3.69 14.30 -17.37
CA HIS A 1391 -5.15 14.39 -17.50
C HIS A 1391 -5.80 13.12 -16.98
N SER A 1392 -5.66 12.88 -15.68
CA SER A 1392 -6.13 11.67 -15.04
C SER A 1392 -6.92 12.01 -13.78
N PRO A 1393 -7.87 11.15 -13.38
CA PRO A 1393 -8.56 11.38 -12.10
C PRO A 1393 -7.63 11.35 -10.90
N GLY A 1394 -6.62 10.49 -10.91
CA GLY A 1394 -5.73 10.39 -9.76
C GLY A 1394 -4.90 11.64 -9.54
N VAL A 1395 -4.33 12.19 -10.62
CA VAL A 1395 -3.57 13.43 -10.51
C VAL A 1395 -4.50 14.62 -10.27
N THR A 1396 -5.77 14.52 -10.66
CA THR A 1396 -6.73 15.56 -10.34
C THR A 1396 -7.01 15.59 -8.85
N SER A 1397 -7.25 14.43 -8.25
CA SER A 1397 -7.50 14.34 -6.81
C SER A 1397 -6.22 14.09 -6.02
N SER A 1398 -5.21 14.93 -6.26
CA SER A 1398 -3.94 14.81 -5.56
C SER A 1398 -3.38 16.13 -5.05
N LEU A 1399 -3.94 17.27 -5.43
CA LEU A 1399 -3.50 18.56 -4.94
C LEU A 1399 -4.14 18.94 -3.61
N SER A 1400 -4.98 18.08 -3.06
CA SER A 1400 -5.66 18.39 -1.80
C SER A 1400 -4.68 18.40 -0.64
N LYS A 1401 -4.91 19.32 0.30
CA LYS A 1401 -4.11 19.45 1.49
C LYS A 1401 -4.85 18.82 2.68
N GLY A 1402 -4.31 19.03 3.88
CA GLY A 1402 -4.89 18.44 5.07
C GLY A 1402 -6.17 19.12 5.49
N HIS A 1403 -6.77 18.55 6.55
CA HIS A 1403 -8.06 18.98 7.08
C HIS A 1403 -9.14 18.94 6.00
N VAL A 1404 -9.30 17.74 5.41
CA VAL A 1404 -10.24 17.57 4.31
C VAL A 1404 -11.67 17.70 4.79
N VAL A 1405 -11.98 17.12 5.96
CA VAL A 1405 -13.35 17.17 6.46
C VAL A 1405 -13.82 18.59 6.77
N PRO A 1406 -13.06 19.45 7.47
CA PRO A 1406 -13.52 20.84 7.62
C PRO A 1406 -13.68 21.59 6.31
N ARG A 1407 -12.79 21.37 5.35
CA ARG A 1407 -12.91 22.08 4.07
C ARG A 1407 -14.11 21.59 3.27
N VAL A 1408 -14.45 20.30 3.40
CA VAL A 1408 -15.64 19.79 2.72
C VAL A 1408 -16.90 20.34 3.38
N VAL A 1409 -16.95 20.34 4.72
CA VAL A 1409 -18.18 20.75 5.37
C VAL A 1409 -18.35 22.27 5.35
N ALA A 1410 -17.26 23.03 5.16
CA ALA A 1410 -17.40 24.47 4.98
C ALA A 1410 -18.11 24.83 3.69
N ALA A 1411 -18.17 23.91 2.73
CA ALA A 1411 -18.92 24.11 1.49
C ALA A 1411 -20.36 23.62 1.61
N GLY A 1412 -20.78 23.15 2.78
CA GLY A 1412 -22.12 22.66 2.96
C GLY A 1412 -23.19 23.71 3.06
N VAL A 1413 -22.80 24.97 3.23
CA VAL A 1413 -23.79 26.05 3.29
C VAL A 1413 -24.26 26.48 1.91
N TYR A 1414 -23.49 26.19 0.86
CA TYR A 1414 -23.87 26.58 -0.49
C TYR A 1414 -23.83 25.42 -1.48
N LEU A 1415 -23.73 24.18 -0.99
CA LEU A 1415 -23.66 23.05 -1.90
C LEU A 1415 -25.01 22.81 -2.59
N LEU A 1416 -26.11 23.17 -1.93
CA LEU A 1416 -27.44 22.91 -2.46
C LEU A 1416 -28.08 24.13 -3.11
N SER A 1417 -27.71 25.35 -2.70
CA SER A 1417 -28.45 26.53 -3.12
C SER A 1417 -27.54 27.60 -3.73
N ARG A 1418 -26.41 27.21 -4.31
CA ARG A 1418 -25.67 28.11 -5.16
C ARG A 1418 -25.00 27.26 -6.24
N HIS A 1419 -24.83 27.85 -7.42
CA HIS A 1419 -24.41 27.12 -8.61
C HIS A 1419 -22.96 26.67 -8.48
N CYS A 1420 -22.76 25.43 -8.02
CA CYS A 1420 -21.43 24.88 -7.83
C CYS A 1420 -21.20 23.54 -8.52
N PHE A 1421 -22.25 22.75 -8.75
CA PHE A 1421 -22.07 21.47 -9.40
C PHE A 1421 -21.96 21.62 -10.91
N ARG A 1422 -21.42 20.59 -11.55
CA ARG A 1422 -21.31 20.50 -13.00
C ARG A 1422 -21.93 19.19 -13.46
N PHE A 1423 -22.71 19.24 -14.53
CA PHE A 1423 -23.40 18.07 -15.05
C PHE A 1423 -22.77 17.61 -16.36
N SER A 1424 -22.90 16.32 -16.64
CA SER A 1424 -22.37 15.74 -17.86
C SER A 1424 -23.19 16.15 -19.08
N GLN A 1434 -22.86 23.71 -17.52
CA GLN A 1434 -22.41 24.84 -16.71
C GLN A 1434 -22.71 24.63 -15.24
N LYS A 1435 -22.47 25.67 -14.44
CA LYS A 1435 -22.74 25.60 -13.01
C LYS A 1435 -24.24 25.53 -12.74
N ALA A 1436 -24.64 24.66 -11.83
CA ALA A 1436 -26.04 24.53 -11.46
C ALA A 1436 -26.14 23.93 -10.07
N SER A 1437 -27.06 24.46 -9.27
CA SER A 1437 -27.27 23.95 -7.91
C SER A 1437 -27.92 22.56 -7.97
N LEU A 1438 -27.72 21.80 -6.90
CA LEU A 1438 -28.16 20.41 -6.90
C LEU A 1438 -29.68 20.29 -6.86
N ILE A 1439 -30.37 21.31 -6.34
CA ILE A 1439 -31.82 21.37 -6.47
C ILE A 1439 -32.22 21.44 -7.95
N LYS A 1440 -31.51 22.26 -8.72
CA LYS A 1440 -31.78 22.36 -10.15
C LYS A 1440 -31.52 21.03 -10.85
N LEU A 1441 -30.45 20.32 -10.47
CA LEU A 1441 -30.20 19.00 -11.03
C LEU A 1441 -31.33 18.03 -10.69
N LEU A 1442 -31.84 18.08 -9.46
CA LEU A 1442 -32.92 17.19 -9.09
C LEU A 1442 -34.20 17.50 -9.89
N MET A 1443 -34.50 18.78 -10.11
CA MET A 1443 -35.67 19.08 -10.93
C MET A 1443 -35.47 18.70 -12.39
N MET A 1444 -34.26 18.87 -12.92
CA MET A 1444 -33.99 18.43 -14.29
C MET A 1444 -34.12 16.92 -14.42
N SER A 1445 -33.74 16.18 -13.37
CA SER A 1445 -33.96 14.74 -13.40
C SER A 1445 -35.43 14.39 -13.25
N SER A 1446 -36.17 15.18 -12.48
CA SER A 1446 -37.57 14.86 -12.20
C SER A 1446 -38.46 15.14 -13.40
N ILE A 1447 -38.20 16.23 -14.13
CA ILE A 1447 -39.00 16.55 -15.30
C ILE A 1447 -38.77 15.54 -16.43
N SER A 1448 -37.63 14.87 -16.43
CA SER A 1448 -37.35 13.81 -17.39
C SER A 1448 -37.73 12.43 -16.86
N ALA A 1449 -38.22 12.34 -15.62
CA ALA A 1449 -38.64 11.04 -15.08
C ALA A 1449 -39.93 10.55 -15.72
N MET A 1450 -40.77 11.47 -16.21
CA MET A 1450 -41.97 11.05 -16.92
C MET A 1450 -41.64 10.41 -18.26
N LYS A 1451 -40.55 10.83 -18.89
CA LYS A 1451 -40.10 10.23 -20.15
C LYS A 1451 -39.15 9.06 -19.91
N HIS A 1452 -39.59 8.12 -19.06
CA HIS A 1452 -38.79 6.96 -18.69
C HIS A 1452 -39.63 5.70 -18.85
N GLY A 1453 -38.97 4.60 -19.17
CA GLY A 1453 -39.67 3.34 -19.33
C GLY A 1453 -38.69 2.20 -19.54
N GLY A 1454 -39.24 0.98 -19.52
CA GLY A 1454 -38.42 -0.19 -19.71
C GLY A 1454 -37.50 -0.45 -18.53
N SER A 1455 -36.38 -1.11 -18.83
CA SER A 1455 -35.36 -1.41 -17.84
C SER A 1455 -34.01 -1.48 -18.54
N LEU A 1456 -33.01 -1.94 -17.81
CA LEU A 1456 -31.67 -2.12 -18.37
C LEU A 1456 -31.60 -3.48 -19.06
N ASN A 1457 -31.41 -3.47 -20.38
CA ASN A 1457 -31.23 -4.70 -21.11
C ASN A 1457 -29.87 -5.31 -20.79
N PRO A 1458 -29.69 -6.62 -21.07
CA PRO A 1458 -28.39 -7.24 -20.75
C PRO A 1458 -27.19 -6.59 -21.41
N ASN A 1459 -27.35 -5.99 -22.59
CA ASN A 1459 -26.22 -5.38 -23.28
C ASN A 1459 -25.67 -4.18 -22.51
N GLN A 1460 -26.55 -3.27 -22.07
CA GLN A 1460 -26.10 -2.08 -21.36
C GLN A 1460 -25.51 -2.44 -20.00
N GLU A 1461 -26.12 -3.38 -19.29
CA GLU A 1461 -25.60 -3.73 -17.97
C GLU A 1461 -24.32 -4.54 -18.07
N ARG A 1462 -24.12 -5.27 -19.17
CA ARG A 1462 -22.82 -5.90 -19.37
C ARG A 1462 -21.77 -4.88 -19.78
N MET A 1463 -22.16 -3.85 -20.52
CA MET A 1463 -21.22 -2.80 -20.89
C MET A 1463 -20.79 -1.96 -19.69
N LEU A 1464 -21.73 -1.63 -18.80
CA LEU A 1464 -21.46 -0.71 -17.70
C LEU A 1464 -21.02 -1.41 -16.43
N PHE A 1465 -21.46 -2.64 -16.19
CA PHE A 1465 -21.33 -3.31 -14.89
C PHE A 1465 -20.63 -4.63 -15.16
N PRO A 1466 -19.31 -4.61 -15.39
CA PRO A 1466 -18.63 -5.77 -16.00
C PRO A 1466 -18.65 -7.03 -15.15
N GLN A 1467 -18.68 -6.93 -13.83
CA GLN A 1467 -18.56 -8.10 -12.96
C GLN A 1467 -19.92 -8.60 -12.51
N ALA A 1468 -20.94 -8.51 -13.38
CA ALA A 1468 -22.31 -8.80 -12.97
C ALA A 1468 -22.53 -10.26 -12.63
N GLN A 1469 -21.74 -11.17 -13.22
CA GLN A 1469 -21.94 -12.60 -13.00
C GLN A 1469 -21.66 -12.98 -11.55
N GLU A 1470 -20.50 -12.58 -11.02
CA GLU A 1470 -20.19 -12.89 -9.63
C GLU A 1470 -21.03 -12.05 -8.69
N TYR A 1471 -21.49 -10.87 -9.12
CA TYR A 1471 -22.42 -10.09 -8.30
C TYR A 1471 -23.73 -10.85 -8.11
N ASP A 1472 -24.26 -11.42 -9.19
CA ASP A 1472 -25.46 -12.24 -9.07
C ASP A 1472 -25.19 -13.52 -8.29
N ARG A 1473 -23.99 -14.09 -8.44
CA ARG A 1473 -23.65 -15.31 -7.71
C ARG A 1473 -23.60 -15.05 -6.20
N VAL A 1474 -23.08 -13.89 -5.79
CA VAL A 1474 -23.02 -13.61 -4.36
C VAL A 1474 -24.37 -13.07 -3.87
N CYS A 1475 -25.18 -12.50 -4.76
CA CYS A 1475 -26.51 -12.03 -4.35
C CYS A 1475 -27.46 -13.20 -4.14
N THR A 1476 -27.34 -14.26 -4.94
CA THR A 1476 -28.23 -15.41 -4.79
C THR A 1476 -27.81 -16.31 -3.64
N LEU A 1477 -26.68 -16.05 -3.00
CA LEU A 1477 -26.23 -16.83 -1.86
C LEU A 1477 -26.44 -16.09 -0.53
N LEU A 1478 -27.47 -15.25 -0.46
CA LEU A 1478 -27.77 -14.49 0.75
C LEU A 1478 -29.19 -14.67 1.27
N GLU A 1479 -30.10 -15.25 0.48
CA GLU A 1479 -31.48 -15.42 0.93
C GLU A 1479 -31.68 -16.63 1.82
N GLU A 1480 -30.66 -17.49 1.97
CA GLU A 1480 -30.81 -18.64 2.86
C GLU A 1480 -30.89 -18.21 4.32
N VAL A 1481 -30.17 -17.16 4.70
CA VAL A 1481 -30.28 -16.55 6.02
C VAL A 1481 -30.76 -15.12 5.84
N GLU A 1482 -31.97 -14.84 6.34
CA GLU A 1482 -32.57 -13.51 6.18
C GLU A 1482 -33.26 -13.00 7.44
N HIS A 1483 -33.57 -13.86 8.41
CA HIS A 1483 -34.18 -13.45 9.66
C HIS A 1483 -33.23 -13.76 10.81
N LEU A 1484 -33.49 -13.11 11.95
CA LEU A 1484 -32.67 -13.32 13.14
C LEU A 1484 -33.09 -14.61 13.83
N THR A 1485 -32.77 -15.73 13.17
CA THR A 1485 -33.01 -17.06 13.70
C THR A 1485 -31.66 -17.74 13.89
N GLY A 1486 -31.39 -18.17 15.11
CA GLY A 1486 -30.11 -18.79 15.42
C GLY A 1486 -29.98 -19.03 16.91
N LYS A 1487 -28.77 -19.43 17.29
CA LYS A 1487 -28.49 -19.78 18.68
C LYS A 1487 -27.13 -19.24 19.09
N PHE A 1488 -27.00 -18.97 20.39
CA PHE A 1488 -25.75 -18.51 20.97
C PHE A 1488 -24.95 -19.72 21.45
N VAL A 1489 -23.77 -19.92 20.88
CA VAL A 1489 -22.92 -21.05 21.24
C VAL A 1489 -21.64 -20.57 21.91
N GLU A 1492 -16.53 -16.26 20.88
CA GLU A 1492 -15.52 -17.01 20.15
C GLU A 1492 -14.12 -16.56 20.50
N ARG A 1493 -13.25 -17.52 20.83
CA ARG A 1493 -11.87 -17.25 21.22
C ARG A 1493 -10.91 -18.13 20.44
N ASN A 1494 -11.19 -18.35 19.16
CA ASN A 1494 -10.31 -19.10 18.27
C ASN A 1494 -10.22 -18.40 16.92
N ILE A 1495 -10.03 -17.09 16.94
CA ILE A 1495 -10.08 -16.27 15.73
C ILE A 1495 -8.76 -16.41 14.98
N VAL A 1496 -8.85 -16.79 13.70
CA VAL A 1496 -7.71 -16.86 12.80
C VAL A 1496 -8.07 -16.14 11.50
N ARG A 1497 -7.14 -16.16 10.56
CA ARG A 1497 -7.33 -15.50 9.27
C ARG A 1497 -8.05 -16.42 8.29
N SER A 1498 -8.93 -15.84 7.47
CA SER A 1498 -9.61 -16.57 6.42
C SER A 1498 -9.62 -15.71 5.15
N ARG A 1499 -9.66 -16.35 3.99
CA ARG A 1499 -9.63 -15.68 2.71
C ARG A 1499 -10.81 -16.12 1.85
N ILE A 1500 -11.38 -15.19 1.10
CA ILE A 1500 -12.52 -15.46 0.23
C ILE A 1500 -12.23 -14.88 -1.14
N ASP A 1501 -12.34 -15.72 -2.16
CA ASP A 1501 -12.10 -15.29 -3.54
C ASP A 1501 -13.40 -14.95 -4.24
N CYS A 1511 -8.57 -15.35 -21.53
CA CYS A 1511 -7.73 -14.33 -20.90
C CYS A 1511 -8.50 -13.03 -20.72
N LYS A 1512 -7.99 -12.16 -19.86
CA LYS A 1512 -8.62 -10.87 -19.64
C LYS A 1512 -8.40 -9.93 -20.82
N ALA A 1513 -9.36 -9.02 -21.03
CA ALA A 1513 -9.51 -8.33 -22.29
C ALA A 1513 -8.36 -7.37 -22.61
N GLU A 1514 -7.66 -6.88 -21.59
CA GLU A 1514 -6.55 -5.94 -21.83
C GLU A 1514 -5.45 -6.59 -22.66
N ASP A 1515 -5.11 -7.84 -22.37
CA ASP A 1515 -4.11 -8.54 -23.16
C ASP A 1515 -4.66 -8.93 -24.53
N LEU A 1516 -5.92 -9.35 -24.58
CA LEU A 1516 -6.51 -9.85 -25.82
C LEU A 1516 -6.59 -8.75 -26.89
N VAL A 1517 -7.12 -7.58 -26.50
CA VAL A 1517 -7.27 -6.49 -27.46
C VAL A 1517 -5.91 -6.04 -27.97
N SER A 1518 -4.94 -5.92 -27.06
CA SER A 1518 -3.60 -5.48 -27.45
C SER A 1518 -2.94 -6.49 -28.38
N GLU A 1519 -3.08 -7.78 -28.10
CA GLU A 1519 -2.49 -8.80 -28.95
C GLU A 1519 -3.13 -8.82 -30.34
N VAL A 1520 -4.46 -8.69 -30.39
CA VAL A 1520 -5.13 -8.75 -31.69
C VAL A 1520 -4.83 -7.50 -32.51
N TRP A 1521 -4.80 -6.34 -31.86
CA TRP A 1521 -4.68 -5.09 -32.60
C TRP A 1521 -3.25 -4.69 -32.91
N PHE A 1522 -2.26 -5.15 -32.13
CA PHE A 1522 -0.89 -4.70 -32.31
C PHE A 1522 0.13 -5.84 -32.35
N GLY A 1523 -0.28 -7.08 -32.13
CA GLY A 1523 0.64 -8.20 -32.19
C GLY A 1523 1.69 -8.21 -31.11
N LEU A 1524 1.32 -7.85 -29.88
CA LEU A 1524 2.23 -7.88 -28.74
C LEU A 1524 1.90 -9.09 -27.88
N LYS A 1525 2.88 -9.96 -27.68
CA LYS A 1525 2.67 -11.22 -26.98
C LYS A 1525 2.35 -10.95 -25.51
N ARG A 1526 1.10 -11.19 -25.12
CA ARG A 1526 0.68 -10.99 -23.75
C ARG A 1526 -0.22 -12.10 -23.21
N THR A 1527 -0.61 -13.07 -24.02
CA THR A 1527 -1.52 -14.13 -23.59
C THR A 1527 -0.83 -15.48 -23.63
N LYS A 1528 -1.20 -16.35 -22.69
CA LYS A 1528 -0.81 -17.74 -22.68
C LYS A 1528 -1.52 -18.56 -23.76
N LEU A 1529 -2.74 -18.19 -24.12
CA LEU A 1529 -3.58 -18.98 -25.01
C LEU A 1529 -3.01 -19.02 -26.42
N GLY A 1530 -3.29 -20.13 -27.12
CA GLY A 1530 -2.88 -20.29 -28.49
C GLY A 1530 -3.84 -19.61 -29.45
N PRO A 1531 -3.56 -19.77 -30.76
CA PRO A 1531 -4.39 -19.10 -31.77
C PRO A 1531 -5.86 -19.52 -31.75
N ARG A 1532 -6.13 -20.79 -31.48
CA ARG A 1532 -7.52 -21.24 -31.44
C ARG A 1532 -8.28 -20.61 -30.28
N LEU A 1533 -7.70 -20.63 -29.09
CA LEU A 1533 -8.31 -19.97 -27.94
C LEU A 1533 -8.31 -18.46 -28.11
N LEU A 1534 -7.33 -17.92 -28.83
CA LEU A 1534 -7.34 -16.48 -29.13
C LEU A 1534 -8.55 -16.11 -29.97
N LYS A 1535 -8.81 -16.88 -31.03
CA LYS A 1535 -9.99 -16.63 -31.86
C LYS A 1535 -11.28 -16.85 -31.09
N GLU A 1536 -11.32 -17.88 -30.24
CA GLU A 1536 -12.52 -18.13 -29.43
C GLU A 1536 -12.80 -16.99 -28.47
N GLU A 1537 -11.76 -16.50 -27.79
CA GLU A 1537 -11.94 -15.41 -26.84
C GLU A 1537 -12.30 -14.10 -27.55
N TRP A 1538 -11.72 -13.86 -28.72
CA TRP A 1538 -12.11 -12.67 -29.48
C TRP A 1538 -13.53 -12.76 -29.97
N ASP A 1539 -13.99 -13.96 -30.35
CA ASP A 1539 -15.39 -14.13 -30.73
C ASP A 1539 -16.32 -13.90 -29.53
N LYS A 1540 -15.91 -14.35 -28.35
CA LYS A 1540 -16.71 -14.09 -27.15
C LYS A 1540 -16.75 -12.60 -26.83
N LEU A 1541 -15.62 -11.91 -27.00
CA LEU A 1541 -15.59 -10.46 -26.76
C LEU A 1541 -16.44 -9.72 -27.79
N ARG A 1542 -16.45 -10.19 -29.04
CA ARG A 1542 -17.34 -9.62 -30.06
C ARG A 1542 -18.79 -9.86 -29.71
N ALA A 1543 -19.11 -11.03 -29.15
CA ALA A 1543 -20.46 -11.29 -28.68
C ALA A 1543 -20.83 -10.39 -27.52
N SER A 1544 -19.86 -10.03 -26.68
CA SER A 1544 -20.12 -9.09 -25.59
C SER A 1544 -20.45 -7.70 -26.10
N PHE A 1545 -19.64 -7.18 -27.03
CA PHE A 1545 -19.85 -5.87 -27.63
C PHE A 1545 -19.74 -6.01 -29.14
N ALA A 1546 -20.85 -5.78 -29.84
CA ALA A 1546 -20.86 -5.96 -31.29
C ALA A 1546 -20.11 -4.87 -32.03
N TRP A 1547 -19.89 -3.70 -31.41
CA TRP A 1547 -19.20 -2.62 -32.08
C TRP A 1547 -17.70 -2.84 -32.20
N LEU A 1548 -17.17 -3.86 -31.54
CA LEU A 1548 -15.74 -4.17 -31.65
C LEU A 1548 -15.40 -4.65 -33.05
N SER A 1549 -14.18 -4.36 -33.48
CA SER A 1549 -13.71 -4.78 -34.79
C SER A 1549 -12.20 -4.95 -34.74
N THR A 1550 -11.67 -5.69 -35.72
CA THR A 1550 -10.23 -5.87 -35.80
C THR A 1550 -9.52 -4.56 -36.09
N ASP A 1551 -10.07 -3.76 -37.00
CA ASP A 1551 -9.47 -2.47 -37.29
C ASP A 1551 -9.69 -1.52 -36.12
N PRO A 1552 -8.63 -0.89 -35.59
CA PRO A 1552 -8.83 0.11 -34.54
C PRO A 1552 -9.67 1.30 -34.98
N SER A 1553 -9.53 1.71 -36.24
CA SER A 1553 -10.31 2.83 -36.75
C SER A 1553 -11.79 2.47 -36.85
N GLU A 1554 -12.10 1.21 -37.20
CA GLU A 1554 -13.49 0.78 -37.28
C GLU A 1554 -14.15 0.81 -35.91
N THR A 1555 -13.44 0.37 -34.87
CA THR A 1555 -14.00 0.42 -33.53
C THR A 1555 -14.11 1.85 -33.02
N LEU A 1556 -13.14 2.69 -33.38
CA LEU A 1556 -13.17 4.09 -32.95
C LEU A 1556 -14.32 4.86 -33.58
N ARG A 1557 -14.51 4.70 -34.89
CA ARG A 1557 -15.55 5.45 -35.59
C ARG A 1557 -16.94 4.92 -35.28
N ASP A 1558 -17.10 3.59 -35.27
CA ASP A 1558 -18.40 2.97 -35.05
C ASP A 1558 -18.63 2.62 -33.59
N GLY A 1559 -18.04 3.38 -32.66
CA GLY A 1559 -18.20 3.11 -31.25
C GLY A 1559 -18.67 4.32 -30.48
N PRO A 1560 -19.09 4.11 -29.23
CA PRO A 1560 -19.60 5.22 -28.42
C PRO A 1560 -18.51 6.09 -27.80
N PHE A 1561 -17.24 5.82 -28.07
CA PHE A 1561 -16.14 6.60 -27.55
C PHE A 1561 -15.55 7.44 -28.68
N LEU A 1562 -15.38 8.74 -28.42
CA LEU A 1562 -14.88 9.64 -29.45
C LEU A 1562 -13.40 9.42 -29.73
N SER A 1563 -12.60 9.27 -28.69
CA SER A 1563 -11.16 9.10 -28.81
C SER A 1563 -10.74 7.78 -28.16
N HIS A 1564 -9.47 7.43 -28.32
CA HIS A 1564 -8.97 6.14 -27.85
C HIS A 1564 -8.76 6.07 -26.34
N VAL A 1565 -8.63 7.21 -25.66
CA VAL A 1565 -8.36 7.19 -24.23
C VAL A 1565 -9.57 6.68 -23.46
N GLN A 1566 -10.77 7.07 -23.88
CA GLN A 1566 -11.98 6.55 -23.24
C GLN A 1566 -12.11 5.05 -23.46
N PHE A 1567 -11.73 4.57 -24.66
CA PHE A 1567 -11.76 3.15 -24.95
C PHE A 1567 -10.78 2.39 -24.05
N ARG A 1568 -9.58 2.98 -23.86
CA ARG A 1568 -8.58 2.36 -22.99
C ARG A 1568 -9.07 2.28 -21.55
N ASN A 1569 -9.66 3.37 -21.04
CA ASN A 1569 -10.21 3.32 -19.69
C ASN A 1569 -11.38 2.35 -19.60
N PHE A 1570 -12.14 2.19 -20.67
CA PHE A 1570 -13.21 1.20 -20.71
C PHE A 1570 -12.67 -0.21 -20.55
N ILE A 1571 -11.63 -0.54 -21.31
CA ILE A 1571 -11.04 -1.87 -21.22
C ILE A 1571 -10.38 -2.09 -19.87
N ALA A 1572 -9.76 -1.04 -19.31
CA ALA A 1572 -9.17 -1.14 -17.98
C ALA A 1572 -10.24 -1.38 -16.93
N HIS A 1573 -11.40 -0.74 -17.06
CA HIS A 1573 -12.50 -0.95 -16.14
C HIS A 1573 -13.20 -2.28 -16.34
N VAL A 1574 -13.07 -2.89 -17.52
CA VAL A 1574 -13.66 -4.22 -17.74
C VAL A 1574 -12.99 -5.25 -16.84
N ASP A 1575 -11.66 -5.20 -16.77
CA ASP A 1575 -10.92 -6.15 -15.95
C ASP A 1575 -10.66 -5.58 -14.56
N SER A 1578 -11.58 -8.85 -10.51
CA SER A 1578 -11.62 -9.87 -9.46
C SER A 1578 -11.54 -9.22 -8.08
N ARG A 1579 -12.47 -9.57 -7.21
CA ARG A 1579 -12.54 -9.04 -5.86
C ARG A 1579 -12.40 -10.18 -4.85
N SER A 1580 -11.41 -10.07 -3.97
CA SER A 1580 -11.19 -11.03 -2.91
C SER A 1580 -11.09 -10.30 -1.59
N VAL A 1581 -11.62 -10.90 -0.53
CA VAL A 1581 -11.71 -10.24 0.77
C VAL A 1581 -11.15 -11.17 1.86
N ARG A 1582 -10.37 -10.59 2.76
CA ARG A 1582 -9.81 -11.32 3.89
C ARG A 1582 -10.61 -10.99 5.15
N LEU A 1583 -10.93 -12.01 5.93
CA LEU A 1583 -11.73 -11.87 7.14
C LEU A 1583 -11.01 -12.55 8.30
N LEU A 1584 -11.58 -12.39 9.49
CA LEU A 1584 -11.12 -13.08 10.68
C LEU A 1584 -12.27 -13.88 11.27
N GLY A 1585 -12.00 -15.14 11.59
CA GLY A 1585 -13.02 -15.99 12.17
C GLY A 1585 -12.46 -17.34 12.50
N ALA A 1586 -13.34 -18.20 13.01
CA ALA A 1586 -12.96 -19.57 13.35
C ALA A 1586 -12.64 -20.35 12.07
N PRO A 1587 -11.71 -21.32 12.15
CA PRO A 1587 -11.37 -22.17 11.00
C PRO A 1587 -12.56 -22.99 10.50
N THR A 1595 -20.27 -23.56 -0.23
CA THR A 1595 -20.77 -23.56 1.13
C THR A 1595 -19.86 -22.76 2.04
N THR A 1596 -18.71 -22.35 1.51
CA THR A 1596 -17.77 -21.54 2.29
C THR A 1596 -18.35 -20.16 2.59
N ILE A 1597 -19.03 -19.56 1.61
CA ILE A 1597 -19.63 -18.25 1.80
C ILE A 1597 -20.72 -18.32 2.87
N SER A 1598 -21.57 -19.34 2.81
CA SER A 1598 -22.61 -19.49 3.82
C SER A 1598 -22.01 -19.72 5.19
N GLN A 1599 -20.93 -20.51 5.27
CA GLN A 1599 -20.29 -20.77 6.54
C GLN A 1599 -19.70 -19.49 7.15
N VAL A 1600 -19.01 -18.68 6.34
CA VAL A 1600 -18.39 -17.48 6.89
C VAL A 1600 -19.45 -16.42 7.24
N VAL A 1601 -20.55 -16.35 6.49
CA VAL A 1601 -21.63 -15.43 6.86
C VAL A 1601 -22.30 -15.88 8.14
N ARG A 1602 -22.53 -17.19 8.29
CA ARG A 1602 -23.18 -17.69 9.50
C ARG A 1602 -22.29 -17.52 10.73
N MET A 1603 -20.98 -17.68 10.59
CA MET A 1603 -20.08 -17.58 11.72
C MET A 1603 -19.66 -16.15 12.05
N ASN A 1604 -19.63 -15.25 11.08
CA ASN A 1604 -19.05 -13.92 11.28
C ASN A 1604 -20.09 -12.83 11.46
N PHE A 1605 -21.37 -13.17 11.64
CA PHE A 1605 -22.37 -12.14 11.87
C PHE A 1605 -22.20 -11.54 13.27
N PHE A 1606 -22.05 -12.39 14.28
CA PHE A 1606 -21.86 -11.95 15.65
C PHE A 1606 -21.04 -13.03 16.35
N PRO A 1607 -20.01 -12.66 17.10
CA PRO A 1607 -19.18 -13.67 17.78
C PRO A 1607 -20.00 -14.47 18.78
N GLY A 1608 -19.76 -15.77 18.81
CA GLY A 1608 -20.49 -16.65 19.71
C GLY A 1608 -21.92 -16.91 19.31
N PHE A 1609 -22.33 -16.52 18.11
CA PHE A 1609 -23.71 -16.64 17.67
C PHE A 1609 -23.74 -17.22 16.26
N SER A 1610 -24.59 -18.22 16.06
CA SER A 1610 -24.78 -18.86 14.77
C SER A 1610 -26.16 -18.54 14.23
N LEU A 1611 -26.22 -18.17 12.96
CA LEU A 1611 -27.43 -17.71 12.29
C LEU A 1611 -28.02 -18.86 11.48
N GLU A 1612 -29.05 -19.50 12.03
CA GLU A 1612 -29.77 -20.62 11.39
C GLU A 1612 -28.84 -21.76 11.00
N LYS A 1668 -6.40 -29.73 -1.43
CA LYS A 1668 -7.17 -30.94 -1.67
C LYS A 1668 -8.42 -30.98 -0.79
N SER A 1669 -9.59 -31.00 -1.42
CA SER A 1669 -10.86 -31.05 -0.71
C SER A 1669 -11.74 -32.11 -1.36
N ARG A 1670 -12.18 -33.08 -0.56
CA ARG A 1670 -13.03 -34.15 -1.09
C ARG A 1670 -14.43 -33.64 -1.42
N THR A 1671 -14.95 -32.69 -0.64
CA THR A 1671 -16.29 -32.17 -0.90
C THR A 1671 -16.35 -31.45 -2.24
N MET A 1672 -15.31 -30.69 -2.57
CA MET A 1672 -15.23 -30.06 -3.89
C MET A 1672 -15.14 -31.10 -4.99
N THR A 1673 -14.45 -32.22 -4.71
CA THR A 1673 -14.37 -33.29 -5.70
C THR A 1673 -15.74 -33.92 -5.97
N LEU A 1674 -16.51 -34.17 -4.91
CA LEU A 1674 -17.86 -34.69 -5.10
C LEU A 1674 -18.76 -33.68 -5.80
N CYS A 1675 -18.58 -32.39 -5.50
CA CYS A 1675 -19.36 -31.37 -6.22
C CYS A 1675 -19.02 -31.35 -7.70
N LEU A 1676 -17.73 -31.47 -8.03
CA LEU A 1676 -17.33 -31.51 -9.43
C LEU A 1676 -17.86 -32.76 -10.13
N LEU A 1677 -17.85 -33.89 -9.42
CA LEU A 1677 -18.40 -35.13 -9.98
C LEU A 1677 -19.90 -35.01 -10.23
N SER A 1678 -20.62 -34.40 -9.29
CA SER A 1678 -22.06 -34.19 -9.48
C SER A 1678 -22.33 -33.24 -10.65
N ASN A 1679 -21.50 -32.21 -10.80
CA ASN A 1679 -21.63 -31.32 -11.95
C ASN A 1679 -21.34 -32.05 -13.26
N TYR A 1680 -20.38 -32.97 -13.24
CA TYR A 1680 -20.04 -33.72 -14.45
C TYR A 1680 -21.18 -34.67 -14.85
N LEU A 1681 -21.75 -35.38 -13.88
CA LEU A 1681 -22.88 -36.27 -14.20
C LEU A 1681 -24.15 -35.49 -14.54
N SER A 1682 -24.34 -34.31 -13.96
CA SER A 1682 -25.56 -33.55 -14.20
C SER A 1682 -25.46 -32.58 -15.37
N SER A 1683 -24.24 -32.16 -15.73
CA SER A 1683 -24.00 -31.24 -16.84
C SER A 1683 -24.78 -29.93 -16.67
N ARG A 1684 -24.70 -29.37 -15.46
CA ARG A 1684 -25.39 -28.11 -15.18
C ARG A 1684 -24.79 -26.96 -15.96
N GLY A 1685 -23.47 -26.88 -16.02
CA GLY A 1685 -22.75 -25.82 -16.68
C GLY A 1685 -22.27 -26.21 -18.07
N GLY A 1686 -21.18 -25.58 -18.49
CA GLY A 1686 -20.60 -25.86 -19.79
C GLY A 1686 -19.58 -26.98 -19.76
N SER A 1687 -18.35 -26.67 -20.16
CA SER A 1687 -17.29 -27.67 -20.15
C SER A 1687 -16.90 -28.00 -18.72
N ILE A 1688 -16.82 -29.31 -18.41
CA ILE A 1688 -16.48 -29.71 -17.06
C ILE A 1688 -14.99 -29.49 -16.79
N LEU A 1689 -14.16 -29.50 -17.83
CA LEU A 1689 -12.74 -29.23 -17.65
C LEU A 1689 -12.51 -27.77 -17.22
N ASP A 1690 -13.22 -26.84 -17.87
CA ASP A 1690 -13.11 -25.44 -17.47
C ASP A 1690 -13.70 -25.21 -16.08
N GLN A 1691 -14.76 -25.94 -15.73
CA GLN A 1691 -15.32 -25.82 -14.38
C GLN A 1691 -14.33 -26.33 -13.33
N ILE A 1692 -13.62 -27.42 -13.64
CA ILE A 1692 -12.60 -27.93 -12.74
C ILE A 1692 -11.45 -26.93 -12.60
N GLU A 1693 -11.00 -26.36 -13.72
CA GLU A 1693 -9.90 -25.40 -13.68
C GLU A 1693 -10.27 -24.13 -12.91
N ARG A 1694 -11.50 -23.64 -13.09
CA ARG A 1694 -11.95 -22.45 -12.37
C ARG A 1694 -12.19 -22.74 -10.89
N ALA A 1695 -12.33 -24.01 -10.51
CA ALA A 1695 -12.54 -24.37 -9.12
C ALA A 1695 -11.24 -24.53 -8.34
N GLN A 1696 -10.09 -24.27 -8.97
CA GLN A 1696 -8.77 -24.40 -8.37
C GLN A 1696 -8.55 -25.84 -7.89
N SER A 1697 -8.48 -26.75 -8.87
CA SER A 1697 -8.18 -28.15 -8.63
C SER A 1697 -6.97 -28.61 -9.40
N GLY A 1698 -6.82 -28.19 -10.64
CA GLY A 1698 -5.66 -28.51 -11.44
C GLY A 1698 -5.84 -29.77 -12.28
N THR A 1699 -4.70 -30.34 -12.66
CA THR A 1699 -4.60 -31.56 -13.46
C THR A 1699 -5.35 -31.40 -14.79
N LEU A 1700 -4.85 -30.46 -15.59
CA LEU A 1700 -5.41 -30.20 -16.92
C LEU A 1700 -4.26 -29.88 -17.86
N GLY A 1701 -4.10 -30.71 -18.89
CA GLY A 1701 -3.02 -30.51 -19.84
C GLY A 1701 -2.91 -31.70 -20.77
N GLY A 1702 -1.76 -31.82 -21.41
CA GLY A 1702 -1.55 -32.92 -22.33
C GLY A 1702 -0.17 -32.85 -22.97
N PHE A 1703 0.04 -33.76 -23.91
CA PHE A 1703 1.29 -33.82 -24.63
C PHE A 1703 1.38 -32.72 -25.69
N SER A 1704 2.59 -32.48 -26.16
CA SER A 1704 2.81 -31.73 -27.38
C SER A 1704 3.74 -32.44 -28.36
N LYS A 1705 4.60 -33.34 -27.88
CA LYS A 1705 5.29 -34.30 -28.74
C LYS A 1705 4.69 -35.67 -28.47
N PRO A 1706 3.91 -36.23 -29.39
CA PRO A 1706 3.09 -37.39 -29.03
C PRO A 1706 3.81 -38.74 -29.12
N GLN A 1707 5.06 -38.81 -28.66
CA GLN A 1707 5.82 -40.07 -28.54
C GLN A 1707 5.74 -40.95 -29.77
N LYS A 1708 6.36 -40.50 -30.88
CA LYS A 1708 6.21 -41.07 -32.22
C LYS A 1708 6.18 -42.60 -32.24
N THR A 1709 5.15 -43.14 -32.91
CA THR A 1709 4.89 -44.57 -32.94
C THR A 1709 5.06 -45.07 -34.38
N PHE A 1710 6.05 -45.94 -34.59
CA PHE A 1710 6.29 -46.50 -35.92
C PHE A 1710 5.65 -47.89 -36.09
N VAL A 1711 6.05 -48.86 -35.28
CA VAL A 1711 5.60 -50.24 -35.43
C VAL A 1711 5.24 -50.82 -34.06
N ARG A 1712 4.41 -51.86 -34.09
CA ARG A 1712 3.96 -52.52 -32.87
C ARG A 1712 5.08 -53.11 -31.99
N PRO A 1713 6.19 -53.74 -32.53
CA PRO A 1713 7.23 -54.31 -31.65
C PRO A 1713 7.76 -53.43 -30.51
N GLY A 1714 7.56 -52.13 -30.57
CA GLY A 1714 7.99 -51.26 -29.50
C GLY A 1714 7.19 -51.47 -28.21
N GLY A 1715 7.69 -50.88 -27.14
CA GLY A 1715 7.06 -51.00 -25.84
C GLY A 1715 5.81 -50.16 -25.71
N GLY A 1716 4.75 -50.57 -26.39
CA GLY A 1716 3.56 -49.75 -26.54
C GLY A 1716 3.57 -49.10 -27.91
N VAL A 1717 3.96 -49.88 -28.92
CA VAL A 1717 4.14 -49.46 -30.31
C VAL A 1717 5.23 -48.40 -30.38
N GLY A 1718 4.96 -47.20 -29.87
CA GLY A 1718 5.96 -46.16 -29.87
C GLY A 1718 6.67 -46.01 -28.54
N TYR A 1719 6.40 -44.91 -27.83
CA TYR A 1719 6.97 -44.63 -26.51
C TYR A 1719 8.50 -44.62 -26.56
N LYS A 1720 9.06 -44.02 -27.61
CA LYS A 1720 10.50 -44.04 -27.82
C LYS A 1720 10.97 -42.70 -28.39
N GLY A 1721 11.98 -42.12 -27.74
CA GLY A 1721 12.77 -41.06 -28.32
C GLY A 1721 12.73 -39.71 -27.62
N LYS A 1722 11.53 -39.24 -27.26
CA LYS A 1722 11.33 -37.95 -26.61
C LYS A 1722 9.87 -37.86 -26.18
N GLY A 1723 9.48 -36.69 -25.67
CA GLY A 1723 8.11 -36.45 -25.27
C GLY A 1723 8.00 -35.51 -24.08
N VAL A 1724 7.05 -34.58 -24.12
CA VAL A 1724 6.81 -33.63 -23.04
C VAL A 1724 5.32 -33.55 -22.76
N TRP A 1725 4.98 -33.48 -21.47
CA TRP A 1725 3.60 -33.31 -21.01
C TRP A 1725 3.54 -31.96 -20.32
N THR A 1726 2.80 -31.02 -20.91
CA THR A 1726 2.64 -29.67 -20.38
C THR A 1726 1.21 -29.51 -19.88
N GLY A 1727 1.07 -28.91 -18.70
CA GLY A 1727 -0.24 -28.73 -18.12
C GLY A 1727 -0.16 -27.95 -16.83
N VAL A 1728 -1.32 -27.83 -16.18
CA VAL A 1728 -1.49 -27.07 -14.96
C VAL A 1728 -2.08 -27.99 -13.90
N MET A 1729 -1.39 -28.08 -12.76
CA MET A 1729 -1.96 -28.67 -11.55
C MET A 1729 -1.49 -27.86 -10.35
N GLU A 1730 -2.44 -27.50 -9.49
CA GLU A 1730 -2.18 -26.65 -8.32
C GLU A 1730 -1.51 -25.34 -8.72
N ASP A 1731 -1.97 -24.76 -9.84
CA ASP A 1731 -1.47 -23.50 -10.38
C ASP A 1731 0.04 -23.55 -10.64
N THR A 1732 0.47 -24.57 -11.38
CA THR A 1732 1.86 -24.76 -11.73
C THR A 1732 1.98 -25.05 -13.22
N HIS A 1733 3.18 -24.81 -13.76
CA HIS A 1733 3.48 -25.12 -15.17
C HIS A 1733 4.24 -26.44 -15.21
N VAL A 1734 3.49 -27.53 -15.06
CA VAL A 1734 4.09 -28.86 -15.03
C VAL A 1734 4.44 -29.27 -16.46
N GLN A 1735 5.72 -29.49 -16.71
CA GLN A 1735 6.25 -29.74 -18.05
C GLN A 1735 7.13 -31.00 -18.03
N ILE A 1736 6.54 -32.10 -17.56
CA ILE A 1736 7.29 -33.34 -17.36
C ILE A 1736 7.84 -33.85 -18.69
N LEU A 1737 9.16 -33.93 -18.80
CA LEU A 1737 9.79 -34.56 -19.94
C LEU A 1737 9.78 -36.07 -19.77
N ILE A 1738 9.46 -36.78 -20.84
CA ILE A 1738 9.36 -38.24 -20.83
C ILE A 1738 10.18 -38.78 -21.99
N ASP A 1739 10.77 -39.97 -21.81
CA ASP A 1739 11.59 -40.56 -22.86
C ASP A 1739 11.63 -42.07 -22.65
N GLY A 1740 11.59 -42.81 -23.76
CA GLY A 1740 11.66 -44.25 -23.71
C GLY A 1740 12.72 -44.78 -24.66
N ASP A 1741 13.09 -46.04 -24.44
CA ASP A 1741 14.07 -46.73 -25.26
C ASP A 1741 13.47 -47.91 -26.02
N GLY A 1742 12.15 -48.08 -25.97
CA GLY A 1742 11.48 -49.20 -26.60
C GLY A 1742 11.19 -50.35 -25.65
N THR A 1743 11.87 -50.42 -24.51
CA THR A 1743 11.61 -51.43 -23.50
C THR A 1743 11.14 -50.85 -22.18
N SER A 1744 11.40 -49.58 -21.91
CA SER A 1744 10.97 -48.94 -20.66
C SER A 1744 10.78 -47.46 -20.92
N ASN A 1745 10.03 -46.82 -20.03
CA ASN A 1745 9.75 -45.38 -20.10
C ASN A 1745 10.21 -44.72 -18.81
N TRP A 1746 10.81 -43.54 -18.93
CA TRP A 1746 11.34 -42.85 -17.77
C TRP A 1746 11.27 -41.36 -17.98
N LEU A 1747 11.03 -40.63 -16.89
CA LEU A 1747 11.05 -39.18 -16.92
C LEU A 1747 12.49 -38.67 -17.03
N GLU A 1748 12.64 -37.49 -17.64
CA GLU A 1748 13.94 -36.90 -17.85
C GLU A 1748 14.15 -35.62 -17.06
N GLU A 1749 13.21 -34.68 -17.14
CA GLU A 1749 13.34 -33.41 -16.45
C GLU A 1749 11.94 -32.90 -16.12
N ILE A 1750 11.81 -32.30 -14.94
CA ILE A 1750 10.51 -31.87 -14.42
C ILE A 1750 10.60 -30.42 -13.97
N ARG A 1751 9.60 -29.63 -14.34
CA ARG A 1751 9.58 -28.19 -14.09
C ARG A 1751 8.28 -27.81 -13.39
N LEU A 1752 8.41 -27.01 -12.34
CA LEU A 1752 7.29 -26.58 -11.52
C LEU A 1752 7.30 -25.07 -11.41
N SER A 1753 6.12 -24.48 -11.20
CA SER A 1753 5.99 -23.02 -11.10
C SER A 1753 5.76 -22.55 -9.68
N SER A 1754 4.83 -23.17 -8.95
CA SER A 1754 4.51 -22.80 -7.59
C SER A 1754 4.93 -23.93 -6.65
N ASP A 1755 5.77 -23.60 -5.66
CA ASP A 1755 6.30 -24.56 -4.70
C ASP A 1755 5.56 -24.50 -3.37
N ALA A 1756 4.24 -24.29 -3.41
CA ALA A 1756 3.46 -24.16 -2.18
C ALA A 1756 3.42 -25.47 -1.41
N ARG A 1757 2.91 -26.53 -2.03
CA ARG A 1757 2.80 -27.85 -1.40
C ARG A 1757 3.51 -28.85 -2.30
N LEU A 1758 4.80 -29.06 -2.04
CA LEU A 1758 5.59 -29.99 -2.86
C LEU A 1758 5.11 -31.42 -2.70
N TYR A 1759 4.78 -31.83 -1.47
CA TYR A 1759 4.46 -33.23 -1.21
C TYR A 1759 3.18 -33.68 -1.90
N ASP A 1760 2.13 -32.85 -1.85
CA ASP A 1760 0.88 -33.18 -2.51
C ASP A 1760 1.04 -33.18 -4.03
N VAL A 1761 1.85 -32.25 -4.56
CA VAL A 1761 2.13 -32.22 -5.98
C VAL A 1761 2.87 -33.50 -6.40
N ILE A 1762 3.83 -33.94 -5.59
CA ILE A 1762 4.57 -35.16 -5.89
CA ILE A 1762 4.57 -35.16 -5.89
C ILE A 1762 3.63 -36.37 -5.86
N GLU A 1763 2.73 -36.42 -4.87
CA GLU A 1763 1.78 -37.51 -4.77
C GLU A 1763 0.86 -37.56 -5.98
N SER A 1764 0.35 -36.40 -6.41
CA SER A 1764 -0.50 -36.34 -7.59
C SER A 1764 0.26 -36.73 -8.86
N ILE A 1765 1.53 -36.31 -8.96
CA ILE A 1765 2.34 -36.65 -10.12
C ILE A 1765 2.59 -38.16 -10.18
N ARG A 1766 2.88 -38.77 -9.03
CA ARG A 1766 3.09 -40.21 -8.99
C ARG A 1766 1.81 -40.96 -9.31
N ARG A 1767 0.66 -40.47 -8.82
CA ARG A 1767 -0.61 -41.11 -9.12
C ARG A 1767 -0.94 -41.01 -10.61
N LEU A 1768 -0.61 -39.88 -11.24
CA LEU A 1768 -0.75 -39.78 -12.69
C LEU A 1768 0.23 -40.71 -13.41
N CYS A 1769 1.43 -40.87 -12.85
CA CYS A 1769 2.48 -41.63 -13.51
C CYS A 1769 2.17 -43.12 -13.54
N ASP A 1770 1.76 -43.68 -12.39
CA ASP A 1770 1.51 -45.12 -12.34
CA ASP A 1770 1.51 -45.12 -12.34
C ASP A 1770 0.30 -45.54 -13.16
N ASP A 1771 -0.62 -44.61 -13.44
CA ASP A 1771 -1.75 -44.93 -14.30
C ASP A 1771 -1.29 -45.18 -15.73
N LEU A 1772 -0.32 -44.40 -16.20
CA LEU A 1772 0.28 -44.62 -17.52
C LEU A 1772 1.46 -45.58 -17.44
N GLY A 1773 2.21 -45.53 -16.34
CA GLY A 1773 3.36 -46.40 -16.13
C GLY A 1773 4.66 -45.68 -16.38
N ILE A 1774 5.27 -45.16 -15.32
CA ILE A 1774 6.49 -44.38 -15.39
C ILE A 1774 7.47 -44.91 -14.34
N ASN A 1775 8.73 -45.05 -14.72
CA ASN A 1775 9.79 -45.46 -13.81
C ASN A 1775 10.79 -44.33 -13.65
N ASN A 1776 11.25 -44.12 -12.42
CA ASN A 1776 12.27 -43.10 -12.12
C ASN A 1776 13.63 -43.72 -11.87
N ARG A 1777 13.90 -44.88 -12.45
CA ARG A 1777 15.18 -45.55 -12.21
C ARG A 1777 16.33 -44.81 -12.91
N VAL A 1778 16.13 -44.44 -14.18
CA VAL A 1778 17.12 -43.66 -14.90
C VAL A 1778 17.11 -42.25 -14.32
N ALA A 1779 18.27 -41.79 -13.83
CA ALA A 1779 18.28 -40.58 -13.01
C ALA A 1779 18.13 -39.31 -13.85
N SER A 1780 19.14 -39.00 -14.67
CA SER A 1780 19.19 -37.76 -15.44
C SER A 1780 20.48 -37.76 -16.26
N ALA A 1781 20.59 -36.74 -17.11
CA ALA A 1781 21.84 -36.40 -17.77
C ALA A 1781 22.18 -34.92 -17.60
N TYR A 1782 21.49 -34.22 -16.69
CA TYR A 1782 21.65 -32.79 -16.51
C TYR A 1782 22.18 -32.54 -15.10
N ARG A 1783 23.31 -31.82 -15.02
CA ARG A 1783 23.92 -31.46 -13.74
C ARG A 1783 24.08 -29.95 -13.59
N GLY A 1784 23.28 -29.17 -14.31
CA GLY A 1784 23.40 -27.72 -14.27
C GLY A 1784 22.69 -27.09 -13.08
N HIS A 1785 22.05 -25.95 -13.32
CA HIS A 1785 21.31 -25.27 -12.26
C HIS A 1785 20.10 -26.09 -11.84
N CYS A 1786 19.88 -26.19 -10.53
CA CYS A 1786 18.83 -27.03 -9.99
C CYS A 1786 18.52 -26.57 -8.58
N MET A 1787 17.23 -26.56 -8.21
CA MET A 1787 16.86 -26.14 -6.87
C MET A 1787 16.56 -27.32 -5.95
N VAL A 1788 15.87 -28.34 -6.45
CA VAL A 1788 15.71 -29.62 -5.74
C VAL A 1788 15.91 -30.74 -6.75
N ARG A 1789 16.68 -31.76 -6.36
CA ARG A 1789 16.87 -32.95 -7.16
C ARG A 1789 16.00 -34.08 -6.59
N LEU A 1790 15.23 -34.72 -7.46
CA LEU A 1790 14.18 -35.65 -7.07
C LEU A 1790 14.54 -37.06 -7.51
N SER A 1791 14.79 -37.94 -6.55
CA SER A 1791 14.98 -39.35 -6.85
C SER A 1791 13.61 -40.01 -7.04
N GLY A 1792 13.58 -41.34 -7.06
CA GLY A 1792 12.32 -42.04 -7.28
C GLY A 1792 11.31 -41.83 -6.17
N PHE A 1793 10.31 -40.98 -6.45
CA PHE A 1793 9.17 -40.73 -5.57
C PHE A 1793 9.59 -40.28 -4.17
N LYS A 1794 10.70 -39.55 -4.06
CA LYS A 1794 11.16 -39.09 -2.76
C LYS A 1794 12.10 -37.90 -2.96
N ILE A 1795 12.01 -36.94 -2.05
CA ILE A 1795 12.81 -35.73 -2.10
C ILE A 1795 14.22 -36.03 -1.61
N LYS A 1796 15.22 -35.63 -2.40
CA LYS A 1796 16.62 -35.79 -2.05
C LYS A 1796 17.32 -34.43 -2.10
N PRO A 1797 18.51 -34.28 -1.49
CA PRO A 1797 19.26 -33.04 -1.64
C PRO A 1797 19.59 -32.74 -3.09
N ALA A 1798 19.68 -31.45 -3.41
CA ALA A 1798 19.68 -30.98 -4.78
C ALA A 1798 20.91 -31.39 -5.58
N SER A 1799 22.00 -31.79 -4.92
CA SER A 1799 23.21 -32.11 -5.68
C SER A 1799 23.95 -33.32 -5.15
N ARG A 1800 23.34 -34.12 -4.27
CA ARG A 1800 24.03 -35.27 -3.70
C ARG A 1800 24.35 -36.33 -4.75
N THR A 1801 23.33 -37.00 -5.27
CA THR A 1801 23.48 -38.10 -6.22
C THR A 1801 22.19 -38.26 -7.00
N ASP A 1802 22.34 -38.86 -8.19
CA ASP A 1802 21.24 -39.27 -9.09
CA ASP A 1802 21.24 -39.27 -9.09
C ASP A 1802 20.13 -38.24 -9.18
N GLY A 1803 18.88 -38.71 -9.28
CA GLY A 1803 17.73 -37.83 -9.28
C GLY A 1803 17.52 -37.10 -10.59
N CYS A 1804 16.47 -36.27 -10.60
CA CYS A 1804 16.08 -35.45 -11.73
C CYS A 1804 15.95 -34.00 -11.27
N PRO A 1805 16.31 -33.04 -12.12
CA PRO A 1805 16.32 -31.64 -11.68
C PRO A 1805 14.95 -30.97 -11.64
N VAL A 1806 14.23 -31.06 -10.51
CA VAL A 1806 13.04 -30.26 -10.34
C VAL A 1806 13.43 -28.80 -10.46
N ARG A 1807 12.94 -28.12 -11.50
CA ARG A 1807 13.37 -26.76 -11.78
C ARG A 1807 12.19 -25.80 -11.68
N ILE A 1808 12.42 -24.67 -11.01
CA ILE A 1808 11.43 -23.60 -10.89
C ILE A 1808 11.87 -22.44 -11.77
N MET A 1809 10.90 -21.77 -12.37
CA MET A 1809 11.18 -20.65 -13.28
C MET A 1809 10.81 -19.33 -12.65
N PRO A 1821 -8.22 -27.81 -24.22
CA PRO A 1821 -8.92 -26.94 -25.18
C PRO A 1821 -9.84 -27.73 -26.12
N ASP A 1822 -10.12 -28.99 -25.78
CA ASP A 1822 -10.98 -29.83 -26.60
C ASP A 1822 -11.53 -30.95 -25.74
N GLU A 1823 -12.83 -31.22 -25.89
CA GLU A 1823 -13.51 -32.28 -25.15
C GLU A 1823 -14.26 -33.14 -26.16
N VAL A 1824 -13.79 -34.37 -26.38
CA VAL A 1824 -14.42 -35.23 -27.38
C VAL A 1824 -14.89 -36.55 -26.77
N LYS A 1825 -14.22 -37.03 -25.74
CA LYS A 1825 -14.52 -38.36 -25.19
C LYS A 1825 -14.14 -38.40 -23.71
N MET A 1826 -15.15 -38.31 -22.83
CA MET A 1826 -14.97 -38.48 -21.40
C MET A 1826 -15.62 -39.77 -20.91
N ARG A 1827 -15.39 -40.88 -21.61
CA ARG A 1827 -16.00 -42.15 -21.24
C ARG A 1827 -15.43 -42.66 -19.92
N VAL A 1828 -15.97 -43.80 -19.46
CA VAL A 1828 -15.65 -44.36 -18.15
C VAL A 1828 -15.29 -45.83 -18.32
N ARG A 1829 -14.45 -46.34 -17.42
CA ARG A 1829 -14.10 -47.75 -17.38
C ARG A 1829 -15.05 -48.51 -16.47
N GLY A 1830 -14.70 -49.76 -16.15
CA GLY A 1830 -15.52 -50.61 -15.29
C GLY A 1830 -14.84 -50.84 -13.95
N ASP A 1831 -15.67 -50.96 -12.91
CA ASP A 1831 -15.31 -51.30 -11.53
C ASP A 1831 -14.56 -50.16 -10.83
N ILE A 1832 -14.19 -49.13 -11.56
CA ILE A 1832 -13.58 -47.92 -11.01
C ILE A 1832 -14.16 -46.72 -11.76
N LEU A 1833 -14.39 -45.63 -11.03
CA LEU A 1833 -14.84 -44.40 -11.67
C LEU A 1833 -13.68 -43.79 -12.45
N ASN A 1834 -13.95 -43.39 -13.69
CA ASN A 1834 -12.89 -42.95 -14.59
C ASN A 1834 -13.35 -41.76 -15.41
N LEU A 1835 -12.42 -40.87 -15.72
CA LEU A 1835 -12.63 -39.74 -16.62
C LEU A 1835 -11.58 -39.85 -17.72
N SER A 1836 -12.00 -40.23 -18.92
CA SER A 1836 -11.07 -40.44 -20.03
C SER A 1836 -10.58 -39.08 -20.53
N VAL A 1837 -9.30 -38.80 -20.26
CA VAL A 1837 -8.69 -37.54 -20.66
C VAL A 1837 -7.51 -37.96 -21.53
N THR A 1838 -7.69 -39.04 -22.29
CA THR A 1838 -6.67 -39.54 -23.21
C THR A 1838 -6.29 -38.47 -24.22
N ILE A 1839 -5.04 -38.00 -24.16
CA ILE A 1839 -4.64 -36.86 -24.96
C ILE A 1839 -4.22 -37.29 -26.36
N GLN A 1840 -3.15 -38.08 -26.45
CA GLN A 1840 -2.62 -38.46 -27.75
C GLN A 1840 -2.15 -39.91 -27.84
N GLU A 1841 -2.40 -40.73 -26.83
CA GLU A 1841 -2.04 -42.14 -26.89
C GLU A 1841 -3.05 -42.94 -26.09
N GLY A 1842 -3.13 -44.24 -26.39
CA GLY A 1842 -4.15 -45.09 -25.82
C GLY A 1842 -3.95 -45.47 -24.37
N ARG A 1843 -3.80 -44.48 -23.50
CA ARG A 1843 -3.74 -44.69 -22.06
C ARG A 1843 -4.50 -43.57 -21.37
N VAL A 1844 -5.29 -43.93 -20.37
CA VAL A 1844 -6.22 -43.01 -19.71
C VAL A 1844 -5.54 -42.37 -18.51
N MET A 1845 -5.66 -41.05 -18.40
CA MET A 1845 -5.17 -40.31 -17.25
C MET A 1845 -6.34 -39.83 -16.41
N ASN A 1846 -6.16 -39.81 -15.09
CA ASN A 1846 -7.21 -39.47 -14.15
C ASN A 1846 -7.01 -38.05 -13.61
N ILE A 1847 -8.11 -37.33 -13.46
CA ILE A 1847 -8.05 -35.98 -12.89
C ILE A 1847 -8.33 -36.06 -11.40
N LEU A 1848 -9.57 -36.43 -11.05
CA LEU A 1848 -9.98 -36.61 -9.67
C LEU A 1848 -10.95 -37.78 -9.53
N SER A 1849 -10.78 -38.82 -10.35
CA SER A 1849 -11.81 -39.84 -10.49
C SER A 1849 -11.86 -40.78 -9.28
N TYR A 1850 -10.76 -41.50 -9.05
CA TYR A 1850 -10.58 -42.52 -8.00
C TYR A 1850 -11.73 -43.52 -7.95
N ARG A 1851 -11.89 -44.19 -6.80
CA ARG A 1851 -12.97 -45.15 -6.61
C ARG A 1851 -14.30 -44.45 -6.41
#